data_7W7P
#
_entry.id   7W7P
#
_cell.length_a   1.00
_cell.length_b   1.00
_cell.length_c   1.00
_cell.angle_alpha   90.00
_cell.angle_beta   90.00
_cell.angle_gamma   90.00
#
_symmetry.space_group_name_H-M   'P 1'
#
loop_
_entity.id
_entity.type
_entity.pdbx_description
1 polymer 'DNA helicase MCM9'
2 polymer 'DNA helicase MCM8'
#
loop_
_entity_poly.entity_id
_entity_poly.type
_entity_poly.pdbx_seq_one_letter_code
_entity_poly.pdbx_strand_id
1 'polypeptide(L)'
;MALRADQVSLIGQVFESYLLQHHRDDILGILRQGDDEAHYPVLVDALTLFETNMEIGEYFNAFPSQVLPIFDGALRRAAM
AVLQAATPSPELRMKPNLHARISGLPICPELTREHIPKTRDVGHFLSVTGTVIRTSLVKVLEFERSYICNKCKHVFVAKA
DFEQYYAFCRPSACLNEEGCNSTKFTCLSGTSSSPSSCRDYQEIKIQEQVQRLSVGSIPRCMVVVLEDDLVDSCKSGDDI
TVYGVVMQRWKPFHQDARCDLELVLKANYVKVN
;
A,C,E
2 'polypeptide(L)'
;ASSRLVQSTLDQFIPYKGWKLYFSEAYADKSPFVQKTQAFEKFFMQRIELYDKDEIERKGSILVDYKELIEDRELTKSIP
NISTELRDMPQKILQCMGLAIHQVLTKDLERHAAELQVQEGLPLDGEPIINVPLIHARLYNYEPLTQLKNVRANCYGKYI
ALRGTVVRVSNIKPLCTKLAFVCGTCGDVQSVPLPDGKYTLPTKCLVPECRGRSFTPDRSSPLTATVDWQSVKVQELMSD
DQREAGRIPRTIECELVQDLVDSCVPGDVVTITGVVKVSSTEEGASKNKNDKCVFLLYIEANSVSNSK
;
B,D,F
#
# COMPACT_ATOMS: atom_id res chain seq x y z
N ALA A 2 28.22 26.34 18.05
CA ALA A 2 28.58 27.75 18.19
C ALA A 2 29.87 28.05 17.42
N LEU A 3 29.72 28.52 16.18
CA LEU A 3 30.87 28.83 15.36
C LEU A 3 31.39 30.23 15.66
N ARG A 4 32.72 30.36 15.72
CA ARG A 4 33.33 31.66 15.92
C ARG A 4 33.31 32.44 14.62
N ALA A 5 32.91 33.72 14.70
CA ALA A 5 32.83 34.55 13.50
C ALA A 5 34.23 34.92 13.00
N ASP A 6 35.21 35.00 13.91
CA ASP A 6 36.55 35.41 13.53
C ASP A 6 37.18 34.44 12.53
N GLN A 7 37.11 33.14 12.82
CA GLN A 7 37.70 32.15 11.92
C GLN A 7 36.98 32.11 10.58
N VAL A 8 35.65 32.23 10.60
CA VAL A 8 34.89 32.28 9.35
C VAL A 8 35.33 33.46 8.50
N SER A 9 35.46 34.64 9.12
CA SER A 9 35.88 35.82 8.39
C SER A 9 37.29 35.65 7.84
N LEU A 10 38.20 35.06 8.64
CA LEU A 10 39.56 34.85 8.17
C LEU A 10 39.59 33.93 6.96
N ILE A 11 38.88 32.80 7.04
CA ILE A 11 38.85 31.87 5.92
C ILE A 11 38.30 32.55 4.68
N GLY A 12 37.17 33.25 4.84
CA GLY A 12 36.55 33.89 3.69
C GLY A 12 37.45 34.93 3.04
N GLN A 13 38.06 35.80 3.86
CA GLN A 13 38.89 36.87 3.31
C GLN A 13 40.14 36.30 2.63
N VAL A 14 40.79 35.31 3.24
CA VAL A 14 42.00 34.76 2.64
C VAL A 14 41.66 34.04 1.35
N PHE A 15 40.57 33.25 1.35
CA PHE A 15 40.21 32.52 0.14
C PHE A 15 39.82 33.46 -0.98
N GLU A 16 39.06 34.52 -0.67
CA GLU A 16 38.65 35.47 -1.71
C GLU A 16 39.85 36.23 -2.25
N SER A 17 40.79 36.62 -1.38
CA SER A 17 41.99 37.29 -1.86
C SER A 17 42.81 36.39 -2.77
N TYR A 18 42.98 35.12 -2.37
CA TYR A 18 43.66 34.15 -3.23
C TYR A 18 42.99 34.03 -4.59
N LEU A 19 41.68 33.84 -4.60
CA LEU A 19 40.98 33.60 -5.85
C LEU A 19 40.99 34.85 -6.73
N LEU A 20 41.00 36.03 -6.12
CA LEU A 20 41.16 37.25 -6.90
C LEU A 20 42.53 37.33 -7.54
N GLN A 21 43.58 36.99 -6.78
CA GLN A 21 44.93 37.21 -7.29
C GLN A 21 45.36 36.09 -8.25
N HIS A 22 44.63 34.97 -8.27
CA HIS A 22 44.91 33.96 -9.29
C HIS A 22 43.79 33.84 -10.32
N HIS A 23 42.56 33.59 -9.87
CA HIS A 23 41.46 33.26 -10.78
C HIS A 23 40.70 34.49 -11.26
N ARG A 24 41.38 35.64 -11.37
CA ARG A 24 40.71 36.86 -11.78
C ARG A 24 40.09 36.73 -13.17
N ASP A 25 40.87 36.26 -14.15
CA ASP A 25 40.39 36.19 -15.52
C ASP A 25 39.21 35.25 -15.65
N ASP A 26 39.19 34.17 -14.87
CA ASP A 26 38.05 33.26 -14.87
C ASP A 26 36.80 33.97 -14.37
N ILE A 27 36.93 34.84 -13.36
CA ILE A 27 35.78 35.59 -12.86
C ILE A 27 35.32 36.62 -13.90
N LEU A 28 36.28 37.25 -14.59
CA LEU A 28 35.89 38.11 -15.72
C LEU A 28 35.07 37.35 -16.74
N GLY A 29 35.52 36.13 -17.08
CA GLY A 29 34.77 35.33 -18.02
C GLY A 29 33.39 34.94 -17.50
N ILE A 30 33.30 34.65 -16.20
CA ILE A 30 32.03 34.25 -15.61
C ILE A 30 31.02 35.39 -15.67
N LEU A 31 31.43 36.60 -15.26
CA LEU A 31 30.50 37.73 -15.30
C LEU A 31 30.23 38.18 -16.73
N ARG A 32 31.19 37.99 -17.64
CA ARG A 32 31.01 38.46 -19.01
C ARG A 32 29.87 37.73 -19.70
N GLN A 33 29.75 36.43 -19.48
CA GLN A 33 28.63 35.67 -20.03
C GLN A 33 27.34 36.16 -19.39
N GLY A 34 26.49 36.82 -20.19
CA GLY A 34 25.28 37.40 -19.63
C GLY A 34 24.28 36.35 -19.16
N ASP A 35 24.24 35.20 -19.83
CA ASP A 35 23.23 34.20 -19.54
C ASP A 35 23.44 33.59 -18.16
N ASP A 36 22.33 33.34 -17.46
CA ASP A 36 22.33 32.65 -16.18
C ASP A 36 22.00 31.17 -16.34
N GLU A 37 22.02 30.64 -17.57
CA GLU A 37 21.54 29.29 -17.84
C GLU A 37 22.40 28.25 -17.12
N ALA A 38 23.71 28.45 -17.05
CA ALA A 38 24.59 27.48 -16.43
C ALA A 38 25.15 28.04 -15.13
N HIS A 39 25.05 27.25 -14.05
CA HIS A 39 25.71 27.62 -12.82
C HIS A 39 27.21 27.73 -13.05
N TYR A 40 27.81 28.75 -12.46
CA TYR A 40 29.16 28.99 -12.95
C TYR A 40 30.20 28.57 -11.91
N PRO A 41 31.09 27.66 -12.28
CA PRO A 41 32.14 27.22 -11.35
C PRO A 41 33.39 28.08 -11.43
N VAL A 42 34.07 28.25 -10.30
CA VAL A 42 35.31 29.04 -10.28
C VAL A 42 36.55 28.18 -10.26
N LEU A 43 36.46 26.92 -9.82
CA LEU A 43 37.53 25.93 -9.92
C LEU A 43 38.80 26.41 -9.22
N VAL A 44 38.72 26.53 -7.89
CA VAL A 44 39.90 26.84 -7.10
C VAL A 44 40.65 25.55 -6.76
N ASP A 45 41.95 25.56 -6.99
CA ASP A 45 42.78 24.37 -6.81
C ASP A 45 43.04 24.16 -5.32
N ALA A 46 43.20 22.89 -4.91
CA ALA A 46 43.28 22.57 -3.49
C ALA A 46 44.68 22.81 -2.94
N LEU A 47 45.71 22.26 -3.60
CA LEU A 47 47.03 22.20 -2.98
C LEU A 47 47.67 23.58 -2.88
N THR A 48 47.52 24.42 -3.91
CA THR A 48 48.03 25.78 -3.84
C THR A 48 47.30 26.58 -2.76
N LEU A 49 45.98 26.40 -2.65
CA LEU A 49 45.24 27.06 -1.58
C LEU A 49 45.75 26.62 -0.22
N PHE A 50 46.08 25.34 -0.07
CA PHE A 50 46.58 24.83 1.21
C PHE A 50 47.95 25.40 1.53
N GLU A 51 48.85 25.46 0.54
CA GLU A 51 50.20 25.97 0.80
C GLU A 51 50.17 27.47 1.08
N THR A 52 49.24 28.20 0.46
CA THR A 52 49.14 29.63 0.74
C THR A 52 48.74 29.88 2.19
N ASN A 53 47.78 29.10 2.71
CA ASN A 53 47.33 29.26 4.08
C ASN A 53 47.13 27.88 4.70
N MET A 54 47.84 27.60 5.79
CA MET A 54 47.73 26.30 6.44
C MET A 54 46.40 26.16 7.18
N GLU A 55 45.88 27.25 7.72
CA GLU A 55 44.62 27.19 8.47
C GLU A 55 43.46 26.79 7.57
N ILE A 56 43.44 27.32 6.34
CA ILE A 56 42.38 26.98 5.39
C ILE A 56 42.38 25.49 5.10
N GLY A 57 43.56 24.90 4.92
CA GLY A 57 43.63 23.48 4.61
C GLY A 57 43.04 22.62 5.70
N GLU A 58 43.42 22.87 6.95
CA GLU A 58 42.92 22.06 8.05
C GLU A 58 41.43 22.29 8.29
N TYR A 59 40.97 23.53 8.17
CA TYR A 59 39.54 23.79 8.34
C TYR A 59 38.73 23.13 7.24
N PHE A 60 39.22 23.19 6.00
CA PHE A 60 38.49 22.60 4.89
C PHE A 60 38.44 21.08 4.99
N ASN A 61 39.58 20.47 5.34
CA ASN A 61 39.61 19.01 5.48
C ASN A 61 38.77 18.55 6.66
N ALA A 62 38.76 19.31 7.75
CA ALA A 62 37.96 18.92 8.91
C ALA A 62 36.48 19.12 8.66
N PHE A 63 36.08 20.26 8.11
CA PHE A 63 34.68 20.64 7.97
C PHE A 63 34.42 21.17 6.57
N PRO A 64 34.45 20.31 5.55
CA PRO A 64 34.20 20.81 4.18
C PRO A 64 32.80 21.34 3.99
N SER A 65 31.80 20.69 4.57
CA SER A 65 30.41 21.13 4.42
C SER A 65 30.20 22.48 5.07
N GLN A 66 31.03 22.83 6.05
CA GLN A 66 30.95 24.15 6.66
C GLN A 66 31.76 25.18 5.88
N VAL A 67 32.89 24.75 5.30
CA VAL A 67 33.78 25.69 4.63
C VAL A 67 33.23 26.13 3.28
N LEU A 68 32.61 25.21 2.55
CA LEU A 68 32.15 25.53 1.20
C LEU A 68 31.16 26.70 1.14
N PRO A 69 30.14 26.80 2.00
CA PRO A 69 29.31 28.01 1.99
C PRO A 69 30.10 29.29 2.26
N ILE A 70 31.10 29.22 3.14
CA ILE A 70 31.95 30.39 3.37
C ILE A 70 32.74 30.71 2.11
N PHE A 71 33.14 29.67 1.37
CA PHE A 71 33.81 29.90 0.09
C PHE A 71 32.87 30.57 -0.91
N ASP A 72 31.59 30.19 -0.90
CA ASP A 72 30.62 30.85 -1.78
C ASP A 72 30.44 32.32 -1.40
N GLY A 73 30.39 32.61 -0.09
CA GLY A 73 30.35 34.00 0.33
C GLY A 73 31.58 34.77 -0.11
N ALA A 74 32.76 34.14 0.02
CA ALA A 74 33.99 34.74 -0.48
C ALA A 74 33.90 34.99 -1.98
N LEU A 75 33.24 34.09 -2.71
CA LEU A 75 32.98 34.32 -4.12
C LEU A 75 32.12 35.56 -4.32
N ARG A 76 31.11 35.75 -3.47
CA ARG A 76 30.26 36.92 -3.59
C ARG A 76 31.05 38.22 -3.42
N ARG A 77 31.90 38.28 -2.38
CA ARG A 77 32.72 39.49 -2.23
C ARG A 77 33.76 39.63 -3.34
N ALA A 78 34.32 38.51 -3.81
CA ALA A 78 35.26 38.59 -4.92
C ALA A 78 34.57 39.09 -6.18
N ALA A 79 33.31 38.70 -6.37
CA ALA A 79 32.53 39.19 -7.50
C ALA A 79 32.22 40.67 -7.35
N MET A 80 31.93 41.11 -6.12
CA MET A 80 31.81 42.54 -5.85
C MET A 80 33.07 43.27 -6.34
N ALA A 81 34.24 42.76 -5.94
CA ALA A 81 35.50 43.41 -6.27
C ALA A 81 35.75 43.41 -7.78
N VAL A 82 35.45 42.30 -8.46
CA VAL A 82 35.70 42.24 -9.90
C VAL A 82 34.74 43.15 -10.65
N LEU A 83 33.49 43.24 -10.17
CA LEU A 83 32.51 44.11 -10.82
C LEU A 83 32.91 45.57 -10.69
N GLN A 84 33.34 45.97 -9.49
CA GLN A 84 33.78 47.36 -9.34
C GLN A 84 35.08 47.61 -10.10
N ALA A 85 35.94 46.59 -10.21
CA ALA A 85 37.18 46.74 -10.96
C ALA A 85 36.92 46.87 -12.45
N ALA A 86 35.96 46.10 -12.98
CA ALA A 86 35.71 46.09 -14.41
C ALA A 86 35.14 47.42 -14.88
N THR A 87 35.53 47.82 -16.09
CA THR A 87 35.06 49.09 -16.64
C THR A 87 33.62 49.05 -17.13
N PRO A 88 33.19 48.13 -18.01
CA PRO A 88 31.82 48.20 -18.54
C PRO A 88 30.80 47.54 -17.62
N SER A 89 29.74 48.28 -17.31
CA SER A 89 28.71 47.74 -16.41
C SER A 89 27.71 46.80 -17.09
N PRO A 90 27.12 47.12 -18.25
CA PRO A 90 26.08 46.22 -18.78
C PRO A 90 26.59 45.02 -19.55
N GLU A 91 27.85 45.04 -19.98
CA GLU A 91 28.39 43.85 -20.65
C GLU A 91 28.48 42.66 -19.71
N LEU A 92 28.92 42.88 -18.48
CA LEU A 92 29.07 41.83 -17.48
C LEU A 92 28.22 42.16 -16.26
N ARG A 93 27.41 41.19 -15.82
CA ARG A 93 26.46 41.41 -14.75
C ARG A 93 26.69 40.41 -13.63
N MET A 94 26.16 40.73 -12.45
CA MET A 94 26.41 39.92 -11.27
C MET A 94 25.47 38.72 -11.21
N LYS A 95 26.00 37.58 -10.73
CA LYS A 95 25.23 36.35 -10.65
C LYS A 95 25.20 35.82 -9.23
N PRO A 96 24.04 35.84 -8.58
CA PRO A 96 23.94 35.22 -7.25
C PRO A 96 24.44 33.79 -7.18
N ASN A 97 24.25 33.02 -8.26
CA ASN A 97 24.59 31.60 -8.26
C ASN A 97 26.08 31.43 -8.52
N LEU A 98 26.86 31.58 -7.46
CA LEU A 98 28.31 31.36 -7.48
C LEU A 98 28.63 30.22 -6.53
N HIS A 99 29.36 29.22 -7.02
CA HIS A 99 29.69 28.03 -6.25
C HIS A 99 31.17 27.70 -6.44
N ALA A 100 31.84 27.41 -5.33
CA ALA A 100 33.28 27.14 -5.36
C ALA A 100 33.50 25.64 -5.51
N ARG A 101 34.24 25.25 -6.55
CA ARG A 101 34.61 23.87 -6.79
C ARG A 101 36.10 23.73 -6.51
N ILE A 102 36.45 22.78 -5.65
CA ILE A 102 37.83 22.59 -5.22
C ILE A 102 38.35 21.30 -5.86
N SER A 103 39.38 21.41 -6.66
CA SER A 103 39.96 20.28 -7.38
C SER A 103 41.47 20.30 -7.21
N GLY A 104 42.12 19.32 -7.85
CA GLY A 104 43.56 19.19 -7.74
C GLY A 104 44.01 18.88 -6.33
N LEU A 105 43.31 17.94 -5.68
CA LEU A 105 43.65 17.58 -4.32
C LEU A 105 45.03 16.92 -4.27
N PRO A 106 45.84 17.20 -3.26
CA PRO A 106 47.14 16.53 -3.15
C PRO A 106 46.96 15.03 -3.00
N ILE A 107 47.57 14.28 -3.91
CA ILE A 107 47.40 12.84 -3.97
C ILE A 107 48.14 12.20 -2.79
N CYS A 108 47.40 11.82 -1.77
CA CYS A 108 47.92 11.14 -0.60
C CYS A 108 46.88 10.14 -0.12
N PRO A 109 47.32 9.01 0.45
CA PRO A 109 46.33 8.05 0.97
C PRO A 109 45.42 8.63 2.04
N GLU A 110 45.96 9.48 2.90
CA GLU A 110 45.14 10.12 3.93
C GLU A 110 44.28 11.23 3.33
N LEU A 111 44.86 12.05 2.47
CA LEU A 111 44.14 13.20 1.93
C LEU A 111 43.05 12.77 0.96
N THR A 112 43.38 11.87 0.03
CA THR A 112 42.44 11.39 -0.98
C THR A 112 42.22 9.89 -0.78
N ARG A 113 41.01 9.53 -0.37
CA ARG A 113 40.63 8.13 -0.19
C ARG A 113 40.17 7.59 -1.53
N GLU A 114 41.10 7.11 -2.34
CA GLU A 114 40.77 6.65 -3.69
C GLU A 114 39.75 5.53 -3.66
N HIS A 115 39.88 4.60 -2.72
CA HIS A 115 38.85 3.59 -2.51
C HIS A 115 37.57 4.26 -2.03
N ILE A 116 36.43 3.67 -2.41
CA ILE A 116 35.14 4.23 -1.98
C ILE A 116 35.09 4.30 -0.47
N PRO A 117 34.69 5.43 0.10
CA PRO A 117 34.78 5.60 1.56
C PRO A 117 33.90 4.62 2.30
N LYS A 118 34.36 4.26 3.49
CA LYS A 118 33.56 3.54 4.47
C LYS A 118 32.97 4.54 5.45
N THR A 119 32.27 4.05 6.47
CA THR A 119 31.59 4.96 7.38
C THR A 119 32.57 5.79 8.21
N ARG A 120 33.85 5.45 8.20
CA ARG A 120 34.84 6.25 8.90
C ARG A 120 35.01 7.61 8.23
N ASP A 121 34.72 7.70 6.93
CA ASP A 121 35.06 8.88 6.15
C ASP A 121 33.92 9.88 6.03
N VAL A 122 32.86 9.77 6.83
CA VAL A 122 31.79 10.75 6.76
C VAL A 122 32.32 12.12 7.18
N GLY A 123 31.83 13.15 6.51
CA GLY A 123 32.24 14.51 6.83
C GLY A 123 33.66 14.85 6.46
N HIS A 124 34.26 14.14 5.51
CA HIS A 124 35.62 14.41 5.08
C HIS A 124 35.66 14.55 3.56
N PHE A 125 36.39 15.56 3.09
CA PHE A 125 36.54 15.84 1.67
C PHE A 125 37.63 14.94 1.10
N LEU A 126 37.31 14.22 0.03
CA LEU A 126 38.23 13.23 -0.51
C LEU A 126 37.81 12.86 -1.93
N SER A 127 38.75 12.29 -2.67
CA SER A 127 38.56 11.93 -4.07
C SER A 127 38.05 10.50 -4.17
N VAL A 128 36.93 10.29 -4.85
CA VAL A 128 36.40 8.97 -5.10
C VAL A 128 36.48 8.71 -6.60
N THR A 129 37.57 8.09 -7.05
CA THR A 129 37.78 7.78 -8.45
C THR A 129 37.00 6.51 -8.78
N GLY A 130 35.79 6.68 -9.32
CA GLY A 130 34.96 5.55 -9.66
C GLY A 130 34.29 5.76 -11.01
N THR A 131 34.02 4.64 -11.67
CA THR A 131 33.39 4.64 -12.98
C THR A 131 31.88 4.64 -12.81
N VAL A 132 31.22 5.66 -13.37
CA VAL A 132 29.78 5.79 -13.23
C VAL A 132 29.08 4.72 -14.06
N ILE A 133 28.07 4.08 -13.48
CA ILE A 133 27.36 2.98 -14.14
C ILE A 133 25.93 3.38 -14.49
N ARG A 134 25.22 4.02 -13.55
CA ARG A 134 23.82 4.39 -13.74
C ARG A 134 23.66 5.88 -13.49
N THR A 135 23.00 6.57 -14.42
CA THR A 135 22.75 7.99 -14.32
C THR A 135 21.25 8.22 -14.25
N SER A 136 20.80 8.89 -13.19
CA SER A 136 19.38 9.20 -13.04
C SER A 136 19.02 10.47 -13.81
N LEU A 137 17.74 10.60 -14.12
CA LEU A 137 17.26 11.73 -14.90
C LEU A 137 17.41 13.03 -14.11
N VAL A 138 17.64 14.12 -14.84
CA VAL A 138 17.76 15.43 -14.22
C VAL A 138 16.45 15.80 -13.54
N LYS A 139 16.54 16.33 -12.33
CA LYS A 139 15.38 16.60 -11.50
C LYS A 139 15.40 18.05 -11.03
N VAL A 140 14.22 18.63 -10.84
CA VAL A 140 14.14 20.00 -10.35
C VAL A 140 14.38 20.04 -8.86
N LEU A 141 13.57 19.31 -8.08
CA LEU A 141 13.57 19.38 -6.63
C LEU A 141 13.39 20.83 -6.15
N GLU A 142 13.68 21.08 -4.88
CA GLU A 142 13.49 22.40 -4.30
C GLU A 142 14.58 22.63 -3.26
N PHE A 143 15.14 23.84 -3.29
CA PHE A 143 16.04 24.25 -2.21
C PHE A 143 15.32 24.26 -0.88
N GLU A 144 14.03 24.56 -0.89
CA GLU A 144 13.21 24.43 0.31
C GLU A 144 11.74 24.39 -0.10
N ARG A 145 10.94 23.72 0.71
CA ARG A 145 9.50 23.84 0.66
C ARG A 145 9.14 25.10 1.44
N SER A 146 8.95 26.20 0.72
CA SER A 146 8.93 27.52 1.33
C SER A 146 7.86 27.61 2.41
N TYR A 147 8.26 28.14 3.57
CA TYR A 147 7.37 28.32 4.70
C TYR A 147 6.78 29.72 4.64
N ILE A 148 5.52 29.82 4.25
CA ILE A 148 4.84 31.10 4.07
C ILE A 148 4.04 31.38 5.33
N CYS A 149 4.36 32.48 6.00
CA CYS A 149 3.69 32.89 7.23
C CYS A 149 3.20 34.32 7.08
N ASN A 150 1.93 34.54 7.40
CA ASN A 150 1.37 35.89 7.35
C ASN A 150 2.01 36.78 8.40
N LYS A 151 2.33 36.21 9.57
CA LYS A 151 2.94 36.98 10.64
C LYS A 151 4.32 37.48 10.22
N CYS A 152 4.58 38.76 10.49
CA CYS A 152 5.80 39.40 10.02
C CYS A 152 7.00 38.94 10.81
N LYS A 153 8.19 39.35 10.33
CA LYS A 153 9.49 39.04 10.95
C LYS A 153 9.59 37.59 11.40
N HIS A 154 9.06 36.68 10.57
CA HIS A 154 9.13 35.25 10.88
C HIS A 154 10.57 34.77 10.98
N VAL A 155 11.42 35.25 10.07
CA VAL A 155 12.88 35.03 10.05
C VAL A 155 13.23 33.57 10.35
N PHE A 156 12.36 32.65 9.94
CA PHE A 156 12.59 31.22 10.10
C PHE A 156 12.95 30.64 8.74
N VAL A 157 14.13 30.05 8.64
CA VAL A 157 14.61 29.46 7.40
C VAL A 157 14.96 28.00 7.64
N ALA A 158 14.33 27.11 6.88
CA ALA A 158 14.66 25.69 6.86
C ALA A 158 14.80 25.26 5.41
N LYS A 159 15.75 24.36 5.17
CA LYS A 159 16.12 24.00 3.81
C LYS A 159 16.08 22.49 3.66
N ALA A 160 15.93 22.03 2.42
CA ALA A 160 15.96 20.60 2.15
C ALA A 160 17.32 20.03 2.54
N ASP A 161 17.30 19.03 3.41
CA ASP A 161 18.53 18.47 3.96
C ASP A 161 18.99 17.28 3.13
N PHE A 162 20.28 17.29 2.77
CA PHE A 162 20.86 16.14 2.09
C PHE A 162 20.82 14.91 3.00
N GLU A 163 21.11 15.10 4.29
CA GLU A 163 21.13 13.98 5.21
C GLU A 163 19.77 13.32 5.33
N GLN A 164 18.70 14.11 5.36
CA GLN A 164 17.36 13.56 5.58
C GLN A 164 16.64 13.24 4.27
N TYR A 165 17.35 12.55 3.36
CA TYR A 165 16.76 12.00 2.14
C TYR A 165 15.98 13.04 1.35
N TYR A 166 16.49 14.28 1.35
CA TYR A 166 15.83 15.40 0.68
C TYR A 166 14.38 15.55 1.14
N ALA A 167 14.18 15.63 2.45
CA ALA A 167 12.86 15.85 3.03
C ALA A 167 12.90 17.14 3.85
N PHE A 168 11.90 17.99 3.66
CA PHE A 168 11.83 19.24 4.39
C PHE A 168 11.71 18.99 5.88
N CYS A 169 12.48 19.74 6.67
CA CYS A 169 12.53 19.60 8.11
C CYS A 169 11.96 20.85 8.78
N ARG A 170 11.07 20.66 9.74
CA ARG A 170 10.47 21.76 10.47
C ARG A 170 10.65 21.56 11.97
N PRO A 171 11.34 22.47 12.66
CA PRO A 171 11.55 22.30 14.10
C PRO A 171 10.24 22.34 14.87
N SER A 172 10.25 21.65 16.02
CA SER A 172 9.03 21.54 16.84
C SER A 172 8.55 22.90 17.31
N ALA A 173 9.47 23.76 17.75
CA ALA A 173 9.14 25.08 18.28
C ALA A 173 9.80 26.15 17.43
N CYS A 174 9.05 27.20 17.08
CA CYS A 174 9.59 28.28 16.29
C CYS A 174 10.54 29.15 17.12
N LEU A 175 11.45 29.82 16.43
CA LEU A 175 12.42 30.67 17.12
C LEU A 175 11.74 31.85 17.80
N ASN A 176 10.75 32.46 17.14
CA ASN A 176 10.08 33.63 17.69
C ASN A 176 9.28 33.26 18.93
N GLU A 177 9.13 34.23 19.83
CA GLU A 177 8.40 34.00 21.07
C GLU A 177 6.94 33.65 20.81
N GLU A 178 6.30 34.38 19.89
CA GLU A 178 4.90 34.08 19.56
C GLU A 178 4.79 32.77 18.79
N GLY A 179 5.81 32.43 18.00
CA GLY A 179 5.82 31.21 17.25
C GLY A 179 4.95 31.29 16.01
N CYS A 180 4.86 30.15 15.32
CA CYS A 180 4.04 30.07 14.13
C CYS A 180 2.55 30.13 14.49
N ASN A 181 1.78 30.79 13.63
CA ASN A 181 0.33 30.85 13.84
C ASN A 181 -0.29 29.46 13.79
N SER A 182 0.15 28.64 12.84
CA SER A 182 -0.27 27.25 12.73
C SER A 182 0.98 26.37 12.70
N THR A 183 0.84 25.15 13.23
CA THR A 183 1.99 24.25 13.31
C THR A 183 2.55 23.94 11.93
N LYS A 184 1.69 23.66 10.97
CA LYS A 184 2.08 23.40 9.58
C LYS A 184 1.41 24.42 8.68
N PHE A 185 2.22 25.13 7.89
CA PHE A 185 1.72 26.12 6.94
C PHE A 185 1.91 25.59 5.53
N THR A 186 0.80 25.41 4.81
CA THR A 186 0.81 24.95 3.44
C THR A 186 0.29 26.07 2.53
N CYS A 187 1.07 26.43 1.53
CA CYS A 187 0.72 27.52 0.62
C CYS A 187 1.09 27.14 -0.80
N LEU A 188 0.40 27.77 -1.76
CA LEU A 188 0.71 27.52 -3.17
C LEU A 188 2.13 27.97 -3.51
N SER A 189 2.53 29.14 -2.99
CA SER A 189 3.90 29.60 -3.20
C SER A 189 4.90 28.66 -2.54
N GLY A 190 4.57 28.15 -1.35
CA GLY A 190 5.45 27.19 -0.70
C GLY A 190 5.58 25.89 -1.47
N THR A 191 4.47 25.37 -1.97
CA THR A 191 4.52 24.16 -2.78
C THR A 191 5.27 24.41 -4.09
N SER A 192 5.07 25.56 -4.69
CA SER A 192 5.80 25.92 -5.90
C SER A 192 7.27 26.19 -5.58
N SER A 193 8.11 26.06 -6.59
CA SER A 193 9.55 26.26 -6.43
C SER A 193 9.99 27.67 -6.75
N SER A 194 9.07 28.59 -7.02
CA SER A 194 9.46 29.96 -7.33
C SER A 194 10.19 30.66 -6.18
N PRO A 195 9.71 30.64 -4.93
CA PRO A 195 10.50 31.24 -3.85
C PRO A 195 11.84 30.54 -3.63
N SER A 196 11.90 29.23 -3.86
CA SER A 196 13.11 28.48 -3.61
C SER A 196 14.06 28.57 -4.81
N SER A 197 15.31 28.19 -4.58
CA SER A 197 16.34 28.16 -5.62
C SER A 197 16.48 26.72 -6.10
N CYS A 198 15.54 26.27 -6.93
CA CYS A 198 15.57 24.91 -7.45
C CYS A 198 16.78 24.72 -8.35
N ARG A 199 17.44 23.57 -8.22
CA ARG A 199 18.64 23.27 -8.98
C ARG A 199 18.55 21.85 -9.53
N ASP A 200 19.28 21.59 -10.61
CA ASP A 200 19.31 20.24 -11.14
C ASP A 200 19.91 19.28 -10.14
N TYR A 201 19.37 18.05 -10.13
CA TYR A 201 19.80 16.99 -9.23
C TYR A 201 19.88 15.70 -10.00
N GLN A 202 21.11 15.23 -10.26
CA GLN A 202 21.33 13.98 -10.95
C GLN A 202 22.02 13.01 -10.01
N GLU A 203 21.37 11.88 -9.74
CA GLU A 203 21.87 10.89 -8.80
C GLU A 203 22.54 9.76 -9.58
N ILE A 204 23.87 9.73 -9.56
CA ILE A 204 24.62 8.70 -10.27
C ILE A 204 25.32 7.80 -9.26
N LYS A 205 25.55 6.56 -9.67
CA LYS A 205 26.25 5.57 -8.86
C LYS A 205 27.57 5.23 -9.53
N ILE A 206 28.66 5.33 -8.78
CA ILE A 206 30.00 5.07 -9.30
C ILE A 206 30.58 3.86 -8.57
N GLN A 207 31.20 2.97 -9.32
CA GLN A 207 31.85 1.78 -8.77
C GLN A 207 33.35 1.88 -8.98
N GLU A 208 34.10 1.17 -8.14
CA GLU A 208 35.55 1.21 -8.23
C GLU A 208 36.04 0.65 -9.56
N GLN A 209 37.14 1.20 -10.05
CA GLN A 209 37.78 0.65 -11.24
C GLN A 209 38.41 -0.69 -10.90
N VAL A 210 38.17 -1.69 -11.76
CA VAL A 210 38.64 -3.04 -11.47
C VAL A 210 40.16 -3.11 -11.52
N GLN A 211 40.78 -2.35 -12.42
CA GLN A 211 42.23 -2.40 -12.55
C GLN A 211 42.92 -1.89 -11.28
N ARG A 212 42.25 -1.04 -10.52
CA ARG A 212 42.82 -0.54 -9.27
C ARG A 212 42.86 -1.67 -8.24
N LEU A 213 43.89 -1.65 -7.41
CA LEU A 213 44.04 -2.70 -6.39
C LEU A 213 43.06 -2.52 -5.24
N SER A 214 42.51 -1.32 -5.09
CA SER A 214 41.61 -1.06 -3.97
C SER A 214 40.26 -1.74 -4.12
N VAL A 215 39.93 -2.23 -5.32
CA VAL A 215 38.64 -2.87 -5.53
C VAL A 215 38.68 -4.28 -4.94
N GLY A 216 37.52 -4.73 -4.44
CA GLY A 216 37.38 -6.07 -3.92
C GLY A 216 36.99 -7.07 -5.00
N SER A 217 36.47 -8.22 -4.56
CA SER A 217 35.99 -9.22 -5.50
C SER A 217 34.84 -8.68 -6.33
N ILE A 218 33.89 -8.02 -5.69
CA ILE A 218 32.82 -7.30 -6.38
C ILE A 218 33.05 -5.81 -6.17
N PRO A 219 32.97 -4.98 -7.22
CA PRO A 219 33.20 -3.55 -7.04
C PRO A 219 32.14 -2.92 -6.17
N ARG A 220 32.57 -2.27 -5.09
CA ARG A 220 31.65 -1.48 -4.28
C ARG A 220 31.11 -0.33 -5.10
N CYS A 221 29.92 0.15 -4.75
CA CYS A 221 29.25 1.21 -5.49
C CYS A 221 28.95 2.38 -4.57
N MET A 222 29.29 3.58 -5.00
CA MET A 222 28.99 4.81 -4.27
C MET A 222 27.97 5.62 -5.05
N VAL A 223 26.89 6.01 -4.38
CA VAL A 223 25.90 6.88 -5.00
C VAL A 223 26.34 8.31 -4.84
N VAL A 224 26.39 9.05 -5.95
CA VAL A 224 26.91 10.41 -5.99
C VAL A 224 25.79 11.35 -6.37
N VAL A 225 25.61 12.41 -5.60
CA VAL A 225 24.61 13.43 -5.86
C VAL A 225 25.29 14.61 -6.51
N LEU A 226 24.91 14.91 -7.74
CA LEU A 226 25.39 16.08 -8.46
C LEU A 226 24.40 17.22 -8.30
N GLU A 227 24.93 18.43 -8.14
CA GLU A 227 24.10 19.61 -7.96
C GLU A 227 24.65 20.74 -8.80
N ASP A 228 23.77 21.68 -9.15
CA ASP A 228 24.14 22.91 -9.85
C ASP A 228 24.76 22.54 -11.19
N ASP A 229 25.90 23.10 -11.57
CA ASP A 229 26.46 22.86 -12.90
C ASP A 229 26.83 21.38 -13.05
N LEU A 230 27.20 20.72 -11.95
CA LEU A 230 27.74 19.37 -12.01
C LEU A 230 26.77 18.38 -12.66
N VAL A 231 25.47 18.68 -12.66
CA VAL A 231 24.52 17.81 -13.34
C VAL A 231 24.79 17.84 -14.84
N ASP A 232 24.67 16.69 -15.48
CA ASP A 232 24.91 16.42 -16.89
C ASP A 232 26.40 16.42 -17.23
N SER A 233 27.28 16.71 -16.27
CA SER A 233 28.71 16.63 -16.54
C SER A 233 29.16 15.17 -16.66
N CYS A 234 28.51 14.28 -15.92
CA CYS A 234 28.87 12.87 -15.93
C CYS A 234 28.07 12.12 -16.99
N LYS A 235 28.76 11.25 -17.74
CA LYS A 235 28.13 10.37 -18.70
C LYS A 235 28.47 8.92 -18.36
N SER A 236 27.47 8.04 -18.46
CA SER A 236 27.65 6.65 -18.08
C SER A 236 28.67 5.97 -18.98
N GLY A 237 29.51 5.15 -18.38
CA GLY A 237 30.53 4.43 -19.11
C GLY A 237 31.88 5.11 -19.20
N ASP A 238 32.12 6.14 -18.40
CA ASP A 238 33.38 6.86 -18.40
C ASP A 238 33.90 7.04 -16.99
N ASP A 239 35.22 7.09 -16.84
CA ASP A 239 35.84 7.26 -15.54
C ASP A 239 35.65 8.67 -15.01
N ILE A 240 35.20 8.77 -13.75
CA ILE A 240 34.85 10.05 -13.13
C ILE A 240 35.61 10.16 -11.82
N THR A 241 36.26 11.30 -11.61
CA THR A 241 36.99 11.58 -10.37
C THR A 241 36.16 12.57 -9.56
N VAL A 242 35.29 12.03 -8.71
CA VAL A 242 34.27 12.82 -8.05
C VAL A 242 34.84 13.37 -6.74
N TYR A 243 35.49 14.52 -6.80
CA TYR A 243 35.84 15.24 -5.58
C TYR A 243 34.57 15.73 -4.92
N GLY A 244 34.34 15.32 -3.67
CA GLY A 244 33.12 15.70 -3.00
C GLY A 244 33.20 15.53 -1.50
N VAL A 245 32.09 15.85 -0.84
CA VAL A 245 31.96 15.74 0.61
C VAL A 245 31.13 14.50 0.91
N VAL A 246 31.73 13.55 1.64
CA VAL A 246 31.01 12.33 1.98
C VAL A 246 29.98 12.63 3.05
N MET A 247 28.73 12.24 2.79
CA MET A 247 27.65 12.45 3.75
C MET A 247 26.84 11.16 3.88
N GLN A 248 25.75 11.26 4.63
CA GLN A 248 24.91 10.11 4.96
C GLN A 248 23.44 10.49 4.78
N ARG A 249 22.72 9.75 3.94
CA ARG A 249 21.28 9.88 3.86
C ARG A 249 20.64 8.82 4.76
N TRP A 250 19.67 9.24 5.56
CA TRP A 250 18.86 8.35 6.35
C TRP A 250 17.39 8.55 6.02
N LYS A 251 16.74 7.47 5.59
CA LYS A 251 15.32 7.51 5.25
C LYS A 251 14.49 7.74 6.52
N PRO A 252 13.26 8.24 6.37
CA PRO A 252 12.44 8.51 7.57
C PRO A 252 12.36 7.29 8.47
N PHE A 253 12.77 7.48 9.72
CA PHE A 253 12.91 6.38 10.65
C PHE A 253 11.56 5.84 11.12
N HIS A 254 11.49 4.52 11.27
CA HIS A 254 10.36 3.83 11.87
C HIS A 254 10.85 3.00 13.04
N GLN A 255 10.08 3.02 14.14
CA GLN A 255 10.61 2.57 15.42
C GLN A 255 11.04 1.12 15.38
N ASP A 256 10.25 0.26 14.74
CA ASP A 256 10.65 -1.13 14.61
C ASP A 256 11.76 -1.29 13.57
N ALA A 257 11.77 -0.45 12.55
CA ALA A 257 12.73 -0.59 11.46
C ALA A 257 14.12 -0.20 11.92
N ARG A 258 15.12 -0.85 11.33
CA ARG A 258 16.51 -0.48 11.56
C ARG A 258 16.79 0.89 10.97
N CYS A 259 17.68 1.64 11.62
CA CYS A 259 18.13 2.91 11.05
C CYS A 259 18.85 2.65 9.72
N ASP A 260 18.22 3.07 8.63
CA ASP A 260 18.70 2.76 7.28
C ASP A 260 19.47 3.96 6.76
N LEU A 261 20.79 3.85 6.71
CA LEU A 261 21.66 4.90 6.21
C LEU A 261 22.61 4.34 5.17
N GLU A 262 22.73 5.05 4.05
CA GLU A 262 23.66 4.69 2.99
C GLU A 262 24.56 5.87 2.68
N LEU A 263 25.84 5.58 2.44
CA LEU A 263 26.82 6.64 2.22
C LEU A 263 26.55 7.35 0.90
N VAL A 264 26.73 8.66 0.90
CA VAL A 264 26.51 9.50 -0.28
C VAL A 264 27.65 10.49 -0.41
N LEU A 265 27.81 11.03 -1.61
CA LEU A 265 28.88 11.96 -1.93
C LEU A 265 28.30 13.17 -2.66
N LYS A 266 28.22 14.30 -1.96
CA LYS A 266 27.79 15.55 -2.56
C LYS A 266 28.98 16.12 -3.32
N ALA A 267 28.96 15.95 -4.64
CA ALA A 267 30.13 16.26 -5.45
C ALA A 267 30.48 17.74 -5.38
N ASN A 268 31.78 18.03 -5.46
CA ASN A 268 32.26 19.40 -5.54
C ASN A 268 32.68 19.77 -6.97
N TYR A 269 33.46 18.90 -7.62
CA TYR A 269 33.79 19.08 -9.03
C TYR A 269 34.07 17.72 -9.64
N VAL A 270 33.18 17.25 -10.50
CA VAL A 270 33.36 15.94 -11.13
C VAL A 270 34.20 16.06 -12.39
N LYS A 271 35.52 16.12 -12.20
CA LYS A 271 36.42 16.19 -13.34
C LYS A 271 36.43 14.86 -14.07
N VAL A 272 36.10 14.88 -15.36
CA VAL A 272 36.05 13.69 -16.18
C VAL A 272 37.43 13.46 -16.77
N ASN A 273 38.01 12.30 -16.49
CA ASN A 273 39.35 11.99 -16.95
C ASN A 273 39.36 11.78 -18.47
N PRO B 15 39.79 6.46 40.05
CA PRO B 15 38.54 6.55 39.27
C PRO B 15 38.69 6.00 37.87
N TYR B 16 37.58 5.84 37.16
CA TYR B 16 37.58 5.36 35.78
C TYR B 16 36.78 6.33 34.91
N LYS B 17 37.30 6.58 33.71
CA LYS B 17 36.67 7.52 32.79
C LYS B 17 35.53 6.85 32.03
N GLY B 18 34.44 7.57 31.85
CA GLY B 18 33.32 7.10 31.06
C GLY B 18 32.26 6.32 31.80
N TRP B 19 32.45 6.06 33.10
CA TRP B 19 31.43 5.34 33.87
C TRP B 19 30.87 6.23 34.98
N LYS B 20 31.76 6.79 35.80
CA LYS B 20 31.31 7.68 36.87
C LYS B 20 30.94 9.06 36.33
N LEU B 21 31.61 9.50 35.27
CA LEU B 21 31.30 10.80 34.70
C LEU B 21 29.96 10.79 33.98
N TYR B 22 29.68 9.73 33.21
CA TYR B 22 28.42 9.65 32.49
C TYR B 22 27.26 9.30 33.42
N PHE B 23 27.47 8.37 34.34
CA PHE B 23 26.42 7.92 35.25
C PHE B 23 26.89 8.08 36.69
N SER B 24 25.94 8.42 37.56
CA SER B 24 26.26 8.63 38.97
C SER B 24 26.79 7.36 39.62
N GLU B 25 26.22 6.21 39.26
CA GLU B 25 26.65 4.94 39.83
C GLU B 25 28.07 4.61 39.40
N ALA B 26 28.89 4.21 40.36
CA ALA B 26 30.27 3.86 40.10
C ALA B 26 30.41 2.37 39.82
N TYR B 27 31.63 1.97 39.45
CA TYR B 27 31.90 0.54 39.27
C TYR B 27 31.80 -0.19 40.61
N ALA B 28 31.14 -1.34 40.59
CA ALA B 28 30.90 -2.12 41.81
C ALA B 28 31.78 -3.36 41.79
N ASP B 29 32.72 -3.43 42.73
CA ASP B 29 33.57 -4.61 42.83
C ASP B 29 32.76 -5.84 43.22
N LYS B 30 31.59 -5.64 43.82
CA LYS B 30 30.73 -6.76 44.18
C LYS B 30 30.21 -7.48 42.94
N SER B 31 29.93 -6.74 41.89
CA SER B 31 29.42 -7.34 40.66
C SER B 31 30.46 -8.27 40.06
N PRO B 32 30.11 -9.52 39.73
CA PRO B 32 31.11 -10.43 39.14
C PRO B 32 31.64 -9.96 37.78
N PHE B 33 30.89 -9.09 37.09
CA PHE B 33 31.35 -8.58 35.81
C PHE B 33 32.64 -7.79 35.96
N VAL B 34 32.74 -6.98 37.01
CA VAL B 34 33.97 -6.22 37.26
C VAL B 34 35.14 -7.17 37.51
N GLN B 35 34.91 -8.23 38.29
CA GLN B 35 35.96 -9.21 38.52
C GLN B 35 36.34 -9.92 37.23
N LYS B 36 35.36 -10.14 36.35
CA LYS B 36 35.67 -10.69 35.03
C LYS B 36 36.56 -9.73 34.24
N THR B 37 36.28 -8.43 34.33
CA THR B 37 37.14 -7.45 33.67
C THR B 37 38.55 -7.50 34.24
N GLN B 38 38.67 -7.65 35.56
CA GLN B 38 40.01 -7.77 36.17
C GLN B 38 40.74 -9.01 35.67
N ALA B 39 40.04 -10.14 35.58
CA ALA B 39 40.67 -11.35 35.09
C ALA B 39 41.13 -11.18 33.65
N PHE B 40 40.27 -10.63 32.80
CA PHE B 40 40.64 -10.47 31.40
C PHE B 40 41.76 -9.44 31.22
N GLU B 41 41.78 -8.40 32.05
CA GLU B 41 42.84 -7.41 31.92
C GLU B 41 44.17 -7.98 32.40
N LYS B 42 44.16 -8.83 33.42
CA LYS B 42 45.38 -9.55 33.79
C LYS B 42 45.85 -10.45 32.66
N PHE B 43 44.91 -11.19 32.05
CA PHE B 43 45.28 -12.08 30.96
C PHE B 43 45.87 -11.31 29.78
N PHE B 44 45.29 -10.16 29.45
CA PHE B 44 45.85 -9.34 28.39
C PHE B 44 47.19 -8.75 28.81
N MET B 45 47.34 -8.44 30.10
CA MET B 45 48.60 -7.89 30.60
C MET B 45 49.75 -8.85 30.39
N GLN B 46 49.55 -10.14 30.70
CA GLN B 46 50.64 -11.09 30.50
C GLN B 46 50.91 -11.33 29.01
N ARG B 47 49.90 -11.14 28.16
CA ARG B 47 50.06 -11.38 26.73
C ARG B 47 50.28 -10.12 25.90
N ILE B 48 50.32 -8.94 26.52
CA ILE B 48 50.29 -7.70 25.74
C ILE B 48 51.57 -7.52 24.92
N GLU B 49 52.61 -8.28 25.23
CA GLU B 49 53.88 -8.11 24.52
C GLU B 49 53.75 -8.50 23.05
N LEU B 50 53.01 -9.57 22.76
CA LEU B 50 52.90 -10.04 21.38
C LEU B 50 52.11 -9.07 20.51
N TYR B 51 50.97 -8.58 21.02
CA TYR B 51 50.14 -7.68 20.24
C TYR B 51 50.80 -6.31 20.08
N ASP B 52 50.41 -5.60 19.03
CA ASP B 52 50.90 -4.25 18.76
C ASP B 52 49.79 -3.26 19.08
N LYS B 53 50.11 -2.24 19.87
CA LYS B 53 49.11 -1.26 20.28
C LYS B 53 48.60 -0.44 19.11
N ASP B 54 49.51 0.13 18.32
CA ASP B 54 49.12 1.00 17.22
C ASP B 54 48.37 0.24 16.14
N GLU B 55 48.81 -0.98 15.83
CA GLU B 55 48.11 -1.77 14.82
C GLU B 55 46.71 -2.14 15.29
N ILE B 56 46.57 -2.48 16.57
CA ILE B 56 45.24 -2.80 17.11
C ILE B 56 44.34 -1.57 17.05
N GLU B 57 44.87 -0.40 17.43
CA GLU B 57 44.07 0.82 17.36
C GLU B 57 43.67 1.14 15.92
N ARG B 58 44.58 0.87 14.97
CA ARG B 58 44.25 1.07 13.56
C ARG B 58 43.12 0.12 13.12
N LYS B 59 43.19 -1.14 13.55
CA LYS B 59 42.12 -2.07 13.24
C LYS B 59 40.84 -1.72 13.99
N GLY B 60 40.98 -1.18 15.20
CA GLY B 60 39.84 -0.92 16.05
C GLY B 60 39.33 -2.11 16.83
N SER B 61 40.06 -3.24 16.78
CA SER B 61 39.66 -4.43 17.51
C SER B 61 40.90 -5.27 17.77
N ILE B 62 40.77 -6.22 18.70
CA ILE B 62 41.85 -7.14 19.05
C ILE B 62 41.34 -8.57 18.84
N LEU B 63 42.13 -9.37 18.15
CA LEU B 63 41.84 -10.78 17.95
C LEU B 63 42.53 -11.58 19.04
N VAL B 64 41.75 -12.11 19.98
CA VAL B 64 42.26 -12.91 21.07
C VAL B 64 41.76 -14.34 20.92
N ASP B 65 42.68 -15.31 20.99
CA ASP B 65 42.33 -16.69 20.74
C ASP B 65 41.43 -17.25 21.84
N TYR B 66 40.37 -17.94 21.44
CA TYR B 66 39.54 -18.64 22.42
C TYR B 66 40.24 -19.89 22.93
N LYS B 67 41.01 -20.56 22.06
CA LYS B 67 41.74 -21.75 22.48
C LYS B 67 42.79 -21.40 23.54
N GLU B 68 43.47 -20.27 23.37
CA GLU B 68 44.45 -19.85 24.37
C GLU B 68 43.75 -19.49 25.67
N LEU B 69 42.59 -18.83 25.58
CA LEU B 69 41.88 -18.40 26.78
C LEU B 69 41.28 -19.58 27.53
N ILE B 70 40.95 -20.66 26.83
CA ILE B 70 40.36 -21.83 27.48
C ILE B 70 41.34 -22.59 28.35
N GLU B 71 42.60 -22.15 28.41
CA GLU B 71 43.61 -22.87 29.15
C GLU B 71 43.29 -22.92 30.64
N ASP B 72 43.90 -23.90 31.31
CA ASP B 72 43.66 -24.15 32.72
C ASP B 72 44.44 -23.21 33.63
N ARG B 73 44.55 -23.58 34.91
CA ARG B 73 45.27 -22.87 35.98
C ARG B 73 44.65 -21.47 36.11
N GLU B 74 45.44 -20.39 36.19
CA GLU B 74 44.92 -19.09 36.59
C GLU B 74 43.80 -18.62 35.68
N LEU B 75 43.86 -19.00 34.39
CA LEU B 75 42.81 -18.62 33.46
C LEU B 75 41.46 -19.20 33.88
N THR B 76 41.45 -20.46 34.33
CA THR B 76 40.22 -21.07 34.80
C THR B 76 39.97 -20.77 36.28
N LYS B 77 41.04 -20.47 37.03
CA LYS B 77 40.86 -20.15 38.44
C LYS B 77 40.10 -18.84 38.65
N SER B 78 40.41 -17.84 37.83
CA SER B 78 39.77 -16.53 37.99
C SER B 78 38.27 -16.60 37.74
N ILE B 79 37.87 -17.27 36.66
CA ILE B 79 36.45 -17.47 36.37
C ILE B 79 36.19 -18.96 36.19
N PRO B 80 35.27 -19.54 36.96
CA PRO B 80 35.16 -21.02 36.98
C PRO B 80 34.76 -21.62 35.64
N ASN B 81 33.63 -21.20 35.07
CA ASN B 81 33.11 -21.77 33.83
C ASN B 81 33.18 -20.71 32.74
N ILE B 82 34.34 -20.64 32.06
CA ILE B 82 34.53 -19.63 31.03
C ILE B 82 33.67 -19.95 29.81
N SER B 83 33.63 -21.21 29.39
CA SER B 83 32.82 -21.57 28.24
C SER B 83 31.33 -21.36 28.53
N THR B 84 30.88 -21.77 29.72
CA THR B 84 29.48 -21.61 30.07
C THR B 84 29.10 -20.13 30.18
N GLU B 85 29.96 -19.32 30.80
CA GLU B 85 29.70 -17.89 30.87
C GLU B 85 29.66 -17.26 29.49
N LEU B 86 30.59 -17.64 28.62
CA LEU B 86 30.64 -17.04 27.29
C LEU B 86 29.44 -17.46 26.46
N ARG B 87 28.94 -18.67 26.68
CA ARG B 87 27.73 -19.12 25.98
C ARG B 87 26.49 -18.40 26.50
N ASP B 88 26.33 -18.31 27.81
CA ASP B 88 25.08 -17.84 28.38
C ASP B 88 24.81 -16.38 28.06
N MET B 89 25.78 -15.50 28.32
CA MET B 89 25.66 -14.08 28.05
C MET B 89 26.88 -13.59 27.25
N PRO B 90 26.92 -13.91 25.95
CA PRO B 90 28.08 -13.50 25.14
C PRO B 90 28.30 -12.01 25.12
N GLN B 91 27.23 -11.22 25.10
CA GLN B 91 27.37 -9.77 25.04
C GLN B 91 28.10 -9.23 26.28
N LYS B 92 27.71 -9.70 27.46
CA LYS B 92 28.35 -9.24 28.68
C LYS B 92 29.82 -9.65 28.72
N ILE B 93 30.12 -10.89 28.33
CA ILE B 93 31.50 -11.36 28.35
C ILE B 93 32.36 -10.56 27.39
N LEU B 94 31.86 -10.33 26.17
CA LEU B 94 32.63 -9.56 25.19
C LEU B 94 32.80 -8.11 25.63
N GLN B 95 31.76 -7.52 26.22
CA GLN B 95 31.88 -6.15 26.71
C GLN B 95 32.92 -6.07 27.82
N CYS B 96 32.93 -7.03 28.73
CA CYS B 96 33.93 -7.05 29.79
C CYS B 96 35.34 -7.24 29.21
N MET B 97 35.47 -8.12 28.22
CA MET B 97 36.78 -8.35 27.62
C MET B 97 37.30 -7.11 26.91
N GLY B 98 36.43 -6.44 26.16
CA GLY B 98 36.83 -5.21 25.50
C GLY B 98 37.15 -4.10 26.49
N LEU B 99 36.39 -4.02 27.58
CA LEU B 99 36.70 -3.08 28.64
C LEU B 99 38.07 -3.34 29.23
N ALA B 100 38.39 -4.63 29.44
CA ALA B 100 39.69 -4.99 29.99
C ALA B 100 40.82 -4.60 29.05
N ILE B 101 40.68 -4.90 27.76
CA ILE B 101 41.75 -4.55 26.81
C ILE B 101 41.88 -3.04 26.67
N HIS B 102 40.76 -2.32 26.68
CA HIS B 102 40.81 -0.87 26.65
C HIS B 102 41.54 -0.32 27.87
N GLN B 103 41.23 -0.86 29.04
CA GLN B 103 41.87 -0.38 30.27
C GLN B 103 43.37 -0.67 30.27
N VAL B 104 43.78 -1.85 29.81
CA VAL B 104 45.20 -2.17 29.82
C VAL B 104 45.95 -1.33 28.80
N LEU B 105 45.35 -1.08 27.63
CA LEU B 105 46.00 -0.20 26.67
C LEU B 105 46.12 1.22 27.22
N THR B 106 45.08 1.71 27.88
CA THR B 106 45.15 3.05 28.47
C THR B 106 46.22 3.12 29.55
N LYS B 107 46.33 2.09 30.39
CA LYS B 107 47.33 2.14 31.46
C LYS B 107 48.74 2.00 30.91
N ASP B 108 48.91 1.24 29.82
CA ASP B 108 50.21 1.19 29.15
C ASP B 108 50.60 2.55 28.60
N LEU B 109 49.65 3.22 27.93
CA LEU B 109 49.94 4.57 27.44
C LEU B 109 50.16 5.54 28.59
N GLU B 110 49.52 5.32 29.73
CA GLU B 110 49.77 6.17 30.90
C GLU B 110 51.18 5.96 31.44
N ARG B 111 51.66 4.72 31.46
CA ARG B 111 53.04 4.46 31.86
C ARG B 111 54.01 5.13 30.89
N HIS B 112 53.73 5.03 29.59
CA HIS B 112 54.59 5.68 28.61
C HIS B 112 54.57 7.20 28.76
N ALA B 113 53.41 7.77 29.06
CA ALA B 113 53.31 9.20 29.27
C ALA B 113 54.04 9.61 30.54
N ALA B 114 54.02 8.77 31.57
CA ALA B 114 54.79 9.04 32.78
C ALA B 114 56.28 9.06 32.48
N GLU B 115 56.76 8.09 31.70
CA GLU B 115 58.16 8.09 31.29
C GLU B 115 58.50 9.35 30.49
N LEU B 116 57.63 9.74 29.58
CA LEU B 116 57.86 10.95 28.79
C LEU B 116 57.88 12.19 29.67
N GLN B 117 57.00 12.25 30.67
CA GLN B 117 56.98 13.38 31.59
C GLN B 117 58.26 13.44 32.41
N VAL B 118 58.75 12.28 32.87
CA VAL B 118 60.02 12.25 33.59
C VAL B 118 61.16 12.74 32.70
N GLN B 119 61.17 12.30 31.43
CA GLN B 119 62.22 12.73 30.52
C GLN B 119 62.17 14.23 30.27
N GLU B 120 60.97 14.77 29.98
CA GLU B 120 60.85 16.19 29.67
C GLU B 120 60.90 17.05 30.93
N GLY B 121 60.42 16.52 32.05
CA GLY B 121 60.39 17.28 33.29
C GLY B 121 59.25 18.25 33.43
N LEU B 122 58.30 18.26 32.47
CA LEU B 122 57.16 19.15 32.51
C LEU B 122 55.92 18.38 32.92
N PRO B 123 55.29 18.73 34.05
CA PRO B 123 54.06 18.02 34.45
C PRO B 123 52.96 18.07 33.39
N LEU B 124 52.82 19.20 32.70
CA LEU B 124 51.87 19.27 31.61
C LEU B 124 52.34 18.42 30.44
N ASP B 125 51.42 17.66 29.85
CA ASP B 125 51.73 16.76 28.76
C ASP B 125 50.71 16.90 27.65
N GLY B 126 51.13 16.53 26.44
CA GLY B 126 50.22 16.55 25.31
C GLY B 126 49.05 15.61 25.52
N GLU B 127 47.85 16.10 25.23
CA GLU B 127 46.60 15.36 25.41
C GLU B 127 46.47 14.82 26.84
N PRO B 128 46.30 15.70 27.84
CA PRO B 128 46.06 15.19 29.20
C PRO B 128 44.78 14.39 29.31
N ILE B 129 43.77 14.74 28.51
CA ILE B 129 42.53 13.97 28.49
C ILE B 129 42.77 12.57 27.96
N ILE B 130 43.69 12.43 26.99
CA ILE B 130 44.16 11.18 26.42
C ILE B 130 43.00 10.21 26.17
N ASN B 131 41.93 10.71 25.54
CA ASN B 131 40.82 9.84 25.17
C ASN B 131 41.29 8.76 24.21
N VAL B 132 40.89 7.52 24.50
CA VAL B 132 41.32 6.35 23.74
C VAL B 132 40.09 5.71 23.13
N PRO B 133 40.08 5.40 21.84
CA PRO B 133 38.89 4.81 21.23
C PRO B 133 38.52 3.48 21.85
N LEU B 134 37.22 3.20 21.90
CA LEU B 134 36.75 1.93 22.41
C LEU B 134 36.93 0.85 21.35
N ILE B 135 37.64 -0.22 21.72
CA ILE B 135 37.94 -1.32 20.81
C ILE B 135 37.17 -2.54 21.26
N HIS B 136 36.42 -3.13 20.35
CA HIS B 136 35.69 -4.36 20.65
C HIS B 136 36.66 -5.54 20.64
N ALA B 137 36.59 -6.35 21.69
CA ALA B 137 37.41 -7.55 21.78
C ALA B 137 36.76 -8.65 20.97
N ARG B 138 37.57 -9.44 20.27
CA ARG B 138 37.07 -10.42 19.32
C ARG B 138 37.77 -11.75 19.54
N LEU B 139 36.97 -12.83 19.55
CA LEU B 139 37.46 -14.18 19.82
C LEU B 139 37.35 -15.03 18.57
N TYR B 140 38.47 -15.61 18.14
CA TYR B 140 38.51 -16.53 17.02
C TYR B 140 38.84 -17.94 17.51
N ASN B 141 38.71 -18.90 16.59
CA ASN B 141 39.00 -20.31 16.89
C ASN B 141 38.16 -20.80 18.08
N TYR B 142 36.85 -20.55 18.02
CA TYR B 142 35.95 -20.98 19.08
C TYR B 142 35.72 -22.48 18.97
N GLU B 143 36.17 -23.23 19.98
CA GLU B 143 36.21 -24.68 19.92
C GLU B 143 34.84 -25.33 19.76
N PRO B 144 33.83 -24.99 20.57
CA PRO B 144 32.51 -25.59 20.36
C PRO B 144 31.86 -25.02 19.10
N LEU B 145 31.64 -25.88 18.12
CA LEU B 145 31.13 -25.48 16.82
C LEU B 145 29.71 -26.01 16.63
N THR B 146 28.84 -25.19 16.07
CA THR B 146 27.44 -25.53 15.82
C THR B 146 27.13 -25.40 14.35
N GLN B 147 26.79 -26.51 13.71
CA GLN B 147 26.45 -26.47 12.30
C GLN B 147 25.07 -25.83 12.10
N LEU B 148 24.79 -25.49 10.83
CA LEU B 148 23.56 -24.76 10.54
C LEU B 148 22.32 -25.61 10.75
N LYS B 149 22.43 -26.94 10.54
CA LYS B 149 21.34 -27.82 10.92
C LYS B 149 21.10 -27.79 12.42
N ASN B 150 22.17 -27.79 13.21
CA ASN B 150 22.03 -27.75 14.66
C ASN B 150 21.47 -26.42 15.12
N VAL B 151 21.77 -25.34 14.39
CA VAL B 151 21.28 -24.01 14.77
C VAL B 151 19.78 -24.02 14.93
N ARG B 152 19.31 -23.64 16.11
CA ARG B 152 17.91 -23.71 16.47
C ARG B 152 17.57 -22.50 17.34
N ALA B 153 16.29 -22.34 17.68
CA ALA B 153 15.89 -21.25 18.54
C ALA B 153 16.51 -21.35 19.92
N ASN B 154 17.00 -22.54 20.29
CA ASN B 154 17.74 -22.68 21.54
C ASN B 154 19.04 -21.89 21.50
N CYS B 155 19.69 -21.84 20.33
CA CYS B 155 20.94 -21.10 20.20
C CYS B 155 20.76 -19.61 20.38
N TYR B 156 19.53 -19.10 20.30
CA TYR B 156 19.29 -17.68 20.46
C TYR B 156 19.84 -17.18 21.79
N GLY B 157 20.55 -16.06 21.74
CA GLY B 157 21.20 -15.53 22.92
C GLY B 157 22.49 -16.22 23.29
N LYS B 158 22.94 -17.19 22.50
CA LYS B 158 24.15 -17.95 22.79
C LYS B 158 25.19 -17.66 21.73
N TYR B 159 26.44 -18.00 22.05
CA TYR B 159 27.56 -17.78 21.15
C TYR B 159 27.87 -19.09 20.42
N ILE B 160 27.85 -19.06 19.09
CA ILE B 160 28.07 -20.25 18.28
C ILE B 160 29.20 -19.99 17.31
N ALA B 161 29.82 -21.07 16.86
CA ALA B 161 30.84 -21.04 15.82
C ALA B 161 30.40 -21.97 14.70
N LEU B 162 30.31 -21.45 13.49
CA LEU B 162 29.80 -22.20 12.34
C LEU B 162 30.81 -22.15 11.21
N ARG B 163 30.99 -23.29 10.54
CA ARG B 163 31.88 -23.39 9.39
C ARG B 163 31.02 -23.39 8.12
N GLY B 164 30.82 -22.21 7.53
CA GLY B 164 29.98 -22.10 6.37
C GLY B 164 30.61 -21.21 5.32
N THR B 165 30.17 -21.41 4.09
CA THR B 165 30.66 -20.66 2.94
C THR B 165 29.68 -19.55 2.61
N VAL B 166 30.18 -18.31 2.56
CA VAL B 166 29.33 -17.15 2.30
C VAL B 166 28.99 -17.12 0.82
N VAL B 167 27.70 -16.93 0.51
CA VAL B 167 27.28 -16.91 -0.88
C VAL B 167 27.07 -15.48 -1.37
N ARG B 168 26.45 -14.64 -0.55
CA ARG B 168 26.11 -13.28 -0.94
C ARG B 168 26.71 -12.30 0.05
N VAL B 169 27.42 -11.30 -0.46
CA VAL B 169 27.99 -10.24 0.36
C VAL B 169 27.39 -8.93 -0.10
N SER B 170 26.63 -8.28 0.78
CA SER B 170 26.06 -6.98 0.46
C SER B 170 27.12 -5.90 0.55
N ASN B 171 26.97 -4.87 -0.27
CA ASN B 171 27.90 -3.75 -0.23
C ASN B 171 27.79 -3.02 1.10
N ILE B 172 28.88 -2.35 1.48
CA ILE B 172 28.98 -1.76 2.82
C ILE B 172 27.88 -0.72 2.99
N LYS B 173 27.13 -0.83 4.07
CA LYS B 173 26.05 0.10 4.35
C LYS B 173 26.13 0.59 5.79
N PRO B 174 26.06 1.90 5.99
CA PRO B 174 26.09 2.46 7.35
C PRO B 174 25.03 1.87 8.26
N LEU B 175 25.36 1.86 9.55
CA LEU B 175 24.44 1.50 10.62
C LEU B 175 24.65 2.45 11.79
N CYS B 176 23.55 3.01 12.29
CA CYS B 176 23.62 4.04 13.33
C CYS B 176 23.77 3.36 14.69
N THR B 177 25.01 3.21 15.15
CA THR B 177 25.24 2.57 16.44
C THR B 177 24.91 3.52 17.60
N LYS B 178 25.03 4.83 17.37
CA LYS B 178 24.65 5.83 18.35
C LYS B 178 23.92 6.95 17.64
N LEU B 179 22.74 7.29 18.15
CA LEU B 179 21.91 8.35 17.57
C LEU B 179 21.70 9.43 18.63
N ALA B 180 22.26 10.61 18.37
CA ALA B 180 22.06 11.72 19.29
C ALA B 180 20.61 12.21 19.21
N PHE B 181 20.10 12.65 20.35
CA PHE B 181 18.75 13.17 20.44
C PHE B 181 18.77 14.51 21.17
N VAL B 182 18.11 15.51 20.58
CA VAL B 182 17.97 16.82 21.18
C VAL B 182 16.49 17.05 21.48
N CYS B 183 16.20 17.56 22.67
CA CYS B 183 14.83 17.84 23.08
C CYS B 183 14.55 19.33 22.96
N GLY B 184 13.43 19.66 22.32
CA GLY B 184 13.09 21.07 22.11
C GLY B 184 12.87 21.81 23.41
N THR B 185 12.12 21.21 24.34
CA THR B 185 11.92 21.84 25.64
C THR B 185 13.23 21.91 26.42
N CYS B 186 14.03 20.84 26.37
CA CYS B 186 15.28 20.83 27.12
C CYS B 186 16.33 21.73 26.47
N GLY B 187 16.47 21.65 25.15
CA GLY B 187 17.48 22.42 24.45
C GLY B 187 18.86 21.82 24.45
N ASP B 188 19.03 20.58 24.93
CA ASP B 188 20.33 19.94 24.97
C ASP B 188 20.30 18.63 24.20
N VAL B 189 21.49 18.14 23.85
CA VAL B 189 21.64 16.96 23.01
C VAL B 189 22.25 15.84 23.84
N GLN B 190 21.62 14.68 23.84
CA GLN B 190 22.17 13.47 24.46
C GLN B 190 22.09 12.33 23.47
N SER B 191 23.11 11.47 23.48
CA SER B 191 23.14 10.32 22.58
C SER B 191 22.80 9.05 23.37
N VAL B 192 21.96 8.21 22.79
CA VAL B 192 21.52 6.97 23.41
C VAL B 192 22.18 5.82 22.67
N PRO B 193 22.69 4.81 23.37
CA PRO B 193 23.24 3.63 22.68
C PRO B 193 22.16 2.95 21.86
N LEU B 194 22.54 2.47 20.68
CA LEU B 194 21.57 1.92 19.77
C LEU B 194 21.94 0.49 19.38
N PRO B 195 21.21 -0.52 19.86
CA PRO B 195 21.50 -1.90 19.46
C PRO B 195 20.96 -2.22 18.07
N ASP B 196 21.85 -2.27 17.08
CA ASP B 196 21.52 -2.72 15.73
C ASP B 196 20.31 -1.97 15.17
N GLY B 197 20.45 -0.64 15.05
CA GLY B 197 19.35 0.18 14.60
C GLY B 197 18.18 0.13 15.58
N LYS B 198 16.96 0.16 15.07
CA LYS B 198 15.75 0.08 15.90
C LYS B 198 15.79 1.11 17.02
N TYR B 199 15.74 2.38 16.61
CA TYR B 199 16.09 3.47 17.52
C TYR B 199 15.18 3.47 18.74
N THR B 200 15.79 3.60 19.91
CA THR B 200 15.08 3.67 21.17
C THR B 200 14.95 5.14 21.58
N LEU B 201 13.74 5.55 21.90
CA LEU B 201 13.51 6.95 22.24
C LEU B 201 14.23 7.28 23.55
N PRO B 202 14.86 8.45 23.64
CA PRO B 202 15.64 8.77 24.87
C PRO B 202 14.81 8.75 26.14
N THR B 203 13.54 9.15 26.06
CA THR B 203 12.62 9.19 27.21
C THR B 203 13.22 10.14 28.26
N LYS B 204 13.60 9.67 29.44
CA LYS B 204 14.06 10.56 30.50
C LYS B 204 15.36 11.25 30.11
N CYS B 205 15.59 12.42 30.71
CA CYS B 205 16.78 13.21 30.48
C CYS B 205 17.26 13.83 31.78
N LEU B 206 18.29 14.67 31.67
CA LEU B 206 18.84 15.32 32.85
C LEU B 206 17.84 16.28 33.48
N VAL B 207 17.13 17.05 32.67
CA VAL B 207 16.19 18.04 33.17
C VAL B 207 14.99 17.34 33.78
N PRO B 208 14.69 17.57 35.06
CA PRO B 208 13.56 16.86 35.68
C PRO B 208 12.21 17.32 35.18
N GLU B 209 11.98 18.64 35.12
CA GLU B 209 10.64 19.14 34.77
C GLU B 209 10.30 18.86 33.31
N CYS B 210 11.22 19.19 32.39
CA CYS B 210 10.95 18.93 30.98
C CYS B 210 10.90 17.45 30.69
N ARG B 211 11.78 16.67 31.34
CA ARG B 211 11.87 15.21 31.22
C ARG B 211 11.73 14.73 29.77
N GLY B 212 12.28 15.51 28.84
CA GLY B 212 12.41 15.06 27.46
C GLY B 212 11.10 14.70 26.78
N ARG B 213 10.09 15.58 26.88
CA ARG B 213 8.81 15.28 26.27
C ARG B 213 8.87 15.39 24.75
N SER B 214 9.84 16.15 24.23
CA SER B 214 10.01 16.30 22.79
C SER B 214 11.05 15.32 22.29
N PHE B 215 10.76 14.66 21.17
CA PHE B 215 11.57 13.57 20.64
C PHE B 215 11.94 13.89 19.20
N THR B 216 13.17 14.36 18.99
CA THR B 216 13.62 14.76 17.67
C THR B 216 14.90 14.02 17.29
N PRO B 217 14.86 13.13 16.30
CA PRO B 217 16.08 12.49 15.83
C PRO B 217 16.82 13.37 14.84
N ASP B 218 18.12 13.58 15.08
CA ASP B 218 18.96 14.39 14.21
C ASP B 218 20.26 13.65 13.92
N ARG B 219 20.79 13.87 12.73
CA ARG B 219 22.06 13.26 12.31
C ARG B 219 23.20 14.27 12.23
N SER B 220 22.88 15.57 12.16
CA SER B 220 23.94 16.58 12.02
C SER B 220 24.82 16.65 13.26
N SER B 221 24.31 16.23 14.40
CA SER B 221 25.06 16.34 15.64
C SER B 221 26.31 15.47 15.58
N PRO B 222 27.46 15.97 16.05
CA PRO B 222 28.67 15.13 16.06
C PRO B 222 28.57 13.96 17.03
N LEU B 223 27.66 14.03 18.01
CA LEU B 223 27.50 12.91 18.95
C LEU B 223 27.04 11.66 18.23
N THR B 224 26.19 11.80 17.23
CA THR B 224 25.75 10.66 16.43
C THR B 224 26.95 9.99 15.78
N ALA B 225 27.04 8.67 15.92
CA ALA B 225 28.12 7.90 15.34
C ALA B 225 27.54 6.77 14.52
N THR B 226 28.32 6.29 13.56
CA THR B 226 27.87 5.26 12.62
C THR B 226 29.00 4.26 12.42
N VAL B 227 28.61 3.00 12.22
CA VAL B 227 29.55 1.92 11.98
C VAL B 227 29.09 1.12 10.77
N ASP B 228 30.03 0.41 10.14
CA ASP B 228 29.71 -0.36 8.96
C ASP B 228 28.76 -1.51 9.29
N TRP B 229 27.92 -1.86 8.31
CA TRP B 229 27.00 -2.98 8.43
C TRP B 229 26.96 -3.74 7.10
N GLN B 230 27.74 -4.80 7.00
CA GLN B 230 27.78 -5.60 5.79
C GLN B 230 27.10 -6.93 6.06
N SER B 231 26.04 -7.21 5.30
CA SER B 231 25.23 -8.41 5.49
C SER B 231 25.76 -9.52 4.57
N VAL B 232 26.26 -10.59 5.17
CA VAL B 232 26.75 -11.75 4.43
C VAL B 232 25.92 -12.96 4.84
N LYS B 233 25.62 -13.81 3.85
CA LYS B 233 24.82 -15.01 4.07
C LYS B 233 25.69 -16.23 3.82
N VAL B 234 25.71 -17.14 4.79
CA VAL B 234 26.60 -18.30 4.77
C VAL B 234 25.78 -19.57 4.69
N GLN B 235 26.26 -20.53 3.90
CA GLN B 235 25.68 -21.87 3.81
C GLN B 235 26.73 -22.88 4.20
N GLU B 236 26.34 -23.90 4.95
CA GLU B 236 27.29 -24.88 5.45
C GLU B 236 27.79 -25.80 4.34
N LEU B 237 29.09 -26.08 4.38
CA LEU B 237 29.70 -26.93 3.37
C LEU B 237 29.22 -28.36 3.50
N MET B 238 28.78 -28.93 2.38
CA MET B 238 28.12 -30.23 2.35
C MET B 238 29.00 -31.22 1.62
N SER B 239 29.14 -32.42 2.19
CA SER B 239 29.85 -33.49 1.53
C SER B 239 29.15 -33.88 0.22
N ASP B 240 29.95 -34.34 -0.74
CA ASP B 240 29.47 -34.81 -2.03
C ASP B 240 29.46 -36.34 -2.12
N ASP B 241 29.48 -37.02 -0.97
CA ASP B 241 29.59 -38.48 -0.98
C ASP B 241 28.36 -39.13 -1.60
N GLN B 242 27.17 -38.69 -1.23
CA GLN B 242 25.92 -39.30 -1.68
C GLN B 242 25.10 -38.31 -2.50
N ARG B 243 24.18 -38.86 -3.30
CA ARG B 243 23.30 -38.01 -4.08
C ARG B 243 22.23 -37.36 -3.19
N GLU B 244 21.89 -38.01 -2.07
CA GLU B 244 21.02 -37.36 -1.10
C GLU B 244 21.66 -36.09 -0.57
N ALA B 245 22.96 -36.14 -0.31
CA ALA B 245 23.71 -34.92 -0.04
C ALA B 245 23.77 -34.06 -1.30
N GLY B 246 23.89 -32.75 -1.10
CA GLY B 246 23.71 -31.80 -2.18
C GLY B 246 22.36 -31.10 -2.19
N ARG B 247 21.52 -31.37 -1.20
CA ARG B 247 20.24 -30.70 -1.04
C ARG B 247 20.48 -29.21 -0.74
N ILE B 248 19.42 -28.41 -0.85
CA ILE B 248 19.51 -26.97 -0.61
C ILE B 248 20.02 -26.72 0.81
N PRO B 249 21.06 -25.92 0.98
CA PRO B 249 21.66 -25.74 2.31
C PRO B 249 20.86 -24.76 3.16
N ARG B 250 20.96 -24.94 4.47
CA ARG B 250 20.46 -23.95 5.41
C ARG B 250 21.37 -22.75 5.42
N THR B 251 20.78 -21.55 5.34
CA THR B 251 21.54 -20.30 5.36
C THR B 251 20.97 -19.39 6.43
N ILE B 252 21.85 -18.76 7.21
CA ILE B 252 21.45 -17.74 8.17
C ILE B 252 22.21 -16.46 7.84
N GLU B 253 21.50 -15.33 7.84
CA GLU B 253 22.14 -14.05 7.55
C GLU B 253 23.15 -13.71 8.64
N CYS B 254 24.23 -13.06 8.24
CA CYS B 254 25.29 -12.69 9.16
C CYS B 254 25.56 -11.20 9.06
N GLU B 255 25.52 -10.51 10.20
CA GLU B 255 25.80 -9.09 10.28
C GLU B 255 27.26 -8.87 10.66
N LEU B 256 27.98 -8.17 9.81
CA LEU B 256 29.36 -7.77 10.08
C LEU B 256 29.38 -6.30 10.46
N VAL B 257 30.07 -5.98 11.55
CA VAL B 257 30.08 -4.62 12.07
C VAL B 257 31.52 -4.21 12.38
N GLN B 258 31.78 -2.91 12.22
CA GLN B 258 33.08 -2.28 12.52
C GLN B 258 34.15 -2.93 11.62
N ASP B 259 35.28 -3.39 12.16
CA ASP B 259 36.39 -3.83 11.33
C ASP B 259 36.04 -5.06 10.51
N LEU B 260 35.06 -5.83 10.96
CA LEU B 260 34.73 -7.10 10.30
C LEU B 260 34.28 -6.90 8.86
N VAL B 261 33.84 -5.70 8.49
CA VAL B 261 33.39 -5.45 7.13
C VAL B 261 34.55 -5.62 6.17
N ASP B 262 34.25 -6.13 4.97
CA ASP B 262 35.17 -6.43 3.87
C ASP B 262 36.07 -7.61 4.18
N SER B 263 36.07 -8.14 5.41
CA SER B 263 36.84 -9.34 5.68
C SER B 263 36.26 -10.55 4.96
N CYS B 264 34.94 -10.65 4.90
CA CYS B 264 34.29 -11.72 4.15
C CYS B 264 34.38 -11.43 2.65
N VAL B 265 34.60 -12.50 1.88
CA VAL B 265 34.64 -12.40 0.42
C VAL B 265 33.79 -13.52 -0.15
N PRO B 266 32.96 -13.26 -1.16
CA PRO B 266 32.08 -14.33 -1.69
C PRO B 266 32.88 -15.51 -2.22
N GLY B 267 32.33 -16.71 -2.02
CA GLY B 267 32.98 -17.93 -2.44
C GLY B 267 34.03 -18.46 -1.48
N ASP B 268 34.13 -17.90 -0.29
CA ASP B 268 35.15 -18.28 0.69
C ASP B 268 34.49 -18.87 1.93
N VAL B 269 35.12 -19.89 2.50
CA VAL B 269 34.63 -20.50 3.73
C VAL B 269 35.17 -19.71 4.91
N VAL B 270 34.28 -19.33 5.82
CA VAL B 270 34.62 -18.51 6.97
C VAL B 270 33.99 -19.11 8.22
N THR B 271 34.77 -19.18 9.30
CA THR B 271 34.28 -19.71 10.57
C THR B 271 33.80 -18.53 11.42
N ILE B 272 32.57 -18.12 11.19
CA ILE B 272 32.01 -16.93 11.82
C ILE B 272 31.57 -17.30 13.24
N THR B 273 32.43 -17.01 14.21
CA THR B 273 32.11 -17.24 15.60
C THR B 273 31.42 -15.99 16.14
N GLY B 274 30.10 -15.98 16.12
CA GLY B 274 29.39 -14.75 16.47
C GLY B 274 28.13 -15.01 17.27
N VAL B 275 27.66 -13.95 17.92
CA VAL B 275 26.41 -14.00 18.65
C VAL B 275 25.26 -14.04 17.66
N VAL B 276 24.23 -14.82 17.97
CA VAL B 276 23.05 -14.96 17.13
C VAL B 276 21.89 -14.22 17.78
N LYS B 277 21.13 -13.48 16.98
CA LYS B 277 19.94 -12.77 17.44
C LYS B 277 18.87 -12.84 16.36
N VAL B 278 17.67 -12.40 16.72
CA VAL B 278 16.53 -12.48 15.80
C VAL B 278 16.55 -11.29 14.85
N SER B 279 16.13 -11.54 13.61
CA SER B 279 16.02 -10.50 12.58
C SER B 279 14.56 -10.07 12.51
N SER B 280 14.22 -9.02 13.25
CA SER B 280 12.81 -8.63 13.40
C SER B 280 12.23 -8.13 12.09
N THR B 281 13.09 -7.67 11.16
CA THR B 281 12.58 -7.11 9.91
C THR B 281 11.84 -8.16 9.09
N GLU B 282 12.38 -9.38 9.02
CA GLU B 282 11.72 -10.44 8.28
C GLU B 282 11.34 -11.59 9.21
N VAL B 294 7.99 -15.87 12.95
CA VAL B 294 8.27 -15.25 11.67
C VAL B 294 9.73 -14.76 11.63
N PHE B 295 10.32 -14.62 12.82
CA PHE B 295 11.71 -14.18 12.91
C PHE B 295 12.64 -15.28 12.40
N LEU B 296 13.80 -14.87 11.89
CA LEU B 296 14.83 -15.79 11.44
C LEU B 296 16.14 -15.43 12.12
N LEU B 297 16.84 -16.43 12.65
CA LEU B 297 18.09 -16.18 13.35
C LEU B 297 19.15 -15.60 12.41
N TYR B 298 19.74 -14.50 12.83
CA TYR B 298 20.88 -13.92 12.11
C TYR B 298 22.00 -13.69 13.10
N ILE B 299 23.20 -14.12 12.71
CA ILE B 299 24.36 -14.11 13.59
C ILE B 299 25.06 -12.75 13.47
N GLU B 300 25.05 -12.00 14.57
CA GLU B 300 25.77 -10.73 14.66
C GLU B 300 27.22 -11.06 14.89
N ALA B 301 28.00 -11.08 13.82
CA ALA B 301 29.34 -11.66 13.87
C ALA B 301 30.21 -10.97 14.91
N ASN B 302 30.92 -11.80 15.69
CA ASN B 302 31.98 -11.33 16.57
C ASN B 302 33.33 -11.32 15.89
N SER B 303 33.77 -12.47 15.37
CA SER B 303 35.02 -12.56 14.65
C SER B 303 34.87 -13.51 13.48
N VAL B 304 35.43 -13.12 12.35
CA VAL B 304 35.39 -13.92 11.13
C VAL B 304 36.82 -14.33 10.78
N SER B 305 37.07 -15.64 10.76
CA SER B 305 38.37 -16.18 10.42
C SER B 305 38.32 -16.75 9.02
N ASN B 306 39.17 -16.23 8.14
CA ASN B 306 39.21 -16.70 6.77
C ASN B 306 39.84 -18.09 6.71
N SER B 307 39.70 -18.72 5.54
CA SER B 307 40.31 -20.03 5.34
C SER B 307 41.83 -19.95 5.46
N LYS B 308 42.43 -18.90 4.91
CA LYS B 308 43.87 -18.71 4.96
C LYS B 308 44.28 -17.93 6.21
N ALA C 2 -15.22 -28.21 29.05
CA ALA C 2 -13.88 -27.88 29.51
C ALA C 2 -13.45 -28.83 30.62
N LEU C 3 -12.13 -28.98 30.78
CA LEU C 3 -11.60 -29.90 31.78
C LEU C 3 -11.69 -29.31 33.18
N ARG C 4 -11.94 -30.18 34.16
CA ARG C 4 -11.94 -29.77 35.55
C ARG C 4 -10.57 -30.03 36.17
N ALA C 5 -10.30 -29.35 37.29
CA ALA C 5 -9.00 -29.47 37.95
C ALA C 5 -8.74 -30.91 38.41
N ASP C 6 -9.76 -31.56 38.99
CA ASP C 6 -9.60 -32.94 39.41
C ASP C 6 -9.35 -33.86 38.22
N GLN C 7 -10.08 -33.65 37.12
CA GLN C 7 -9.87 -34.45 35.92
C GLN C 7 -8.46 -34.22 35.37
N VAL C 8 -7.99 -32.97 35.38
CA VAL C 8 -6.64 -32.67 34.95
C VAL C 8 -5.63 -33.44 35.79
N SER C 9 -5.83 -33.42 37.11
CA SER C 9 -4.91 -34.13 38.00
C SER C 9 -4.91 -35.62 37.73
N LEU C 10 -6.10 -36.22 37.53
CA LEU C 10 -6.17 -37.64 37.25
C LEU C 10 -5.46 -38.00 35.95
N ILE C 11 -5.73 -37.24 34.88
CA ILE C 11 -5.10 -37.52 33.59
C ILE C 11 -3.59 -37.40 33.70
N GLY C 12 -3.11 -36.33 34.35
CA GLY C 12 -1.68 -36.15 34.50
C GLY C 12 -1.04 -37.26 35.31
N GLN C 13 -1.69 -37.68 36.40
CA GLN C 13 -1.15 -38.74 37.24
C GLN C 13 -1.04 -40.05 36.46
N VAL C 14 -2.09 -40.42 35.72
CA VAL C 14 -2.05 -41.69 34.99
C VAL C 14 -1.03 -41.63 33.86
N PHE C 15 -0.93 -40.48 33.18
CA PHE C 15 0.06 -40.33 32.13
C PHE C 15 1.48 -40.45 32.69
N GLU C 16 1.73 -39.82 33.83
CA GLU C 16 3.04 -39.91 34.48
C GLU C 16 3.34 -41.36 34.87
N SER C 17 2.36 -42.07 35.42
CA SER C 17 2.58 -43.45 35.80
C SER C 17 2.89 -44.31 34.57
N TYR C 18 2.17 -44.09 33.48
CA TYR C 18 2.41 -44.86 32.27
C TYR C 18 3.82 -44.63 31.74
N LEU C 19 4.25 -43.36 31.68
CA LEU C 19 5.59 -43.08 31.18
C LEU C 19 6.67 -43.62 32.13
N LEU C 20 6.43 -43.56 33.43
CA LEU C 20 7.39 -44.12 34.38
C LEU C 20 7.52 -45.63 34.21
N GLN C 21 6.40 -46.32 33.99
CA GLN C 21 6.46 -47.77 33.87
C GLN C 21 7.00 -48.20 32.50
N HIS C 22 6.85 -47.37 31.48
CA HIS C 22 7.21 -47.77 30.13
C HIS C 22 8.38 -47.01 29.52
N HIS C 23 8.31 -45.67 29.44
CA HIS C 23 9.30 -44.88 28.72
C HIS C 23 10.37 -44.29 29.64
N ARG C 24 10.66 -44.96 30.76
CA ARG C 24 11.61 -44.41 31.73
C ARG C 24 13.01 -44.27 31.13
N ASP C 25 13.44 -45.26 30.34
CA ASP C 25 14.76 -45.20 29.73
C ASP C 25 14.88 -44.03 28.76
N ASP C 26 13.80 -43.74 28.03
CA ASP C 26 13.81 -42.60 27.13
C ASP C 26 13.95 -41.29 27.90
N ILE C 27 13.30 -41.19 29.07
CA ILE C 27 13.45 -39.99 29.89
C ILE C 27 14.87 -39.88 30.42
N LEU C 28 15.48 -41.01 30.78
CA LEU C 28 16.89 -40.99 31.16
C LEU C 28 17.75 -40.45 30.03
N GLY C 29 17.53 -40.94 28.81
CA GLY C 29 18.27 -40.44 27.66
C GLY C 29 18.04 -38.97 27.42
N ILE C 30 16.81 -38.49 27.67
CA ILE C 30 16.50 -37.07 27.50
C ILE C 30 17.30 -36.22 28.49
N LEU C 31 17.26 -36.59 29.77
CA LEU C 31 17.98 -35.79 30.76
C LEU C 31 19.48 -35.99 30.67
N ARG C 32 19.94 -37.00 29.94
CA ARG C 32 21.37 -37.22 29.79
C ARG C 32 22.02 -36.15 28.92
N GLN C 33 21.27 -35.62 27.95
CA GLN C 33 21.82 -34.63 27.02
C GLN C 33 22.19 -33.35 27.74
N GLY C 34 23.19 -32.64 27.21
CA GLY C 34 23.71 -31.48 27.89
C GLY C 34 22.86 -30.23 27.71
N ASP C 35 22.34 -30.03 26.51
CA ASP C 35 21.62 -28.80 26.18
C ASP C 35 20.25 -28.79 26.83
N ASP C 36 20.08 -27.94 27.85
CA ASP C 36 18.80 -27.89 28.57
C ASP C 36 17.75 -27.13 27.77
N GLU C 37 18.17 -26.14 26.99
CA GLU C 37 17.21 -25.34 26.23
C GLU C 37 16.64 -26.13 25.06
N ALA C 38 17.24 -27.27 24.74
CA ALA C 38 16.79 -28.07 23.60
C ALA C 38 15.45 -28.73 23.87
N HIS C 39 14.71 -29.00 22.79
CA HIS C 39 13.42 -29.66 22.89
C HIS C 39 13.58 -31.16 22.73
N TYR C 40 12.82 -31.94 23.50
CA TYR C 40 13.05 -33.37 23.55
C TYR C 40 11.75 -34.15 23.38
N PRO C 41 11.74 -35.16 22.50
CA PRO C 41 10.54 -35.97 22.32
C PRO C 41 10.48 -37.14 23.30
N VAL C 42 9.31 -37.41 23.88
CA VAL C 42 9.15 -38.56 24.75
C VAL C 42 8.50 -39.74 24.04
N LEU C 43 7.75 -39.50 22.97
CA LEU C 43 7.19 -40.55 22.10
C LEU C 43 6.31 -41.51 22.89
N VAL C 44 5.19 -40.99 23.40
CA VAL C 44 4.22 -41.83 24.07
C VAL C 44 3.27 -42.43 23.04
N ASP C 45 2.98 -43.71 23.17
CA ASP C 45 2.16 -44.44 22.22
C ASP C 45 0.69 -44.31 22.60
N ALA C 46 -0.16 -44.07 21.60
CA ALA C 46 -1.55 -43.73 21.86
C ALA C 46 -2.35 -44.94 22.32
N LEU C 47 -2.21 -46.08 21.63
CA LEU C 47 -3.10 -47.21 21.87
C LEU C 47 -2.84 -47.84 23.24
N THR C 48 -1.57 -47.98 23.62
CA THR C 48 -1.25 -48.52 24.94
C THR C 48 -1.74 -47.58 26.03
N LEU C 49 -1.54 -46.27 25.85
CA LEU C 49 -2.03 -45.31 26.84
C LEU C 49 -3.55 -45.39 26.98
N PHE C 50 -4.24 -45.59 25.86
CA PHE C 50 -5.71 -45.67 25.90
C PHE C 50 -6.16 -46.95 26.60
N GLU C 51 -5.50 -48.08 26.31
CA GLU C 51 -5.94 -49.34 26.91
C GLU C 51 -5.59 -49.38 28.40
N THR C 52 -4.55 -48.65 28.81
CA THR C 52 -4.26 -48.55 30.24
C THR C 52 -5.37 -47.81 30.98
N ASN C 53 -5.89 -46.73 30.40
CA ASN C 53 -6.90 -45.90 31.04
C ASN C 53 -7.85 -45.42 29.96
N MET C 54 -9.13 -45.83 30.06
CA MET C 54 -10.10 -45.48 29.02
C MET C 54 -10.49 -44.01 29.09
N GLU C 55 -10.45 -43.42 30.29
CA GLU C 55 -10.79 -42.00 30.43
C GLU C 55 -9.81 -41.12 29.68
N ILE C 56 -8.53 -41.48 29.70
CA ILE C 56 -7.52 -40.72 28.97
C ILE C 56 -7.84 -40.72 27.48
N GLY C 57 -8.21 -41.88 26.94
CA GLY C 57 -8.49 -41.95 25.52
C GLY C 57 -9.60 -41.01 25.09
N GLU C 58 -10.75 -41.09 25.77
CA GLU C 58 -11.88 -40.25 25.41
C GLU C 58 -11.58 -38.77 25.64
N TYR C 59 -10.87 -38.44 26.73
CA TYR C 59 -10.62 -37.03 27.02
C TYR C 59 -9.60 -36.45 26.06
N PHE C 60 -8.57 -37.22 25.70
CA PHE C 60 -7.60 -36.76 24.72
C PHE C 60 -8.24 -36.60 23.36
N ASN C 61 -9.10 -37.55 22.97
CA ASN C 61 -9.76 -37.44 21.67
C ASN C 61 -10.72 -36.25 21.64
N ALA C 62 -11.37 -35.95 22.76
CA ALA C 62 -12.30 -34.83 22.80
C ALA C 62 -11.58 -33.49 22.79
N PHE C 63 -10.54 -33.33 23.61
CA PHE C 63 -9.87 -32.05 23.82
C PHE C 63 -8.36 -32.23 23.78
N PRO C 64 -7.78 -32.49 22.60
CA PRO C 64 -6.31 -32.63 22.55
C PRO C 64 -5.57 -31.39 23.02
N SER C 65 -6.08 -30.21 22.67
CA SER C 65 -5.36 -28.97 22.96
C SER C 65 -5.24 -28.72 24.45
N GLN C 66 -6.20 -29.21 25.23
CA GLN C 66 -6.13 -29.06 26.68
C GLN C 66 -5.34 -30.19 27.31
N VAL C 67 -5.42 -31.38 26.72
CA VAL C 67 -4.76 -32.56 27.29
C VAL C 67 -3.24 -32.45 27.15
N LEU C 68 -2.77 -31.94 26.01
CA LEU C 68 -1.32 -31.91 25.78
C LEU C 68 -0.54 -31.10 26.83
N PRO C 69 -0.98 -29.91 27.26
CA PRO C 69 -0.27 -29.27 28.38
C PRO C 69 -0.24 -30.10 29.65
N ILE C 70 -1.33 -30.81 29.95
CA ILE C 70 -1.32 -31.70 31.12
C ILE C 70 -0.32 -32.83 30.90
N PHE C 71 -0.20 -33.30 29.66
CA PHE C 71 0.81 -34.30 29.36
C PHE C 71 2.21 -33.74 29.58
N ASP C 72 2.43 -32.46 29.25
CA ASP C 72 3.73 -31.84 29.51
C ASP C 72 4.00 -31.71 31.00
N GLY C 73 2.97 -31.39 31.78
CA GLY C 73 3.13 -31.39 33.23
C GLY C 73 3.48 -32.75 33.77
N ALA C 74 2.86 -33.79 33.23
CA ALA C 74 3.22 -35.16 33.60
C ALA C 74 4.66 -35.47 33.19
N LEU C 75 5.10 -34.94 32.04
CA LEU C 75 6.50 -35.06 31.65
C LEU C 75 7.40 -34.43 32.70
N ARG C 76 7.04 -33.25 33.18
CA ARG C 76 7.86 -32.56 34.18
C ARG C 76 7.93 -33.37 35.48
N ARG C 77 6.80 -33.93 35.92
CA ARG C 77 6.81 -34.73 37.14
C ARG C 77 7.62 -36.02 36.95
N ALA C 78 7.47 -36.67 35.80
CA ALA C 78 8.25 -37.87 35.52
C ALA C 78 9.73 -37.55 35.43
N ALA C 79 10.06 -36.36 34.93
CA ALA C 79 11.45 -35.93 34.92
C ALA C 79 11.97 -35.70 36.33
N MET C 80 11.14 -35.12 37.20
CA MET C 80 11.49 -35.04 38.62
C MET C 80 11.85 -36.41 39.17
N ALA C 81 10.98 -37.40 38.94
CA ALA C 81 11.18 -38.73 39.48
C ALA C 81 12.43 -39.39 38.90
N VAL C 82 12.66 -39.24 37.60
CA VAL C 82 13.81 -39.89 36.98
C VAL C 82 15.10 -39.21 37.40
N LEU C 83 15.05 -37.90 37.66
CA LEU C 83 16.24 -37.18 38.11
C LEU C 83 16.62 -37.59 39.52
N GLN C 84 15.63 -37.68 40.42
CA GLN C 84 15.95 -38.14 41.76
C GLN C 84 16.34 -39.61 41.76
N ALA C 85 15.87 -40.36 40.76
CA ALA C 85 16.23 -41.78 40.67
C ALA C 85 17.68 -41.96 40.21
N ALA C 86 18.13 -41.14 39.26
CA ALA C 86 19.45 -41.31 38.68
C ALA C 86 20.53 -40.85 39.66
N THR C 87 21.54 -41.70 39.83
CA THR C 87 22.63 -41.38 40.76
C THR C 87 23.47 -40.18 40.34
N PRO C 88 24.00 -40.09 39.09
CA PRO C 88 24.88 -38.96 38.77
C PRO C 88 24.14 -37.64 38.59
N SER C 89 24.49 -36.64 39.39
CA SER C 89 23.80 -35.35 39.29
C SER C 89 24.30 -34.48 38.13
N PRO C 90 25.60 -34.21 37.95
CA PRO C 90 26.01 -33.36 36.83
C PRO C 90 25.65 -33.94 35.46
N GLU C 91 25.70 -35.26 35.31
CA GLU C 91 25.36 -35.87 34.03
C GLU C 91 23.88 -35.72 33.71
N LEU C 92 23.02 -35.86 34.72
CA LEU C 92 21.58 -35.78 34.53
C LEU C 92 21.10 -34.39 34.91
N ARG C 93 20.77 -33.58 33.91
CA ARG C 93 20.32 -32.20 34.09
C ARG C 93 18.86 -32.07 33.68
N MET C 94 18.13 -31.21 34.37
CA MET C 94 16.69 -31.11 34.15
C MET C 94 16.39 -30.38 32.85
N LYS C 95 15.31 -30.77 32.19
CA LYS C 95 14.96 -30.22 30.89
C LYS C 95 13.63 -29.49 30.99
N PRO C 96 13.62 -28.16 31.16
CA PRO C 96 12.34 -27.44 31.15
C PRO C 96 11.59 -27.56 29.83
N ASN C 97 12.31 -27.77 28.73
CA ASN C 97 11.69 -27.88 27.41
C ASN C 97 11.39 -29.36 27.13
N LEU C 98 10.23 -29.80 27.61
CA LEU C 98 9.76 -31.16 27.41
C LEU C 98 8.37 -31.11 26.80
N HIS C 99 8.17 -31.83 25.69
CA HIS C 99 6.91 -31.81 24.97
C HIS C 99 6.51 -33.24 24.61
N ALA C 100 5.26 -33.58 24.91
CA ALA C 100 4.79 -34.94 24.70
C ALA C 100 4.54 -35.23 23.23
N ARG C 101 4.95 -36.40 22.78
CA ARG C 101 4.78 -36.84 21.40
C ARG C 101 3.92 -38.09 21.37
N ILE C 102 2.76 -37.99 20.73
CA ILE C 102 1.78 -39.08 20.72
C ILE C 102 1.78 -39.70 19.32
N SER C 103 2.07 -41.00 19.26
CA SER C 103 2.22 -41.70 18.00
C SER C 103 1.51 -43.04 18.08
N GLY C 104 1.20 -43.59 16.90
CA GLY C 104 0.53 -44.87 16.83
C GLY C 104 -0.88 -44.85 17.36
N LEU C 105 -1.75 -44.05 16.75
CA LEU C 105 -3.14 -44.02 17.16
C LEU C 105 -3.80 -45.37 16.86
N PRO C 106 -4.73 -45.83 17.69
CA PRO C 106 -5.44 -47.08 17.38
C PRO C 106 -6.19 -46.97 16.07
N ILE C 107 -6.16 -48.04 15.30
CA ILE C 107 -6.73 -48.02 13.95
C ILE C 107 -8.25 -47.94 14.06
N CYS C 108 -8.79 -46.76 13.76
CA CYS C 108 -10.22 -46.50 13.78
C CYS C 108 -10.52 -45.47 12.71
N PRO C 109 -11.44 -45.76 11.78
CA PRO C 109 -11.73 -44.79 10.72
C PRO C 109 -12.19 -43.45 11.25
N GLU C 110 -12.92 -43.44 12.36
CA GLU C 110 -13.39 -42.17 12.93
C GLU C 110 -12.25 -41.43 13.64
N LEU C 111 -11.41 -42.15 14.39
CA LEU C 111 -10.34 -41.49 15.12
C LEU C 111 -9.22 -41.04 14.19
N THR C 112 -8.73 -41.94 13.34
CA THR C 112 -7.68 -41.63 12.37
C THR C 112 -8.25 -41.76 10.96
N ARG C 113 -8.23 -40.66 10.22
CA ARG C 113 -8.75 -40.61 8.86
C ARG C 113 -7.68 -40.04 7.93
N GLU C 114 -7.29 -40.84 6.93
CA GLU C 114 -6.16 -40.47 6.09
C GLU C 114 -6.43 -39.21 5.28
N HIS C 115 -7.70 -38.92 5.02
CA HIS C 115 -8.05 -37.77 4.20
C HIS C 115 -7.64 -36.46 4.86
N ILE C 116 -7.34 -35.48 4.01
CA ILE C 116 -7.09 -34.13 4.50
C ILE C 116 -8.31 -33.64 5.27
N PRO C 117 -8.16 -33.11 6.47
CA PRO C 117 -9.33 -32.80 7.30
C PRO C 117 -10.24 -31.76 6.66
N LYS C 118 -11.54 -31.93 6.87
CA LYS C 118 -12.53 -30.92 6.54
C LYS C 118 -12.86 -30.13 7.81
N THR C 119 -13.72 -29.11 7.67
CA THR C 119 -13.98 -28.21 8.79
C THR C 119 -14.65 -28.91 9.96
N ARG C 120 -15.23 -30.10 9.74
CA ARG C 120 -15.82 -30.83 10.85
C ARG C 120 -14.74 -31.37 11.78
N ASP C 121 -13.51 -31.52 11.29
CA ASP C 121 -12.45 -32.15 12.05
C ASP C 121 -11.67 -31.17 12.93
N VAL C 122 -12.07 -29.90 12.98
CA VAL C 122 -11.36 -28.96 13.84
C VAL C 122 -11.53 -29.35 15.29
N GLY C 123 -10.46 -29.23 16.06
CA GLY C 123 -10.50 -29.61 17.46
C GLY C 123 -10.45 -31.09 17.73
N HIS C 124 -10.07 -31.91 16.74
CA HIS C 124 -9.99 -33.35 16.90
C HIS C 124 -8.60 -33.83 16.50
N PHE C 125 -8.15 -34.89 17.17
CA PHE C 125 -6.83 -35.48 16.93
C PHE C 125 -6.96 -36.59 15.91
N LEU C 126 -6.06 -36.59 14.92
CA LEU C 126 -6.15 -37.54 13.81
C LEU C 126 -4.81 -37.62 13.09
N SER C 127 -4.68 -38.66 12.27
CA SER C 127 -3.51 -38.86 11.43
C SER C 127 -3.80 -38.37 10.02
N VAL C 128 -3.02 -37.41 9.55
CA VAL C 128 -3.19 -36.83 8.22
C VAL C 128 -1.97 -37.18 7.39
N THR C 129 -2.12 -38.15 6.49
CA THR C 129 -1.03 -38.65 5.67
C THR C 129 -0.99 -37.86 4.37
N GLY C 130 0.04 -37.04 4.22
CA GLY C 130 0.21 -36.25 3.01
C GLY C 130 1.67 -36.06 2.69
N THR C 131 1.96 -36.00 1.39
CA THR C 131 3.32 -35.80 0.91
C THR C 131 3.65 -34.32 0.91
N VAL C 132 4.78 -33.97 1.55
CA VAL C 132 5.16 -32.57 1.69
C VAL C 132 5.53 -32.01 0.32
N ILE C 133 4.92 -30.89 -0.04
CA ILE C 133 5.17 -30.26 -1.34
C ILE C 133 6.11 -29.06 -1.21
N ARG C 134 5.86 -28.18 -0.24
CA ARG C 134 6.73 -27.05 0.02
C ARG C 134 7.23 -27.14 1.46
N THR C 135 8.49 -26.78 1.65
CA THR C 135 9.10 -26.76 2.98
C THR C 135 9.56 -25.32 3.25
N SER C 136 8.74 -24.58 4.00
CA SER C 136 9.05 -23.19 4.27
C SER C 136 10.28 -23.09 5.18
N LEU C 137 10.97 -21.96 5.07
CA LEU C 137 12.18 -21.73 5.84
C LEU C 137 11.90 -21.76 7.34
N VAL C 138 12.94 -22.02 8.11
CA VAL C 138 12.82 -22.21 9.55
C VAL C 138 12.73 -20.85 10.22
N LYS C 139 11.52 -20.33 10.34
CA LYS C 139 11.28 -19.00 10.88
C LYS C 139 10.83 -19.12 12.33
N VAL C 140 11.73 -18.82 13.26
CA VAL C 140 11.38 -18.92 14.67
C VAL C 140 10.34 -17.87 15.03
N LEU C 141 9.55 -18.16 16.05
CA LEU C 141 8.43 -17.31 16.45
C LEU C 141 8.69 -16.69 17.82
N GLU C 142 8.44 -15.38 17.92
CA GLU C 142 8.47 -14.67 19.20
C GLU C 142 7.20 -15.06 19.97
N PHE C 143 7.22 -16.27 20.52
CA PHE C 143 5.98 -16.86 21.06
C PHE C 143 5.46 -16.06 22.25
N GLU C 144 6.36 -15.62 23.13
CA GLU C 144 5.99 -14.90 24.33
C GLU C 144 6.79 -13.61 24.42
N ARG C 145 6.12 -12.51 24.73
CA ARG C 145 6.76 -11.22 24.92
C ARG C 145 6.21 -10.58 26.18
N SER C 146 7.07 -10.42 27.19
CA SER C 146 6.68 -9.87 28.48
C SER C 146 6.42 -8.38 28.32
N TYR C 147 5.26 -7.93 28.78
CA TYR C 147 4.81 -6.56 28.59
C TYR C 147 4.67 -5.89 29.95
N ILE C 148 5.41 -4.80 30.15
CA ILE C 148 5.32 -3.99 31.36
C ILE C 148 4.99 -2.57 30.94
N CYS C 149 4.12 -1.92 31.71
CA CYS C 149 3.59 -0.62 31.31
C CYS C 149 3.46 0.34 32.49
N ASN C 150 2.71 1.43 32.29
CA ASN C 150 2.53 2.44 33.33
C ASN C 150 1.90 1.83 34.58
N LYS C 151 1.04 0.83 34.41
CA LYS C 151 0.46 0.14 35.55
C LYS C 151 1.56 -0.57 36.36
N CYS C 152 1.50 -0.40 37.67
CA CYS C 152 2.53 -1.00 38.53
C CYS C 152 2.41 -2.52 38.51
N LYS C 153 3.52 -3.19 38.20
CA LYS C 153 3.56 -4.65 38.05
C LYS C 153 2.52 -5.10 37.03
N HIS C 154 2.55 -4.48 35.85
CA HIS C 154 1.64 -4.88 34.78
C HIS C 154 1.95 -6.29 34.30
N VAL C 155 3.23 -6.57 34.04
CA VAL C 155 3.78 -7.90 33.73
C VAL C 155 2.86 -8.70 32.81
N PHE C 156 2.21 -8.02 31.88
CA PHE C 156 1.31 -8.69 30.95
C PHE C 156 2.08 -9.67 30.09
N VAL C 157 1.53 -10.88 29.95
CA VAL C 157 2.14 -11.94 29.17
C VAL C 157 1.25 -12.21 27.96
N ALA C 158 1.83 -12.11 26.76
CA ALA C 158 1.12 -12.30 25.51
C ALA C 158 1.73 -13.47 24.75
N LYS C 159 0.91 -14.44 24.40
CA LYS C 159 1.35 -15.62 23.66
C LYS C 159 0.76 -15.60 22.25
N ALA C 160 1.62 -15.81 21.26
CA ALA C 160 1.14 -15.87 19.88
C ALA C 160 0.19 -17.06 19.72
N ASP C 161 -1.08 -16.75 19.49
CA ASP C 161 -2.12 -17.76 19.43
C ASP C 161 -2.09 -18.45 18.07
N PHE C 162 -2.25 -19.78 18.09
CA PHE C 162 -2.27 -20.53 16.85
C PHE C 162 -3.47 -20.14 16.00
N GLU C 163 -4.63 -19.96 16.64
CA GLU C 163 -5.85 -19.65 15.90
C GLU C 163 -5.84 -18.22 15.36
N GLN C 164 -4.88 -17.41 15.79
CA GLN C 164 -4.83 -15.99 15.50
C GLN C 164 -3.86 -15.65 14.36
N TYR C 165 -3.41 -16.66 13.61
CA TYR C 165 -2.38 -16.46 12.58
C TYR C 165 -1.10 -15.92 13.20
N TYR C 166 -0.85 -16.30 14.46
CA TYR C 166 0.29 -15.79 15.24
C TYR C 166 0.28 -14.27 15.32
N ALA C 167 -0.78 -13.72 15.89
CA ALA C 167 -0.83 -12.35 16.38
C ALA C 167 -0.98 -12.40 17.89
N PHE C 168 -0.24 -11.54 18.59
CA PHE C 168 -0.22 -11.58 20.05
C PHE C 168 -1.62 -11.37 20.60
N CYS C 169 -1.95 -12.14 21.63
CA CYS C 169 -3.27 -12.06 22.24
C CYS C 169 -3.43 -10.77 23.05
N ARG C 170 -4.65 -10.26 23.09
CA ARG C 170 -4.98 -9.08 23.87
C ARG C 170 -6.12 -9.41 24.84
N PRO C 171 -6.15 -8.78 26.01
CA PRO C 171 -7.19 -9.10 27.00
C PRO C 171 -8.57 -8.74 26.49
N SER C 172 -9.52 -9.65 26.67
CA SER C 172 -10.91 -9.37 26.32
C SER C 172 -11.48 -8.27 27.19
N ALA C 173 -11.18 -8.31 28.48
CA ALA C 173 -11.58 -7.28 29.43
C ALA C 173 -10.37 -6.41 29.75
N CYS C 174 -10.51 -5.10 29.55
CA CYS C 174 -9.37 -4.21 29.71
C CYS C 174 -8.99 -4.06 31.18
N LEU C 175 -7.78 -4.51 31.50
CA LEU C 175 -7.19 -4.31 32.82
C LEU C 175 -6.51 -2.95 32.95
N ASN C 176 -6.26 -2.28 31.83
CA ASN C 176 -5.53 -1.00 31.82
C ASN C 176 -6.50 0.17 31.88
N GLU C 177 -7.26 0.22 32.98
CA GLU C 177 -8.25 1.28 33.15
C GLU C 177 -7.59 2.59 33.59
N GLU C 178 -6.41 2.53 34.20
CA GLU C 178 -5.86 3.71 34.85
C GLU C 178 -5.32 4.72 33.83
N GLY C 179 -4.84 4.25 32.69
CA GLY C 179 -4.26 5.14 31.70
C GLY C 179 -4.17 4.49 30.35
N CYS C 180 -4.09 5.34 29.31
CA CYS C 180 -4.01 4.83 27.94
C CYS C 180 -2.62 4.28 27.64
N ASN C 181 -1.62 4.68 28.43
CA ASN C 181 -0.27 4.16 28.21
C ASN C 181 -0.21 2.66 28.43
N SER C 182 -0.91 2.16 29.45
CA SER C 182 -0.93 0.72 29.69
C SER C 182 -1.77 0.00 28.64
N THR C 183 -2.80 0.68 28.10
CA THR C 183 -3.59 0.07 27.03
C THR C 183 -2.74 -0.19 25.79
N LYS C 184 -1.93 0.79 25.39
CA LYS C 184 -1.05 0.60 24.24
C LYS C 184 0.09 -0.34 24.62
N PHE C 185 0.65 -1.01 23.61
CA PHE C 185 1.63 -2.07 23.81
C PHE C 185 2.99 -1.63 23.27
N THR C 186 4.00 -1.68 24.13
CA THR C 186 5.38 -1.39 23.76
C THR C 186 6.14 -2.71 23.63
N CYS C 187 6.69 -2.96 22.44
CA CYS C 187 7.40 -4.20 22.16
C CYS C 187 8.80 -4.16 22.75
N LEU C 188 9.04 -5.00 23.76
CA LEU C 188 10.37 -5.09 24.34
C LEU C 188 11.37 -5.66 23.34
N SER C 189 10.95 -6.65 22.55
CA SER C 189 11.84 -7.26 21.56
C SER C 189 12.16 -6.29 20.43
N GLY C 190 11.24 -5.38 20.13
CA GLY C 190 11.48 -4.42 19.06
C GLY C 190 12.60 -3.46 19.38
N THR C 191 12.68 -3.01 20.64
CA THR C 191 13.71 -2.04 21.01
C THR C 191 15.11 -2.66 20.97
N SER C 192 15.27 -3.84 21.57
CA SER C 192 16.57 -4.49 21.63
C SER C 192 16.43 -5.92 21.12
N SER C 193 17.41 -6.33 20.32
CA SER C 193 17.34 -7.64 19.67
C SER C 193 17.62 -8.78 20.65
N SER C 194 18.51 -8.55 21.61
CA SER C 194 18.97 -9.64 22.47
C SER C 194 17.86 -10.26 23.32
N PRO C 195 17.02 -9.51 24.08
CA PRO C 195 16.05 -10.18 24.95
C PRO C 195 14.79 -10.66 24.24
N SER C 196 14.67 -11.98 24.07
CA SER C 196 13.48 -12.59 23.50
C SER C 196 13.57 -14.09 23.73
N SER C 197 12.56 -14.81 23.23
CA SER C 197 12.50 -16.27 23.28
C SER C 197 11.71 -16.77 22.09
N CYS C 198 12.08 -17.95 21.57
CA CYS C 198 11.48 -18.48 20.36
C CYS C 198 11.25 -19.99 20.48
N ARG C 199 10.31 -20.51 19.69
CA ARG C 199 9.97 -21.93 19.71
C ARG C 199 10.25 -22.63 18.38
N ASP C 200 10.99 -22.00 17.47
CA ASP C 200 11.33 -22.64 16.19
C ASP C 200 10.08 -22.99 15.38
N TYR C 201 9.36 -21.98 14.93
CA TYR C 201 8.18 -22.20 14.09
C TYR C 201 8.57 -22.54 12.66
N GLN C 202 7.69 -23.26 11.97
CA GLN C 202 7.89 -23.63 10.57
C GLN C 202 6.54 -23.92 9.93
N GLU C 203 6.53 -24.02 8.61
CA GLU C 203 5.33 -24.39 7.87
C GLU C 203 5.69 -25.38 6.76
N ILE C 204 4.89 -26.44 6.64
CA ILE C 204 4.92 -27.31 5.48
C ILE C 204 3.49 -27.55 5.04
N LYS C 205 3.33 -27.84 3.76
CA LYS C 205 2.03 -28.18 3.19
C LYS C 205 2.07 -29.63 2.72
N ILE C 206 1.18 -30.46 3.27
CA ILE C 206 1.10 -31.86 2.91
C ILE C 206 -0.07 -32.04 1.96
N GLN C 207 0.18 -32.70 0.84
CA GLN C 207 -0.83 -32.94 -0.18
C GLN C 207 -1.19 -34.41 -0.16
N GLU C 208 -2.49 -34.70 -0.13
CA GLU C 208 -2.95 -36.08 -0.02
C GLU C 208 -2.43 -36.92 -1.18
N GLN C 209 -2.07 -38.16 -0.87
CA GLN C 209 -1.56 -39.07 -1.88
C GLN C 209 -2.65 -39.36 -2.92
N VAL C 210 -2.30 -39.16 -4.19
CA VAL C 210 -3.31 -39.27 -5.25
C VAL C 210 -3.68 -40.73 -5.50
N GLN C 211 -2.81 -41.66 -5.15
CA GLN C 211 -3.07 -43.07 -5.44
C GLN C 211 -4.20 -43.62 -4.56
N ARG C 212 -4.48 -42.96 -3.44
CA ARG C 212 -5.52 -43.43 -2.54
C ARG C 212 -6.90 -43.17 -3.12
N LEU C 213 -7.88 -43.97 -2.70
CA LEU C 213 -9.23 -43.82 -3.22
C LEU C 213 -9.94 -42.62 -2.62
N SER C 214 -9.60 -42.24 -1.39
CA SER C 214 -10.31 -41.16 -0.72
C SER C 214 -10.10 -39.82 -1.41
N VAL C 215 -8.89 -39.58 -1.94
CA VAL C 215 -8.58 -38.27 -2.48
C VAL C 215 -9.42 -37.99 -3.72
N GLY C 216 -9.70 -36.70 -3.95
CA GLY C 216 -10.52 -36.28 -5.07
C GLY C 216 -9.72 -36.17 -6.36
N SER C 217 -10.32 -35.46 -7.32
CA SER C 217 -9.67 -35.28 -8.62
C SER C 217 -8.34 -34.54 -8.48
N ILE C 218 -8.35 -33.41 -7.80
CA ILE C 218 -7.13 -32.68 -7.45
C ILE C 218 -6.77 -33.02 -6.00
N PRO C 219 -5.54 -33.43 -5.73
CA PRO C 219 -5.18 -33.80 -4.35
C PRO C 219 -5.15 -32.57 -3.45
N ARG C 220 -6.00 -32.60 -2.42
CA ARG C 220 -6.09 -31.48 -1.50
C ARG C 220 -4.81 -31.33 -0.69
N CYS C 221 -4.48 -30.09 -0.34
CA CYS C 221 -3.27 -29.77 0.40
C CYS C 221 -3.65 -29.26 1.78
N MET C 222 -2.90 -29.71 2.79
CA MET C 222 -3.08 -29.27 4.17
C MET C 222 -1.80 -28.62 4.65
N VAL C 223 -1.92 -27.42 5.22
CA VAL C 223 -0.77 -26.72 5.76
C VAL C 223 -0.53 -27.17 7.20
N VAL C 224 0.70 -27.55 7.51
CA VAL C 224 1.07 -28.12 8.80
C VAL C 224 2.00 -27.15 9.51
N VAL C 225 1.67 -26.83 10.75
CA VAL C 225 2.52 -26.01 11.61
C VAL C 225 3.34 -26.94 12.49
N LEU C 226 4.65 -26.90 12.32
CA LEU C 226 5.56 -27.66 13.16
C LEU C 226 6.17 -26.74 14.20
N GLU C 227 6.19 -27.18 15.44
CA GLU C 227 6.75 -26.40 16.52
C GLU C 227 7.78 -27.23 17.27
N ASP C 228 8.76 -26.54 17.85
CA ASP C 228 9.78 -27.14 18.70
C ASP C 228 10.58 -28.14 17.87
N ASP C 229 10.88 -29.33 18.38
CA ASP C 229 11.87 -30.20 17.75
C ASP C 229 11.35 -30.83 16.47
N LEU C 230 10.05 -30.72 16.19
CA LEU C 230 9.50 -31.33 14.97
C LEU C 230 10.04 -30.66 13.72
N VAL C 231 10.58 -29.44 13.85
CA VAL C 231 11.16 -28.77 12.70
C VAL C 231 12.41 -29.52 12.24
N ASP C 232 12.65 -29.50 10.93
CA ASP C 232 13.76 -30.18 10.26
C ASP C 232 13.61 -31.69 10.33
N SER C 233 12.46 -32.20 10.76
CA SER C 233 12.22 -33.64 10.77
C SER C 233 11.58 -34.13 9.46
N CYS C 234 11.23 -33.24 8.56
CA CYS C 234 10.57 -33.60 7.31
C CYS C 234 11.16 -32.79 6.17
N LYS C 235 11.05 -33.33 4.95
CA LYS C 235 11.56 -32.68 3.76
C LYS C 235 10.52 -32.76 2.65
N SER C 236 10.62 -31.83 1.70
CA SER C 236 9.68 -31.80 0.58
C SER C 236 9.86 -33.02 -0.30
N GLY C 237 8.75 -33.56 -0.79
CA GLY C 237 8.78 -34.75 -1.62
C GLY C 237 8.94 -36.05 -0.87
N ASP C 238 8.70 -36.06 0.44
CA ASP C 238 8.89 -37.24 1.26
C ASP C 238 7.55 -37.63 1.87
N ASP C 239 7.23 -38.94 1.81
CA ASP C 239 5.98 -39.42 2.38
C ASP C 239 5.99 -39.24 3.89
N ILE C 240 5.07 -38.41 4.38
CA ILE C 240 5.10 -37.93 5.76
C ILE C 240 3.73 -38.15 6.39
N THR C 241 3.72 -38.74 7.58
CA THR C 241 2.50 -38.95 8.36
C THR C 241 2.51 -37.95 9.52
N VAL C 242 1.47 -37.14 9.61
CA VAL C 242 1.41 -36.04 10.57
C VAL C 242 0.30 -36.31 11.56
N TYR C 243 0.64 -36.86 12.72
CA TYR C 243 -0.29 -36.91 13.83
C TYR C 243 -0.33 -35.53 14.50
N GLY C 244 -1.50 -34.90 14.52
CA GLY C 244 -1.58 -33.56 15.06
C GLY C 244 -2.99 -33.16 15.44
N VAL C 245 -3.11 -31.91 15.88
CA VAL C 245 -4.38 -31.33 16.31
C VAL C 245 -4.80 -30.31 15.26
N VAL C 246 -5.97 -30.51 14.66
CA VAL C 246 -6.46 -29.60 13.63
C VAL C 246 -7.08 -28.38 14.29
N MET C 247 -6.58 -27.20 13.93
CA MET C 247 -7.21 -25.94 14.30
C MET C 247 -7.38 -25.11 13.05
N GLN C 248 -7.84 -23.88 13.24
CA GLN C 248 -8.05 -22.95 12.13
C GLN C 248 -7.51 -21.57 12.51
N ARG C 249 -6.75 -20.97 11.61
CA ARG C 249 -6.31 -19.59 11.77
C ARG C 249 -7.29 -18.67 11.06
N TRP C 250 -7.54 -17.51 11.64
CA TRP C 250 -8.35 -16.47 11.03
C TRP C 250 -7.57 -15.17 10.98
N LYS C 251 -7.41 -14.63 9.78
CA LYS C 251 -6.68 -13.38 9.59
C LYS C 251 -7.42 -12.23 10.28
N PRO C 252 -6.71 -11.17 10.65
CA PRO C 252 -7.37 -10.03 11.32
C PRO C 252 -8.59 -9.56 10.54
N PHE C 253 -9.74 -9.57 11.21
CA PHE C 253 -11.01 -9.33 10.56
C PHE C 253 -11.20 -7.85 10.21
N HIS C 254 -11.91 -7.62 9.12
CA HIS C 254 -12.34 -6.29 8.70
C HIS C 254 -13.84 -6.31 8.46
N GLN C 255 -14.48 -5.16 8.70
CA GLN C 255 -15.93 -5.11 8.68
C GLN C 255 -16.48 -5.49 7.31
N ASP C 256 -15.90 -4.95 6.24
CA ASP C 256 -16.37 -5.31 4.90
C ASP C 256 -15.90 -6.70 4.51
N ALA C 257 -14.67 -7.06 4.86
CA ALA C 257 -14.10 -8.33 4.42
C ALA C 257 -14.76 -9.50 5.13
N ARG C 258 -14.85 -10.62 4.44
CA ARG C 258 -15.40 -11.83 5.04
C ARG C 258 -14.35 -12.53 5.90
N CYS C 259 -14.81 -13.49 6.70
CA CYS C 259 -13.89 -14.26 7.53
C CYS C 259 -12.99 -15.11 6.64
N ASP C 260 -11.68 -14.90 6.76
CA ASP C 260 -10.68 -15.59 5.93
C ASP C 260 -9.98 -16.64 6.79
N LEU C 261 -10.29 -17.91 6.55
CA LEU C 261 -9.78 -18.99 7.37
C LEU C 261 -9.27 -20.11 6.48
N GLU C 262 -8.29 -20.86 6.98
CA GLU C 262 -7.85 -22.11 6.39
C GLU C 262 -7.48 -23.08 7.51
N LEU C 263 -7.86 -24.35 7.34
CA LEU C 263 -7.52 -25.35 8.34
C LEU C 263 -6.02 -25.51 8.46
N VAL C 264 -5.55 -25.66 9.70
CA VAL C 264 -4.14 -25.83 10.00
C VAL C 264 -3.98 -26.95 11.01
N LEU C 265 -2.78 -27.54 11.02
CA LEU C 265 -2.51 -28.75 11.79
C LEU C 265 -1.22 -28.57 12.58
N LYS C 266 -1.36 -28.30 13.87
CA LYS C 266 -0.21 -28.23 14.77
C LYS C 266 0.24 -29.67 15.05
N ALA C 267 1.28 -30.10 14.35
CA ALA C 267 1.71 -31.48 14.44
C ALA C 267 2.07 -31.85 15.86
N ASN C 268 1.55 -32.98 16.33
CA ASN C 268 1.95 -33.56 17.60
C ASN C 268 2.98 -34.66 17.41
N TYR C 269 3.16 -35.13 16.19
CA TYR C 269 4.20 -36.08 15.83
C TYR C 269 4.34 -36.11 14.32
N VAL C 270 5.57 -36.05 13.83
CA VAL C 270 5.86 -36.17 12.41
C VAL C 270 6.76 -37.38 12.22
N LYS C 271 6.29 -38.34 11.43
CA LYS C 271 7.02 -39.58 11.22
C LYS C 271 7.29 -39.73 9.72
N VAL C 272 8.55 -39.99 9.37
CA VAL C 272 8.91 -40.23 7.98
C VAL C 272 8.57 -41.67 7.62
N ASN C 273 7.68 -41.83 6.64
CA ASN C 273 7.23 -43.16 6.23
C ASN C 273 8.34 -43.92 5.54
N PRO D 15 -40.54 -24.62 24.19
CA PRO D 15 -41.86 -24.00 24.02
C PRO D 15 -42.52 -24.40 22.70
N TYR D 16 -41.83 -24.15 21.60
CA TYR D 16 -42.34 -24.46 20.26
C TYR D 16 -41.29 -25.24 19.47
N LYS D 17 -41.72 -25.76 18.33
CA LYS D 17 -40.87 -26.63 17.53
C LYS D 17 -39.75 -25.85 16.87
N GLY D 18 -38.50 -26.18 17.21
CA GLY D 18 -37.37 -25.46 16.67
C GLY D 18 -37.36 -23.99 17.02
N TRP D 19 -37.75 -23.64 18.24
CA TRP D 19 -37.85 -22.24 18.62
C TRP D 19 -36.47 -21.61 18.77
N LYS D 20 -35.46 -22.41 19.10
CA LYS D 20 -34.14 -21.87 19.40
C LYS D 20 -33.52 -21.20 18.19
N LEU D 21 -33.61 -21.83 17.02
CA LEU D 21 -32.88 -21.38 15.84
C LEU D 21 -33.81 -20.87 14.74
N TYR D 22 -34.76 -21.69 14.29
CA TYR D 22 -35.52 -21.33 13.10
C TYR D 22 -36.58 -20.27 13.40
N PHE D 23 -37.20 -20.34 14.57
CA PHE D 23 -38.14 -19.30 15.00
C PHE D 23 -37.39 -18.06 15.49
N SER D 24 -36.89 -17.29 14.53
CA SER D 24 -36.47 -15.92 14.84
C SER D 24 -37.66 -15.10 15.31
N GLU D 25 -38.82 -15.32 14.70
CA GLU D 25 -40.06 -14.70 15.13
C GLU D 25 -40.93 -15.76 15.83
N ALA D 26 -41.60 -15.35 16.91
CA ALA D 26 -42.46 -16.27 17.65
C ALA D 26 -43.62 -16.75 16.79
N TYR D 27 -44.19 -17.89 17.17
CA TYR D 27 -45.26 -18.49 16.39
C TYR D 27 -46.46 -17.58 16.30
N ALA D 28 -47.00 -17.43 15.09
CA ALA D 28 -48.20 -16.65 14.84
C ALA D 28 -49.02 -17.33 13.76
N ASP D 29 -50.30 -17.57 14.05
CA ASP D 29 -51.17 -18.19 13.06
C ASP D 29 -51.35 -17.29 11.85
N LYS D 30 -51.32 -15.98 12.04
CA LYS D 30 -51.46 -15.05 10.93
C LYS D 30 -50.20 -15.01 10.08
N SER D 31 -49.08 -15.44 10.64
CA SER D 31 -47.82 -15.37 9.91
C SER D 31 -47.86 -16.33 8.71
N PRO D 32 -47.58 -15.84 7.50
CA PRO D 32 -47.60 -16.74 6.33
C PRO D 32 -46.56 -17.83 6.40
N PHE D 33 -45.49 -17.63 7.17
CA PHE D 33 -44.41 -18.60 7.23
C PHE D 33 -44.90 -19.95 7.78
N VAL D 34 -45.81 -19.89 8.76
CA VAL D 34 -46.28 -21.10 9.42
C VAL D 34 -46.99 -22.02 8.43
N GLN D 35 -47.81 -21.44 7.55
CA GLN D 35 -48.53 -22.27 6.58
C GLN D 35 -47.56 -22.97 5.63
N LYS D 36 -46.52 -22.26 5.18
CA LYS D 36 -45.50 -22.89 4.34
C LYS D 36 -44.81 -24.02 5.08
N THR D 37 -44.50 -23.80 6.36
CA THR D 37 -43.86 -24.86 7.14
C THR D 37 -44.76 -26.08 7.25
N GLN D 38 -46.06 -25.88 7.51
CA GLN D 38 -46.98 -27.01 7.61
C GLN D 38 -47.09 -27.75 6.28
N ALA D 39 -47.19 -27.01 5.17
CA ALA D 39 -47.27 -27.67 3.87
C ALA D 39 -46.04 -28.51 3.59
N PHE D 40 -44.85 -27.95 3.83
CA PHE D 40 -43.63 -28.69 3.57
C PHE D 40 -43.48 -29.89 4.49
N GLU D 41 -43.86 -29.74 5.77
CA GLU D 41 -43.71 -30.87 6.69
C GLU D 41 -44.70 -31.97 6.36
N LYS D 42 -45.90 -31.61 5.90
CA LYS D 42 -46.83 -32.63 5.42
C LYS D 42 -46.24 -33.35 4.20
N PHE D 43 -45.70 -32.61 3.24
CA PHE D 43 -45.11 -33.23 2.08
C PHE D 43 -44.00 -34.20 2.47
N PHE D 44 -43.15 -33.80 3.42
CA PHE D 44 -42.11 -34.69 3.91
C PHE D 44 -42.72 -35.91 4.59
N MET D 45 -43.75 -35.70 5.40
CA MET D 45 -44.35 -36.80 6.15
C MET D 45 -44.92 -37.86 5.22
N GLN D 46 -45.39 -37.47 4.04
CA GLN D 46 -45.73 -38.48 3.04
C GLN D 46 -44.49 -39.25 2.59
N ARG D 47 -43.34 -38.57 2.51
CA ARG D 47 -42.16 -39.21 1.92
C ARG D 47 -41.13 -39.66 2.95
N ILE D 48 -41.44 -39.63 4.24
CA ILE D 48 -40.45 -39.99 5.26
C ILE D 48 -39.98 -41.43 5.08
N GLU D 49 -40.90 -42.32 4.70
CA GLU D 49 -40.55 -43.74 4.59
C GLU D 49 -39.49 -43.97 3.52
N LEU D 50 -39.51 -43.18 2.44
CA LEU D 50 -38.57 -43.39 1.35
C LEU D 50 -37.14 -43.01 1.77
N TYR D 51 -36.96 -41.83 2.36
CA TYR D 51 -35.63 -41.37 2.73
C TYR D 51 -35.11 -42.14 3.94
N ASP D 52 -33.80 -42.07 4.13
CA ASP D 52 -33.13 -42.68 5.28
C ASP D 52 -32.79 -41.58 6.28
N LYS D 53 -33.29 -41.72 7.51
CA LYS D 53 -33.06 -40.71 8.53
C LYS D 53 -31.58 -40.60 8.90
N ASP D 54 -30.92 -41.76 9.08
CA ASP D 54 -29.52 -41.73 9.48
C ASP D 54 -28.63 -41.18 8.37
N GLU D 55 -28.91 -41.53 7.12
CA GLU D 55 -28.13 -40.97 6.00
C GLU D 55 -28.34 -39.47 5.90
N ILE D 56 -29.57 -39.01 6.11
CA ILE D 56 -29.84 -37.56 6.09
C ILE D 56 -29.08 -36.86 7.19
N GLU D 57 -29.08 -37.42 8.40
CA GLU D 57 -28.33 -36.82 9.50
C GLU D 57 -26.84 -36.82 9.22
N ARG D 58 -26.32 -37.89 8.63
CA ARG D 58 -24.91 -37.96 8.30
C ARG D 58 -24.54 -36.88 7.27
N LYS D 59 -25.31 -36.79 6.19
CA LYS D 59 -25.06 -35.74 5.20
C LYS D 59 -25.43 -34.37 5.74
N GLY D 60 -26.37 -34.31 6.68
CA GLY D 60 -26.83 -33.05 7.20
C GLY D 60 -27.76 -32.28 6.29
N SER D 61 -28.22 -32.89 5.21
CA SER D 61 -29.10 -32.22 4.26
C SER D 61 -29.95 -33.26 3.56
N ILE D 62 -31.03 -32.79 2.94
CA ILE D 62 -31.97 -33.62 2.21
C ILE D 62 -32.16 -33.06 0.82
N LEU D 63 -32.13 -33.92 -0.19
CA LEU D 63 -32.39 -33.54 -1.57
C LEU D 63 -33.80 -33.96 -1.94
N VAL D 64 -34.60 -33.00 -2.40
CA VAL D 64 -35.98 -33.25 -2.82
C VAL D 64 -36.14 -32.76 -4.26
N ASP D 65 -36.64 -33.64 -5.11
CA ASP D 65 -36.87 -33.30 -6.51
C ASP D 65 -37.91 -32.19 -6.63
N TYR D 66 -37.59 -31.17 -7.43
CA TYR D 66 -38.51 -30.05 -7.58
C TYR D 66 -39.74 -30.45 -8.37
N LYS D 67 -39.61 -31.42 -9.27
CA LYS D 67 -40.78 -31.91 -10.00
C LYS D 67 -41.77 -32.56 -9.05
N GLU D 68 -41.28 -33.20 -7.99
CA GLU D 68 -42.17 -33.70 -6.95
C GLU D 68 -42.69 -32.56 -6.08
N LEU D 69 -41.89 -31.51 -5.91
CA LEU D 69 -42.36 -30.33 -5.16
C LEU D 69 -43.54 -29.68 -5.84
N ILE D 70 -43.52 -29.61 -7.18
CA ILE D 70 -44.65 -29.08 -7.95
C ILE D 70 -45.64 -30.23 -8.16
N GLU D 71 -46.56 -30.38 -7.22
CA GLU D 71 -47.53 -31.46 -7.24
C GLU D 71 -48.93 -30.90 -7.04
N ASP D 72 -49.90 -31.55 -7.66
CA ASP D 72 -51.26 -31.04 -7.69
C ASP D 72 -51.96 -31.27 -6.35
N ARG D 73 -53.18 -30.72 -6.25
CA ARG D 73 -54.08 -30.90 -5.11
C ARG D 73 -53.44 -30.30 -3.87
N GLU D 74 -53.33 -31.03 -2.75
CA GLU D 74 -53.08 -30.39 -1.46
C GLU D 74 -51.74 -29.67 -1.43
N LEU D 75 -50.70 -30.26 -2.03
CA LEU D 75 -49.38 -29.67 -1.93
C LEU D 75 -49.33 -28.30 -2.59
N THR D 76 -50.15 -28.08 -3.62
CA THR D 76 -50.24 -26.77 -4.25
C THR D 76 -51.43 -25.94 -3.75
N LYS D 77 -52.33 -26.52 -2.95
CA LYS D 77 -53.40 -25.73 -2.36
C LYS D 77 -52.88 -24.82 -1.26
N SER D 78 -52.03 -25.35 -0.37
CA SER D 78 -51.52 -24.55 0.74
C SER D 78 -50.62 -23.43 0.23
N ILE D 79 -49.75 -23.73 -0.73
CA ILE D 79 -48.88 -22.74 -1.35
C ILE D 79 -49.33 -22.56 -2.80
N PRO D 80 -49.99 -21.45 -3.15
CA PRO D 80 -50.55 -21.32 -4.51
C PRO D 80 -49.48 -21.28 -5.60
N ASN D 81 -48.43 -20.49 -5.41
CA ASN D 81 -47.38 -20.30 -6.42
C ASN D 81 -46.04 -20.69 -5.81
N ILE D 82 -45.72 -21.98 -5.91
CA ILE D 82 -44.46 -22.46 -5.34
C ILE D 82 -43.27 -21.86 -6.07
N SER D 83 -43.35 -21.78 -7.41
CA SER D 83 -42.24 -21.22 -8.18
C SER D 83 -42.04 -19.74 -7.86
N THR D 84 -43.13 -18.98 -7.78
CA THR D 84 -43.03 -17.56 -7.48
C THR D 84 -42.48 -17.33 -6.07
N GLU D 85 -42.95 -18.10 -5.10
CA GLU D 85 -42.45 -17.96 -3.73
C GLU D 85 -40.97 -18.34 -3.64
N LEU D 86 -40.56 -19.39 -4.35
CA LEU D 86 -39.15 -19.77 -4.33
C LEU D 86 -38.28 -18.72 -5.01
N ARG D 87 -38.77 -18.13 -6.10
CA ARG D 87 -38.01 -17.10 -6.80
C ARG D 87 -37.88 -15.84 -5.94
N ASP D 88 -38.99 -15.34 -5.42
CA ASP D 88 -38.97 -14.05 -4.73
C ASP D 88 -38.12 -14.09 -3.47
N MET D 89 -38.25 -15.14 -2.66
CA MET D 89 -37.51 -15.28 -1.40
C MET D 89 -36.92 -16.67 -1.31
N PRO D 90 -35.84 -16.94 -2.05
CA PRO D 90 -35.23 -18.28 -2.00
C PRO D 90 -34.75 -18.66 -0.61
N GLN D 91 -34.06 -17.75 0.08
CA GLN D 91 -33.52 -18.08 1.39
C GLN D 91 -34.64 -18.37 2.38
N LYS D 92 -35.71 -17.58 2.35
CA LYS D 92 -36.83 -17.82 3.26
C LYS D 92 -37.49 -19.16 3.00
N ILE D 93 -37.72 -19.49 1.73
CA ILE D 93 -38.40 -20.75 1.41
C ILE D 93 -37.52 -21.94 1.77
N LEU D 94 -36.22 -21.84 1.48
CA LEU D 94 -35.31 -22.92 1.86
C LEU D 94 -35.22 -23.08 3.37
N GLN D 95 -35.23 -21.96 4.11
CA GLN D 95 -35.23 -22.02 5.57
C GLN D 95 -36.50 -22.68 6.10
N CYS D 96 -37.65 -22.34 5.52
CA CYS D 96 -38.89 -22.97 5.94
C CYS D 96 -38.89 -24.47 5.63
N MET D 97 -38.35 -24.84 4.47
CA MET D 97 -38.26 -26.26 4.12
C MET D 97 -37.32 -27.00 5.06
N GLY D 98 -36.22 -26.35 5.46
CA GLY D 98 -35.33 -26.94 6.44
C GLY D 98 -35.99 -27.11 7.79
N LEU D 99 -36.77 -26.11 8.21
CA LEU D 99 -37.57 -26.27 9.42
C LEU D 99 -38.52 -27.45 9.31
N ALA D 100 -39.19 -27.59 8.15
CA ALA D 100 -40.13 -28.68 7.98
C ALA D 100 -39.43 -30.04 8.09
N ILE D 101 -38.29 -30.19 7.42
CA ILE D 101 -37.61 -31.48 7.46
C ILE D 101 -37.04 -31.75 8.85
N HIS D 102 -36.50 -30.72 9.51
CA HIS D 102 -35.99 -30.90 10.86
C HIS D 102 -37.10 -31.30 11.82
N GLN D 103 -38.27 -30.67 11.70
CA GLN D 103 -39.38 -30.99 12.59
C GLN D 103 -39.93 -32.37 12.32
N VAL D 104 -40.03 -32.78 11.06
CA VAL D 104 -40.55 -34.12 10.79
C VAL D 104 -39.56 -35.17 11.26
N LEU D 105 -38.26 -34.92 11.11
CA LEU D 105 -37.28 -35.86 11.66
C LEU D 105 -37.36 -35.90 13.18
N THR D 106 -37.53 -34.75 13.83
CA THR D 106 -37.65 -34.73 15.28
C THR D 106 -38.88 -35.49 15.75
N LYS D 107 -40.02 -35.31 15.08
CA LYS D 107 -41.24 -36.01 15.47
C LYS D 107 -41.13 -37.50 15.17
N ASP D 108 -40.44 -37.87 14.09
CA ASP D 108 -40.21 -39.27 13.79
C ASP D 108 -39.35 -39.92 14.87
N LEU D 109 -38.29 -39.23 15.29
CA LEU D 109 -37.45 -39.76 16.37
C LEU D 109 -38.22 -39.83 17.69
N GLU D 110 -39.09 -38.85 17.95
CA GLU D 110 -39.90 -38.91 19.17
C GLU D 110 -40.85 -40.10 19.15
N ARG D 111 -41.53 -40.33 18.02
CA ARG D 111 -42.42 -41.48 17.93
C ARG D 111 -41.64 -42.79 18.00
N HIS D 112 -40.46 -42.84 17.39
CA HIS D 112 -39.65 -44.05 17.46
C HIS D 112 -39.16 -44.30 18.88
N ALA D 113 -38.81 -43.24 19.61
CA ALA D 113 -38.41 -43.40 21.00
C ALA D 113 -39.58 -43.88 21.87
N ALA D 114 -40.78 -43.35 21.61
CA ALA D 114 -41.95 -43.84 22.32
C ALA D 114 -42.20 -45.31 22.03
N GLU D 115 -42.07 -45.71 20.76
CA GLU D 115 -42.24 -47.11 20.39
C GLU D 115 -41.18 -47.98 21.05
N LEU D 116 -39.93 -47.51 21.10
CA LEU D 116 -38.87 -48.25 21.76
C LEU D 116 -39.14 -48.41 23.25
N GLN D 117 -39.63 -47.35 23.90
CA GLN D 117 -39.99 -47.43 25.31
C GLN D 117 -41.13 -48.42 25.52
N VAL D 118 -42.10 -48.44 24.63
CA VAL D 118 -43.19 -49.41 24.72
C VAL D 118 -42.66 -50.83 24.58
N GLN D 119 -41.77 -51.05 23.61
CA GLN D 119 -41.24 -52.39 23.37
C GLN D 119 -40.41 -52.88 24.55
N GLU D 120 -39.44 -52.07 25.00
CA GLU D 120 -38.57 -52.51 26.08
C GLU D 120 -39.28 -52.46 27.43
N GLY D 121 -40.26 -51.58 27.58
CA GLY D 121 -40.94 -51.44 28.84
C GLY D 121 -40.14 -50.78 29.94
N LEU D 122 -39.12 -50.01 29.58
CA LEU D 122 -38.26 -49.37 30.56
C LEU D 122 -38.24 -47.86 30.36
N PRO D 123 -38.18 -47.08 31.44
CA PRO D 123 -38.08 -45.61 31.26
C PRO D 123 -36.86 -45.17 30.48
N LEU D 124 -35.74 -45.88 30.63
CA LEU D 124 -34.53 -45.53 29.90
C LEU D 124 -34.68 -45.90 28.42
N ASP D 125 -34.16 -45.04 27.56
CA ASP D 125 -34.24 -45.25 26.12
C ASP D 125 -32.98 -44.72 25.45
N GLY D 126 -32.71 -45.22 24.26
CA GLY D 126 -31.55 -44.76 23.50
C GLY D 126 -31.72 -43.31 23.09
N GLU D 127 -30.61 -42.57 23.13
CA GLU D 127 -30.58 -41.14 22.83
C GLU D 127 -31.61 -40.40 23.68
N PRO D 128 -31.37 -40.26 24.99
CA PRO D 128 -32.35 -39.54 25.84
C PRO D 128 -32.52 -38.09 25.46
N ILE D 129 -31.46 -37.43 24.98
CA ILE D 129 -31.54 -36.01 24.66
C ILE D 129 -32.44 -35.78 23.45
N ILE D 130 -32.38 -36.68 22.46
CA ILE D 130 -33.13 -36.56 21.21
C ILE D 130 -32.81 -35.22 20.57
N ASN D 131 -31.54 -34.81 20.64
CA ASN D 131 -31.10 -33.59 20.00
C ASN D 131 -30.91 -33.83 18.51
N VAL D 132 -31.61 -33.05 17.69
CA VAL D 132 -31.61 -33.21 16.25
C VAL D 132 -30.68 -32.15 15.66
N PRO D 133 -29.59 -32.54 15.00
CA PRO D 133 -28.72 -31.55 14.35
C PRO D 133 -29.48 -30.80 13.26
N LEU D 134 -28.99 -29.59 12.96
CA LEU D 134 -29.63 -28.77 11.95
C LEU D 134 -29.48 -29.38 10.57
N ILE D 135 -30.57 -29.37 9.79
CA ILE D 135 -30.58 -29.86 8.42
C ILE D 135 -30.91 -28.70 7.49
N HIS D 136 -30.07 -28.50 6.48
CA HIS D 136 -30.32 -27.52 5.44
C HIS D 136 -31.01 -28.21 4.27
N ALA D 137 -32.33 -28.08 4.18
CA ALA D 137 -33.07 -28.74 3.11
C ALA D 137 -32.66 -28.19 1.76
N ARG D 138 -32.53 -29.09 0.78
CA ARG D 138 -32.06 -28.73 -0.54
C ARG D 138 -32.97 -29.35 -1.59
N LEU D 139 -33.16 -28.64 -2.70
CA LEU D 139 -34.04 -29.07 -3.78
C LEU D 139 -33.28 -29.03 -5.10
N TYR D 140 -33.49 -30.06 -5.92
CA TYR D 140 -32.80 -30.21 -7.19
C TYR D 140 -33.81 -30.36 -8.32
N ASN D 141 -33.28 -30.40 -9.55
CA ASN D 141 -34.09 -30.45 -10.77
C ASN D 141 -35.08 -29.28 -10.82
N TYR D 142 -34.58 -28.08 -10.56
CA TYR D 142 -35.39 -26.88 -10.70
C TYR D 142 -35.71 -26.63 -12.17
N GLU D 143 -37.00 -26.64 -12.50
CA GLU D 143 -37.40 -26.59 -13.90
C GLU D 143 -36.98 -25.31 -14.61
N PRO D 144 -37.27 -24.11 -14.10
CA PRO D 144 -36.84 -22.89 -14.82
C PRO D 144 -35.34 -22.72 -14.71
N LEU D 145 -34.66 -22.74 -15.85
CA LEU D 145 -33.20 -22.66 -15.91
C LEU D 145 -32.80 -21.40 -16.66
N THR D 146 -31.77 -20.73 -16.16
CA THR D 146 -31.25 -19.50 -16.76
C THR D 146 -29.76 -19.64 -16.99
N GLN D 147 -29.32 -19.39 -18.23
CA GLN D 147 -27.91 -19.42 -18.57
C GLN D 147 -27.32 -18.02 -18.40
N LEU D 148 -26.09 -17.82 -18.90
CA LEU D 148 -25.39 -16.55 -18.67
C LEU D 148 -26.17 -15.38 -19.26
N LYS D 149 -26.78 -15.56 -20.43
CA LYS D 149 -27.54 -14.48 -21.05
C LYS D 149 -28.71 -14.06 -20.18
N ASN D 150 -29.43 -15.03 -19.61
CA ASN D 150 -30.54 -14.69 -18.72
C ASN D 150 -30.02 -14.20 -17.37
N VAL D 151 -28.85 -14.68 -16.94
CA VAL D 151 -28.27 -14.21 -15.70
C VAL D 151 -27.88 -12.75 -15.85
N ARG D 152 -28.41 -11.91 -14.96
CA ARG D 152 -28.12 -10.48 -14.96
C ARG D 152 -28.35 -9.99 -13.54
N ALA D 153 -28.34 -8.66 -13.38
CA ALA D 153 -28.59 -8.10 -12.05
C ALA D 153 -30.06 -8.20 -11.65
N ASN D 154 -30.97 -8.45 -12.60
CA ASN D 154 -32.37 -8.56 -12.25
C ASN D 154 -32.63 -9.79 -11.39
N CYS D 155 -31.96 -10.90 -11.69
CA CYS D 155 -32.19 -12.14 -10.96
C CYS D 155 -31.49 -12.16 -9.61
N TYR D 156 -30.97 -11.03 -9.14
CA TYR D 156 -30.43 -10.95 -7.80
C TYR D 156 -31.48 -11.32 -6.77
N GLY D 157 -31.09 -12.15 -5.81
CA GLY D 157 -32.03 -12.64 -4.82
C GLY D 157 -33.10 -13.54 -5.37
N LYS D 158 -32.87 -14.18 -6.52
CA LYS D 158 -33.84 -15.05 -7.15
C LYS D 158 -33.22 -16.42 -7.37
N TYR D 159 -34.01 -17.46 -7.13
CA TYR D 159 -33.53 -18.83 -7.29
C TYR D 159 -33.45 -19.18 -8.78
N ILE D 160 -32.25 -19.55 -9.23
CA ILE D 160 -32.02 -19.85 -10.64
C ILE D 160 -31.38 -21.23 -10.74
N ALA D 161 -31.51 -21.82 -11.93
CA ALA D 161 -30.90 -23.10 -12.25
C ALA D 161 -29.98 -22.92 -13.44
N LEU D 162 -28.78 -23.48 -13.34
CA LEU D 162 -27.77 -23.35 -14.39
C LEU D 162 -27.48 -24.70 -15.00
N ARG D 163 -26.91 -24.68 -16.20
CA ARG D 163 -26.39 -25.89 -16.85
C ARG D 163 -25.02 -25.53 -17.44
N GLY D 164 -23.99 -25.65 -16.62
CA GLY D 164 -22.66 -25.23 -17.03
C GLY D 164 -21.57 -26.03 -16.34
N THR D 165 -20.54 -26.37 -17.12
CA THR D 165 -19.40 -27.10 -16.58
C THR D 165 -18.56 -26.19 -15.69
N VAL D 166 -17.99 -26.76 -14.65
CA VAL D 166 -17.10 -26.04 -13.74
C VAL D 166 -15.69 -26.06 -14.32
N VAL D 167 -15.04 -24.89 -14.34
CA VAL D 167 -13.70 -24.82 -14.91
C VAL D 167 -12.64 -24.84 -13.80
N ARG D 168 -12.87 -24.09 -12.73
CA ARG D 168 -11.91 -23.97 -11.64
C ARG D 168 -12.60 -24.36 -10.35
N VAL D 169 -11.95 -25.23 -9.57
CA VAL D 169 -12.46 -25.68 -8.28
C VAL D 169 -11.45 -25.29 -7.22
N SER D 170 -11.92 -24.62 -6.17
CA SER D 170 -11.05 -24.24 -5.08
C SER D 170 -10.93 -25.37 -4.06
N ASN D 171 -9.76 -25.47 -3.45
CA ASN D 171 -9.58 -26.41 -2.37
C ASN D 171 -10.43 -26.00 -1.17
N ILE D 172 -10.80 -27.00 -0.36
CA ILE D 172 -11.77 -26.78 0.70
C ILE D 172 -11.21 -25.76 1.69
N LYS D 173 -12.01 -24.73 1.98
CA LYS D 173 -11.64 -23.71 2.94
C LYS D 173 -12.80 -23.50 3.90
N PRO D 174 -12.52 -23.14 5.15
CA PRO D 174 -13.60 -22.96 6.12
C PRO D 174 -14.22 -21.58 6.03
N LEU D 175 -15.45 -21.48 6.55
CA LEU D 175 -16.18 -20.23 6.66
C LEU D 175 -16.88 -20.18 8.00
N CYS D 176 -16.82 -19.03 8.66
CA CYS D 176 -17.35 -18.88 10.01
C CYS D 176 -18.84 -18.51 9.90
N THR D 177 -19.70 -19.52 10.00
CA THR D 177 -21.14 -19.26 9.91
C THR D 177 -21.68 -18.65 11.19
N LYS D 178 -21.04 -18.93 12.33
CA LYS D 178 -21.42 -18.35 13.61
C LYS D 178 -20.16 -17.98 14.37
N LEU D 179 -20.11 -16.74 14.85
CA LEU D 179 -18.96 -16.24 15.59
C LEU D 179 -19.43 -15.77 16.96
N ALA D 180 -18.87 -16.36 18.01
CA ALA D 180 -19.21 -15.95 19.36
C ALA D 180 -18.43 -14.70 19.73
N PHE D 181 -19.14 -13.73 20.32
CA PHE D 181 -18.55 -12.48 20.74
C PHE D 181 -18.71 -12.35 22.25
N VAL D 182 -17.60 -12.20 22.96
CA VAL D 182 -17.63 -11.98 24.40
C VAL D 182 -17.37 -10.51 24.68
N CYS D 183 -18.21 -9.92 25.53
CA CYS D 183 -18.13 -8.51 25.86
C CYS D 183 -17.53 -8.34 27.25
N GLY D 184 -16.53 -7.47 27.37
CA GLY D 184 -15.89 -7.27 28.65
C GLY D 184 -16.84 -6.73 29.70
N THR D 185 -17.70 -5.77 29.32
CA THR D 185 -18.69 -5.26 30.25
C THR D 185 -19.70 -6.35 30.60
N CYS D 186 -20.14 -7.12 29.61
CA CYS D 186 -21.10 -8.19 29.88
C CYS D 186 -20.45 -9.34 30.62
N GLY D 187 -19.28 -9.79 30.16
CA GLY D 187 -18.60 -10.92 30.74
C GLY D 187 -19.04 -12.28 30.22
N ASP D 188 -19.89 -12.32 29.19
CA ASP D 188 -20.39 -13.59 28.66
C ASP D 188 -20.31 -13.56 27.14
N VAL D 189 -20.31 -14.76 26.56
CA VAL D 189 -20.18 -14.90 25.12
C VAL D 189 -21.55 -14.75 24.46
N GLN D 190 -21.57 -14.08 23.30
CA GLN D 190 -22.78 -13.93 22.50
C GLN D 190 -22.48 -14.39 21.08
N SER D 191 -23.28 -15.32 20.58
CA SER D 191 -23.12 -15.82 19.22
C SER D 191 -24.12 -15.15 18.30
N VAL D 192 -23.63 -14.68 17.15
CA VAL D 192 -24.45 -13.97 16.17
C VAL D 192 -24.42 -14.76 14.87
N PRO D 193 -25.56 -14.97 14.22
CA PRO D 193 -25.55 -15.61 12.89
C PRO D 193 -24.76 -14.76 11.91
N LEU D 194 -24.00 -15.42 11.05
CA LEU D 194 -23.11 -14.73 10.14
C LEU D 194 -23.37 -15.13 8.70
N PRO D 195 -23.92 -14.24 7.88
CA PRO D 195 -24.13 -14.57 6.47
C PRO D 195 -22.85 -14.47 5.64
N ASP D 196 -22.28 -15.62 5.28
CA ASP D 196 -21.14 -15.68 4.36
C ASP D 196 -19.99 -14.81 4.83
N GLY D 197 -19.61 -14.97 6.09
CA GLY D 197 -18.58 -14.14 6.69
C GLY D 197 -19.07 -12.72 6.89
N LYS D 198 -18.18 -11.75 6.68
CA LYS D 198 -18.51 -10.33 6.88
C LYS D 198 -19.02 -10.10 8.30
N TYR D 199 -18.12 -10.29 9.27
CA TYR D 199 -18.51 -10.41 10.66
C TYR D 199 -19.30 -9.20 11.11
N THR D 200 -20.45 -9.46 11.75
CA THR D 200 -21.43 -8.44 12.10
C THR D 200 -21.34 -8.14 13.58
N LEU D 201 -21.33 -6.85 13.91
CA LEU D 201 -21.25 -6.44 15.30
C LEU D 201 -22.50 -6.90 16.06
N PRO D 202 -22.32 -7.56 17.21
CA PRO D 202 -23.49 -7.99 17.99
C PRO D 202 -24.37 -6.85 18.44
N THR D 203 -23.77 -5.69 18.73
CA THR D 203 -24.49 -4.47 19.16
C THR D 203 -25.22 -4.80 20.45
N LYS D 204 -26.56 -4.80 20.46
CA LYS D 204 -27.30 -4.98 21.71
C LYS D 204 -27.06 -6.36 22.30
N CYS D 205 -27.17 -6.45 23.63
CA CYS D 205 -26.94 -7.68 24.36
C CYS D 205 -28.14 -7.95 25.27
N LEU D 206 -28.00 -9.00 26.10
CA LEU D 206 -29.11 -9.41 26.96
C LEU D 206 -29.41 -8.37 28.02
N VAL D 207 -28.38 -7.92 28.75
CA VAL D 207 -28.57 -6.98 29.85
C VAL D 207 -28.69 -5.56 29.29
N PRO D 208 -29.77 -4.84 29.61
CA PRO D 208 -29.98 -3.51 28.99
C PRO D 208 -28.91 -2.49 29.33
N GLU D 209 -28.36 -2.53 30.55
CA GLU D 209 -27.46 -1.46 30.98
C GLU D 209 -26.11 -1.56 30.27
N CYS D 210 -25.54 -2.77 30.20
CA CYS D 210 -24.21 -2.91 29.61
C CYS D 210 -24.22 -2.62 28.11
N ARG D 211 -25.25 -3.09 27.40
CA ARG D 211 -25.43 -2.89 25.96
C ARG D 211 -24.32 -3.56 25.15
N GLY D 212 -23.40 -4.26 25.81
CA GLY D 212 -22.33 -4.94 25.09
C GLY D 212 -21.40 -3.98 24.36
N ARG D 213 -20.92 -2.97 25.07
CA ARG D 213 -20.10 -1.94 24.44
C ARG D 213 -18.81 -2.53 23.88
N SER D 214 -18.21 -3.49 24.59
CA SER D 214 -16.98 -4.11 24.11
C SER D 214 -17.25 -5.03 22.94
N PHE D 215 -16.37 -4.97 21.94
CA PHE D 215 -16.48 -5.75 20.70
C PHE D 215 -15.21 -6.60 20.56
N THR D 216 -15.24 -7.80 21.12
CA THR D 216 -14.10 -8.71 21.07
C THR D 216 -14.50 -10.04 20.44
N PRO D 217 -13.96 -10.38 19.28
CA PRO D 217 -14.15 -11.73 18.75
C PRO D 217 -13.49 -12.76 19.64
N ASP D 218 -14.09 -13.95 19.72
CA ASP D 218 -13.56 -15.05 20.54
C ASP D 218 -13.67 -16.35 19.75
N ARG D 219 -12.55 -16.77 19.16
CA ARG D 219 -12.54 -18.02 18.39
C ARG D 219 -12.49 -19.23 19.29
N SER D 220 -12.06 -19.05 20.54
CA SER D 220 -11.88 -20.19 21.44
C SER D 220 -13.20 -20.80 21.87
N SER D 221 -14.27 -20.01 21.84
CA SER D 221 -15.55 -20.47 22.37
C SER D 221 -16.08 -21.63 21.53
N PRO D 222 -16.65 -22.66 22.16
CA PRO D 222 -17.35 -23.70 21.39
C PRO D 222 -18.58 -23.17 20.67
N LEU D 223 -19.10 -22.02 21.10
CA LEU D 223 -20.26 -21.43 20.43
C LEU D 223 -19.95 -21.10 18.97
N THR D 224 -18.75 -20.57 18.72
CA THR D 224 -18.34 -20.30 17.35
C THR D 224 -18.30 -21.59 16.54
N ALA D 225 -19.09 -21.64 15.46
CA ALA D 225 -19.16 -22.80 14.60
C ALA D 225 -18.62 -22.42 13.23
N THR D 226 -18.13 -23.43 12.51
CA THR D 226 -17.51 -23.21 11.22
C THR D 226 -18.01 -24.24 10.22
N VAL D 227 -18.29 -23.78 9.01
CA VAL D 227 -18.71 -24.63 7.91
C VAL D 227 -17.82 -24.36 6.71
N ASP D 228 -17.44 -25.42 6.00
CA ASP D 228 -16.46 -25.29 4.93
C ASP D 228 -17.06 -24.57 3.72
N TRP D 229 -16.21 -23.79 3.04
CA TRP D 229 -16.58 -22.97 1.90
C TRP D 229 -15.74 -23.37 0.70
N GLN D 230 -16.39 -23.80 -0.37
CA GLN D 230 -15.69 -24.19 -1.59
C GLN D 230 -16.17 -23.33 -2.74
N SER D 231 -15.23 -22.80 -3.53
CA SER D 231 -15.55 -21.91 -4.63
C SER D 231 -15.30 -22.63 -5.95
N VAL D 232 -16.33 -22.73 -6.78
CA VAL D 232 -16.23 -23.31 -8.12
C VAL D 232 -16.82 -22.32 -9.10
N LYS D 233 -16.15 -22.14 -10.23
CA LYS D 233 -16.62 -21.24 -11.28
C LYS D 233 -17.16 -22.06 -12.44
N VAL D 234 -18.37 -21.75 -12.88
CA VAL D 234 -19.06 -22.51 -13.92
C VAL D 234 -19.28 -21.59 -15.11
N GLN D 235 -19.09 -22.14 -16.30
CA GLN D 235 -19.42 -21.46 -17.56
C GLN D 235 -20.50 -22.27 -18.28
N GLU D 236 -21.56 -21.59 -18.70
CA GLU D 236 -22.65 -22.28 -19.38
C GLU D 236 -22.18 -22.85 -20.71
N LEU D 237 -22.70 -24.05 -21.04
CA LEU D 237 -22.30 -24.74 -22.25
C LEU D 237 -22.61 -23.90 -23.48
N MET D 238 -21.65 -23.84 -24.40
CA MET D 238 -21.79 -23.11 -25.65
C MET D 238 -21.62 -24.10 -26.80
N SER D 239 -22.63 -24.18 -27.66
CA SER D 239 -22.58 -25.09 -28.80
C SER D 239 -21.49 -24.68 -29.77
N ASP D 240 -20.94 -25.66 -30.50
CA ASP D 240 -19.88 -25.43 -31.46
C ASP D 240 -20.36 -25.63 -32.90
N ASP D 241 -21.67 -25.62 -33.13
CA ASP D 241 -22.19 -25.84 -34.48
C ASP D 241 -21.77 -24.73 -35.43
N GLN D 242 -21.80 -23.48 -34.97
CA GLN D 242 -21.37 -22.35 -35.76
C GLN D 242 -20.00 -21.86 -35.27
N ARG D 243 -19.29 -21.16 -36.16
CA ARG D 243 -18.00 -20.58 -35.78
C ARG D 243 -18.19 -19.36 -34.89
N GLU D 244 -19.25 -18.57 -35.13
CA GLU D 244 -19.60 -17.52 -34.20
C GLU D 244 -19.92 -18.09 -32.83
N ALA D 245 -20.66 -19.20 -32.80
CA ALA D 245 -20.84 -19.95 -31.57
C ALA D 245 -19.49 -20.51 -31.10
N GLY D 246 -19.36 -20.66 -29.79
CA GLY D 246 -18.09 -21.02 -29.21
C GLY D 246 -17.28 -19.85 -28.70
N ARG D 247 -17.85 -18.65 -28.70
CA ARG D 247 -17.21 -17.49 -28.09
C ARG D 247 -16.98 -17.75 -26.61
N ILE D 248 -16.04 -17.00 -26.03
CA ILE D 248 -15.66 -17.21 -24.63
C ILE D 248 -16.89 -17.04 -23.75
N PRO D 249 -17.25 -18.06 -22.96
CA PRO D 249 -18.50 -17.99 -22.19
C PRO D 249 -18.33 -17.27 -20.88
N ARG D 250 -19.40 -16.61 -20.42
CA ARG D 250 -19.36 -15.95 -19.12
C ARG D 250 -19.31 -16.98 -17.99
N THR D 251 -18.48 -16.71 -17.00
CA THR D 251 -18.33 -17.58 -15.84
C THR D 251 -18.88 -16.88 -14.61
N ILE D 252 -19.75 -17.56 -13.89
CA ILE D 252 -20.33 -17.06 -12.64
C ILE D 252 -19.81 -17.92 -11.50
N GLU D 253 -19.31 -17.27 -10.46
CA GLU D 253 -18.73 -17.99 -9.34
C GLU D 253 -19.83 -18.69 -8.55
N CYS D 254 -19.48 -19.80 -7.90
CA CYS D 254 -20.43 -20.59 -7.13
C CYS D 254 -19.87 -20.82 -5.74
N GLU D 255 -20.64 -20.44 -4.72
CA GLU D 255 -20.27 -20.68 -3.34
C GLU D 255 -21.06 -21.86 -2.81
N LEU D 256 -20.35 -22.87 -2.33
CA LEU D 256 -20.94 -24.07 -1.77
C LEU D 256 -20.67 -24.11 -0.27
N VAL D 257 -21.47 -24.90 0.44
CA VAL D 257 -21.36 -24.97 1.89
C VAL D 257 -21.89 -26.32 2.37
N GLN D 258 -21.33 -26.77 3.48
CA GLN D 258 -21.78 -27.98 4.20
C GLN D 258 -21.61 -29.18 3.27
N ASP D 259 -22.63 -29.99 3.03
CA ASP D 259 -22.45 -31.26 2.32
C ASP D 259 -22.05 -31.03 0.87
N LEU D 260 -22.45 -29.90 0.30
CA LEU D 260 -22.18 -29.64 -1.11
C LEU D 260 -20.70 -29.58 -1.43
N VAL D 261 -19.86 -29.34 -0.42
CA VAL D 261 -18.41 -29.28 -0.66
C VAL D 261 -17.91 -30.63 -1.12
N ASP D 262 -17.05 -30.63 -2.14
CA ASP D 262 -16.47 -31.77 -2.84
C ASP D 262 -17.47 -32.46 -3.76
N SER D 263 -18.74 -32.05 -3.79
CA SER D 263 -19.69 -32.68 -4.70
C SER D 263 -19.33 -32.39 -6.15
N CYS D 264 -18.91 -31.16 -6.45
CA CYS D 264 -18.49 -30.83 -7.81
C CYS D 264 -17.09 -31.34 -8.09
N VAL D 265 -16.86 -31.76 -9.32
CA VAL D 265 -15.55 -32.20 -9.79
C VAL D 265 -15.25 -31.47 -11.09
N PRO D 266 -14.05 -30.92 -11.27
CA PRO D 266 -13.77 -30.13 -12.48
C PRO D 266 -13.92 -30.95 -13.76
N GLY D 267 -14.40 -30.29 -14.80
CA GLY D 267 -14.66 -30.96 -16.07
C GLY D 267 -15.99 -31.66 -16.16
N ASP D 268 -16.88 -31.45 -15.20
CA ASP D 268 -18.17 -32.14 -15.13
C ASP D 268 -19.28 -31.11 -15.10
N VAL D 269 -20.32 -31.34 -15.89
CA VAL D 269 -21.44 -30.39 -15.96
C VAL D 269 -22.35 -30.60 -14.77
N VAL D 270 -22.64 -29.51 -14.06
CA VAL D 270 -23.40 -29.55 -12.82
C VAL D 270 -24.54 -28.54 -12.89
N THR D 271 -25.74 -28.97 -12.52
CA THR D 271 -26.94 -28.11 -12.52
C THR D 271 -27.06 -27.48 -11.15
N ILE D 272 -26.38 -26.35 -10.96
CA ILE D 272 -26.28 -25.69 -9.67
C ILE D 272 -27.49 -24.79 -9.48
N THR D 273 -28.48 -25.27 -8.74
CA THR D 273 -29.71 -24.53 -8.50
C THR D 273 -29.66 -23.95 -7.11
N GLY D 274 -29.51 -22.64 -7.01
CA GLY D 274 -29.40 -22.00 -5.71
C GLY D 274 -29.63 -20.51 -5.75
N VAL D 275 -29.80 -19.93 -4.56
CA VAL D 275 -29.92 -18.48 -4.44
C VAL D 275 -28.61 -17.84 -4.90
N VAL D 276 -28.73 -16.65 -5.51
CA VAL D 276 -27.59 -15.95 -6.09
C VAL D 276 -27.42 -14.61 -5.37
N LYS D 277 -26.17 -14.24 -5.09
CA LYS D 277 -25.85 -13.03 -4.35
C LYS D 277 -24.65 -12.34 -4.99
N VAL D 278 -24.44 -11.08 -4.61
CA VAL D 278 -23.31 -10.32 -5.13
C VAL D 278 -22.09 -10.50 -4.22
N SER D 279 -20.90 -10.32 -4.80
CA SER D 279 -19.63 -10.48 -4.09
C SER D 279 -19.05 -9.10 -3.82
N SER D 280 -19.11 -8.68 -2.56
CA SER D 280 -18.57 -7.36 -2.19
C SER D 280 -17.07 -7.31 -2.40
N THR D 281 -16.35 -8.36 -2.01
CA THR D 281 -14.90 -8.37 -2.17
C THR D 281 -14.51 -8.34 -3.65
N GLU D 282 -15.20 -9.13 -4.47
CA GLU D 282 -14.95 -9.19 -5.91
C GLU D 282 -13.50 -9.54 -6.23
N CYS D 293 -19.48 -2.42 -10.55
CA CYS D 293 -18.05 -2.62 -10.59
C CYS D 293 -17.51 -2.91 -9.19
N VAL D 294 -18.36 -2.76 -8.19
CA VAL D 294 -17.99 -3.13 -6.82
C VAL D 294 -18.54 -4.51 -6.51
N PHE D 295 -19.53 -4.97 -7.26
CA PHE D 295 -20.18 -6.24 -7.01
C PHE D 295 -20.17 -7.08 -8.28
N LEU D 296 -20.31 -8.39 -8.11
CA LEU D 296 -20.50 -9.32 -9.21
C LEU D 296 -21.22 -10.54 -8.65
N LEU D 297 -22.18 -11.07 -9.44
CA LEU D 297 -23.08 -12.11 -8.95
C LEU D 297 -22.34 -13.42 -8.78
N TYR D 298 -22.61 -14.10 -7.66
CA TYR D 298 -22.26 -15.50 -7.50
C TYR D 298 -23.45 -16.21 -6.89
N ILE D 299 -23.68 -17.44 -7.30
CA ILE D 299 -24.81 -18.23 -6.82
C ILE D 299 -24.38 -19.01 -5.58
N GLU D 300 -24.97 -18.68 -4.44
CA GLU D 300 -24.76 -19.42 -3.21
C GLU D 300 -25.46 -20.76 -3.35
N ALA D 301 -24.72 -21.79 -3.76
CA ALA D 301 -25.34 -23.03 -4.19
C ALA D 301 -26.23 -23.63 -3.12
N ASN D 302 -27.44 -24.01 -3.52
CA ASN D 302 -28.35 -24.73 -2.64
C ASN D 302 -28.36 -26.22 -2.91
N SER D 303 -28.23 -26.63 -4.16
CA SER D 303 -28.10 -28.04 -4.51
C SER D 303 -27.34 -28.17 -5.82
N VAL D 304 -26.50 -29.19 -5.91
CA VAL D 304 -25.71 -29.46 -7.09
C VAL D 304 -25.98 -30.89 -7.54
N SER D 305 -26.43 -31.05 -8.77
CA SER D 305 -26.71 -32.36 -9.34
C SER D 305 -25.63 -32.70 -10.35
N ASN D 306 -24.92 -33.80 -10.10
CA ASN D 306 -23.86 -34.22 -10.99
C ASN D 306 -24.44 -34.79 -12.29
N SER D 307 -23.63 -34.78 -13.34
CA SER D 307 -24.07 -35.33 -14.61
C SER D 307 -24.36 -36.82 -14.50
N LYS D 308 -23.52 -37.55 -13.78
CA LYS D 308 -23.69 -38.99 -13.61
C LYS D 308 -24.49 -39.30 -12.35
N ALA E 2 -30.89 23.08 -16.11
CA ALA E 2 -31.87 24.02 -15.55
C ALA E 2 -33.22 23.89 -16.26
N LEU E 3 -34.08 23.03 -15.74
CA LEU E 3 -35.40 22.79 -16.31
C LEU E 3 -36.47 23.21 -15.32
N ARG E 4 -37.47 23.93 -15.81
CA ARG E 4 -38.60 24.32 -14.98
C ARG E 4 -39.61 23.17 -14.91
N ALA E 5 -40.35 23.12 -13.80
CA ALA E 5 -41.28 22.03 -13.58
C ALA E 5 -42.37 21.99 -14.64
N ASP E 6 -42.92 23.15 -15.00
CA ASP E 6 -43.91 23.20 -16.07
C ASP E 6 -43.30 22.78 -17.40
N GLN E 7 -42.07 23.20 -17.67
CA GLN E 7 -41.40 22.80 -18.90
C GLN E 7 -41.16 21.29 -18.92
N VAL E 8 -40.77 20.72 -17.78
CA VAL E 8 -40.63 19.28 -17.67
C VAL E 8 -41.94 18.58 -17.96
N SER E 9 -43.04 19.12 -17.42
CA SER E 9 -44.36 18.53 -17.68
C SER E 9 -44.70 18.59 -19.16
N LEU E 10 -44.39 19.71 -19.81
CA LEU E 10 -44.67 19.83 -21.24
C LEU E 10 -43.89 18.80 -22.06
N ILE E 11 -42.58 18.68 -21.78
CA ILE E 11 -41.76 17.71 -22.51
C ILE E 11 -42.27 16.29 -22.27
N GLY E 12 -42.61 15.98 -21.02
CA GLY E 12 -43.12 14.65 -20.72
C GLY E 12 -44.43 14.35 -21.42
N GLN E 13 -45.33 15.33 -21.47
CA GLN E 13 -46.61 15.13 -22.14
C GLN E 13 -46.41 14.91 -23.64
N VAL E 14 -45.55 15.71 -24.26
CA VAL E 14 -45.31 15.55 -25.70
C VAL E 14 -44.68 14.20 -25.99
N PHE E 15 -43.70 13.80 -25.18
CA PHE E 15 -43.06 12.50 -25.40
C PHE E 15 -44.05 11.36 -25.21
N GLU E 16 -44.92 11.47 -24.19
CA GLU E 16 -45.95 10.46 -23.97
C GLU E 16 -46.85 10.34 -25.19
N SER E 17 -47.32 11.48 -25.72
CA SER E 17 -48.21 11.44 -26.86
C SER E 17 -47.53 10.80 -28.07
N TYR E 18 -46.29 11.21 -28.35
CA TYR E 18 -45.58 10.64 -29.49
C TYR E 18 -45.37 9.14 -29.32
N LEU E 19 -44.97 8.69 -28.14
CA LEU E 19 -44.64 7.28 -27.97
C LEU E 19 -45.91 6.43 -27.96
N LEU E 20 -47.01 6.98 -27.46
CA LEU E 20 -48.29 6.27 -27.55
C LEU E 20 -48.73 6.12 -29.00
N GLN E 21 -48.59 7.19 -29.79
CA GLN E 21 -49.04 7.12 -31.18
C GLN E 21 -48.05 6.33 -32.04
N HIS E 22 -46.83 6.12 -31.55
CA HIS E 22 -45.81 5.53 -32.40
C HIS E 22 -45.53 4.08 -32.04
N HIS E 23 -45.28 3.79 -30.76
CA HIS E 23 -44.80 2.49 -30.31
C HIS E 23 -45.85 1.75 -29.49
N ARG E 24 -47.11 1.82 -29.91
CA ARG E 24 -48.17 1.11 -29.21
C ARG E 24 -47.95 -0.39 -29.25
N ASP E 25 -47.69 -0.95 -30.45
CA ASP E 25 -47.41 -2.36 -30.57
C ASP E 25 -46.13 -2.72 -29.82
N ASP E 26 -45.11 -1.87 -29.91
CA ASP E 26 -43.85 -2.13 -29.23
C ASP E 26 -44.01 -2.13 -27.71
N ILE E 27 -44.77 -1.16 -27.18
CA ILE E 27 -44.95 -1.12 -25.73
C ILE E 27 -45.81 -2.29 -25.26
N LEU E 28 -46.79 -2.70 -26.06
CA LEU E 28 -47.56 -3.90 -25.72
C LEU E 28 -46.65 -5.13 -25.69
N GLY E 29 -45.80 -5.29 -26.70
CA GLY E 29 -44.87 -6.40 -26.70
C GLY E 29 -43.90 -6.35 -25.53
N ILE E 30 -43.52 -5.14 -25.12
CA ILE E 30 -42.67 -4.97 -23.94
C ILE E 30 -43.39 -5.47 -22.70
N LEU E 31 -44.66 -5.11 -22.55
CA LEU E 31 -45.43 -5.56 -21.38
C LEU E 31 -45.75 -7.04 -21.46
N ARG E 32 -45.54 -7.66 -22.64
CA ARG E 32 -45.93 -9.06 -22.81
C ARG E 32 -45.12 -10.00 -21.91
N GLN E 33 -43.81 -9.80 -21.80
CA GLN E 33 -42.97 -10.73 -21.05
C GLN E 33 -43.30 -10.74 -19.57
N GLY E 34 -43.05 -11.88 -18.92
CA GLY E 34 -43.40 -12.03 -17.53
C GLY E 34 -42.51 -11.27 -16.58
N ASP E 35 -41.20 -11.28 -16.82
CA ASP E 35 -40.23 -10.76 -15.86
C ASP E 35 -40.37 -9.24 -15.75
N ASP E 36 -40.93 -8.79 -14.63
CA ASP E 36 -41.13 -7.36 -14.43
C ASP E 36 -39.83 -6.67 -14.06
N GLU E 37 -38.89 -7.41 -13.47
CA GLU E 37 -37.62 -6.82 -13.07
C GLU E 37 -36.71 -6.55 -14.27
N ALA E 38 -37.05 -7.11 -15.43
CA ALA E 38 -36.19 -7.00 -16.60
C ALA E 38 -36.17 -5.58 -17.14
N HIS E 39 -35.04 -5.21 -17.74
CA HIS E 39 -34.93 -3.92 -18.41
C HIS E 39 -35.51 -3.99 -19.80
N TYR E 40 -36.15 -2.90 -20.24
CA TYR E 40 -36.92 -2.93 -21.48
C TYR E 40 -36.58 -1.72 -22.34
N PRO E 41 -36.16 -1.92 -23.59
CA PRO E 41 -35.93 -0.79 -24.50
C PRO E 41 -37.16 -0.44 -25.32
N VAL E 42 -37.44 0.86 -25.47
CA VAL E 42 -38.61 1.28 -26.23
C VAL E 42 -38.26 1.83 -27.60
N LEU E 43 -37.02 2.26 -27.82
CA LEU E 43 -36.51 2.62 -29.15
C LEU E 43 -37.34 3.73 -29.79
N VAL E 44 -37.34 4.91 -29.18
CA VAL E 44 -38.01 6.05 -29.77
C VAL E 44 -37.04 6.80 -30.67
N ASP E 45 -37.48 7.10 -31.88
CA ASP E 45 -36.62 7.71 -32.90
C ASP E 45 -36.44 9.19 -32.59
N ALA E 46 -35.19 9.66 -32.69
CA ALA E 46 -34.88 11.04 -32.32
C ALA E 46 -35.42 12.04 -33.33
N LEU E 47 -35.20 11.79 -34.62
CA LEU E 47 -35.44 12.82 -35.62
C LEU E 47 -36.93 13.11 -35.78
N THR E 48 -37.77 12.06 -35.84
CA THR E 48 -39.21 12.27 -35.94
C THR E 48 -39.74 12.95 -34.69
N LEU E 49 -39.22 12.57 -33.52
CA LEU E 49 -39.62 13.22 -32.28
C LEU E 49 -39.28 14.70 -32.32
N PHE E 50 -38.14 15.06 -32.91
CA PHE E 50 -37.77 16.45 -33.03
C PHE E 50 -38.69 17.20 -34.02
N GLU E 51 -39.04 16.56 -35.13
CA GLU E 51 -39.98 17.18 -36.05
C GLU E 51 -41.34 17.41 -35.40
N THR E 52 -41.76 16.49 -34.51
CA THR E 52 -43.06 16.65 -33.87
C THR E 52 -43.11 17.92 -33.03
N ASN E 53 -42.04 18.23 -32.31
CA ASN E 53 -41.96 19.43 -31.49
C ASN E 53 -40.49 19.82 -31.41
N MET E 54 -40.18 21.06 -31.80
CA MET E 54 -38.79 21.51 -31.83
C MET E 54 -38.27 21.84 -30.44
N GLU E 55 -39.15 22.29 -29.54
CA GLU E 55 -38.71 22.65 -28.19
C GLU E 55 -38.17 21.45 -27.45
N ILE E 56 -38.86 20.30 -27.55
CA ILE E 56 -38.36 19.10 -26.89
C ILE E 56 -37.05 18.65 -27.52
N GLY E 57 -36.88 18.86 -28.83
CA GLY E 57 -35.63 18.50 -29.48
C GLY E 57 -34.45 19.32 -28.97
N GLU E 58 -34.63 20.64 -28.89
CA GLU E 58 -33.55 21.49 -28.40
C GLU E 58 -33.28 21.25 -26.93
N TYR E 59 -34.32 20.93 -26.15
CA TYR E 59 -34.11 20.61 -24.74
C TYR E 59 -33.37 19.29 -24.58
N PHE E 60 -33.70 18.30 -25.42
CA PHE E 60 -32.97 17.04 -25.42
C PHE E 60 -31.51 17.25 -25.76
N ASN E 61 -31.22 18.07 -26.77
CA ASN E 61 -29.83 18.36 -27.12
C ASN E 61 -29.13 19.10 -26.00
N ALA E 62 -29.81 20.05 -25.36
CA ALA E 62 -29.16 20.88 -24.35
C ALA E 62 -28.84 20.10 -23.08
N PHE E 63 -29.82 19.37 -22.55
CA PHE E 63 -29.69 18.69 -21.25
C PHE E 63 -30.21 17.26 -21.35
N PRO E 64 -29.47 16.38 -22.05
CA PRO E 64 -29.94 14.99 -22.14
C PRO E 64 -30.07 14.31 -20.78
N SER E 65 -29.14 14.57 -19.87
CA SER E 65 -29.14 13.88 -18.58
C SER E 65 -30.37 14.24 -17.76
N GLN E 66 -30.97 15.40 -18.03
CA GLN E 66 -32.19 15.77 -17.34
C GLN E 66 -33.43 15.31 -18.12
N VAL E 67 -33.33 15.30 -19.44
CA VAL E 67 -34.49 14.96 -20.26
C VAL E 67 -34.81 13.47 -20.16
N LEU E 68 -33.78 12.62 -20.11
CA LEU E 68 -34.03 11.18 -20.11
C LEU E 68 -34.85 10.69 -18.92
N PRO E 69 -34.63 11.14 -17.67
CA PRO E 69 -35.56 10.74 -16.60
C PRO E 69 -37.00 11.17 -16.85
N ILE E 70 -37.20 12.35 -17.47
CA ILE E 70 -38.54 12.77 -17.84
C ILE E 70 -39.12 11.81 -18.87
N PHE E 71 -38.28 11.34 -19.81
CA PHE E 71 -38.74 10.34 -20.76
C PHE E 71 -39.10 9.03 -20.06
N ASP E 72 -38.37 8.68 -19.00
CA ASP E 72 -38.70 7.48 -18.25
C ASP E 72 -40.04 7.61 -17.53
N GLY E 73 -40.31 8.78 -16.95
CA GLY E 73 -41.62 9.02 -16.38
C GLY E 73 -42.74 8.97 -17.41
N ALA E 74 -42.46 9.52 -18.61
CA ALA E 74 -43.42 9.40 -19.70
C ALA E 74 -43.64 7.95 -20.09
N LEU E 75 -42.57 7.15 -20.08
CA LEU E 75 -42.72 5.71 -20.28
C LEU E 75 -43.63 5.10 -19.23
N ARG E 76 -43.44 5.50 -17.97
CA ARG E 76 -44.24 4.93 -16.89
C ARG E 76 -45.73 5.21 -17.09
N ARG E 77 -46.08 6.46 -17.36
CA ARG E 77 -47.51 6.78 -17.49
C ARG E 77 -48.07 6.31 -18.84
N ALA E 78 -47.24 6.25 -19.88
CA ALA E 78 -47.69 5.67 -21.14
C ALA E 78 -47.96 4.17 -20.97
N ALA E 79 -47.14 3.51 -20.16
CA ALA E 79 -47.39 2.10 -19.84
C ALA E 79 -48.65 1.95 -19.02
N MET E 80 -48.89 2.88 -18.07
CA MET E 80 -50.16 2.92 -17.38
C MET E 80 -51.32 2.89 -18.36
N ALA E 81 -51.31 3.81 -19.32
CA ALA E 81 -52.41 3.94 -20.27
C ALA E 81 -52.53 2.71 -21.17
N VAL E 82 -51.40 2.17 -21.63
CA VAL E 82 -51.47 1.06 -22.58
C VAL E 82 -51.88 -0.23 -21.88
N LEU E 83 -51.57 -0.36 -20.58
CA LEU E 83 -52.04 -1.52 -19.85
C LEU E 83 -53.53 -1.41 -19.55
N GLN E 84 -53.99 -0.23 -19.14
CA GLN E 84 -55.43 -0.08 -18.90
C GLN E 84 -56.22 -0.25 -20.18
N ALA E 85 -55.60 0.07 -21.33
CA ALA E 85 -56.23 -0.21 -22.62
C ALA E 85 -56.26 -1.71 -22.90
N ALA E 86 -55.22 -2.43 -22.51
CA ALA E 86 -55.12 -3.86 -22.81
C ALA E 86 -56.10 -4.65 -21.96
N THR E 87 -56.66 -5.72 -22.55
CA THR E 87 -57.66 -6.55 -21.89
C THR E 87 -57.06 -7.50 -20.86
N PRO E 88 -56.12 -8.41 -21.23
CA PRO E 88 -55.73 -9.46 -20.28
C PRO E 88 -54.79 -8.97 -19.19
N SER E 89 -55.23 -9.06 -17.93
CA SER E 89 -54.39 -8.63 -16.83
C SER E 89 -53.33 -9.65 -16.43
N PRO E 90 -53.64 -10.94 -16.21
CA PRO E 90 -52.56 -11.87 -15.84
C PRO E 90 -51.48 -12.02 -16.90
N GLU E 91 -51.85 -11.95 -18.18
CA GLU E 91 -50.87 -12.14 -19.24
C GLU E 91 -50.00 -10.90 -19.44
N LEU E 92 -50.55 -9.72 -19.17
CA LEU E 92 -49.87 -8.46 -19.42
C LEU E 92 -49.61 -7.77 -18.09
N ARG E 93 -48.33 -7.65 -17.72
CA ARG E 93 -47.93 -7.09 -16.43
C ARG E 93 -47.17 -5.79 -16.64
N MET E 94 -47.35 -4.86 -15.69
CA MET E 94 -46.67 -3.57 -15.75
C MET E 94 -45.18 -3.73 -15.45
N LYS E 95 -44.36 -2.92 -16.12
CA LYS E 95 -42.91 -3.00 -15.96
C LYS E 95 -42.38 -1.72 -15.33
N PRO E 96 -42.10 -1.70 -14.03
CA PRO E 96 -41.49 -0.50 -13.43
C PRO E 96 -40.10 -0.22 -13.98
N ASN E 97 -39.44 -1.21 -14.57
CA ASN E 97 -38.09 -1.06 -15.09
C ASN E 97 -38.19 -0.69 -16.57
N LEU E 98 -38.31 0.61 -16.84
CA LEU E 98 -38.46 1.13 -18.19
C LEU E 98 -37.42 2.20 -18.46
N HIS E 99 -36.81 2.16 -19.63
CA HIS E 99 -35.77 3.10 -20.02
C HIS E 99 -35.94 3.49 -21.48
N ALA E 100 -35.82 4.79 -21.75
CA ALA E 100 -36.04 5.31 -23.10
C ALA E 100 -34.76 5.18 -23.92
N ARG E 101 -34.90 4.69 -25.15
CA ARG E 101 -33.79 4.52 -26.07
C ARG E 101 -33.94 5.51 -27.21
N ILE E 102 -32.90 6.31 -27.44
CA ILE E 102 -32.89 7.33 -28.48
C ILE E 102 -32.05 6.83 -29.65
N SER E 103 -32.68 6.69 -30.82
CA SER E 103 -32.02 6.20 -32.02
C SER E 103 -32.40 7.08 -33.20
N GLY E 104 -31.62 6.96 -34.26
CA GLY E 104 -31.87 7.75 -35.46
C GLY E 104 -31.70 9.24 -35.23
N LEU E 105 -30.57 9.63 -34.67
CA LEU E 105 -30.32 11.04 -34.41
C LEU E 105 -30.30 11.82 -35.73
N PRO E 106 -30.79 13.05 -35.74
CA PRO E 106 -30.71 13.86 -36.96
C PRO E 106 -29.26 14.00 -37.42
N ILE E 107 -28.97 13.46 -38.61
CA ILE E 107 -27.59 13.37 -39.08
C ILE E 107 -27.11 14.77 -39.48
N CYS E 108 -26.32 15.38 -38.59
CA CYS E 108 -25.70 16.66 -38.83
C CYS E 108 -24.30 16.62 -38.24
N PRO E 109 -23.31 17.18 -38.93
CA PRO E 109 -21.95 17.19 -38.36
C PRO E 109 -21.86 17.89 -37.02
N GLU E 110 -22.61 18.97 -36.83
CA GLU E 110 -22.60 19.67 -35.55
C GLU E 110 -23.38 18.90 -34.49
N LEU E 111 -24.57 18.41 -34.84
CA LEU E 111 -25.42 17.75 -33.85
C LEU E 111 -24.83 16.41 -33.41
N THR E 112 -24.34 15.62 -34.36
CA THR E 112 -23.77 14.30 -34.08
C THR E 112 -22.27 14.35 -34.35
N ARG E 113 -21.48 14.18 -33.30
CA ARG E 113 -20.02 14.19 -33.41
C ARG E 113 -19.55 12.77 -33.69
N GLU E 114 -19.36 12.45 -34.96
CA GLU E 114 -18.96 11.10 -35.34
C GLU E 114 -17.59 10.77 -34.76
N HIS E 115 -16.77 11.77 -34.50
CA HIS E 115 -15.48 11.56 -33.87
C HIS E 115 -15.64 11.28 -32.38
N ILE E 116 -14.56 10.78 -31.79
CA ILE E 116 -14.52 10.64 -30.32
C ILE E 116 -14.67 12.01 -29.69
N PRO E 117 -15.55 12.20 -28.71
CA PRO E 117 -15.77 13.55 -28.17
C PRO E 117 -14.53 14.09 -27.48
N LYS E 118 -14.36 15.41 -27.56
CA LYS E 118 -13.38 16.12 -26.78
C LYS E 118 -14.08 16.75 -25.58
N THR E 119 -13.31 17.45 -24.75
CA THR E 119 -13.88 17.99 -23.50
C THR E 119 -14.94 19.04 -23.76
N ARG E 120 -15.02 19.58 -24.98
CA ARG E 120 -16.06 20.54 -25.31
C ARG E 120 -17.44 19.88 -25.35
N ASP E 121 -17.47 18.55 -25.44
CA ASP E 121 -18.71 17.82 -25.66
C ASP E 121 -19.36 17.32 -24.39
N VAL E 122 -18.89 17.74 -23.21
CA VAL E 122 -19.51 17.27 -21.98
C VAL E 122 -20.96 17.75 -21.92
N GLY E 123 -21.83 16.85 -21.46
CA GLY E 123 -23.25 17.16 -21.39
C GLY E 123 -23.91 17.42 -22.72
N HIS E 124 -23.49 16.71 -23.77
CA HIS E 124 -24.10 16.84 -25.09
C HIS E 124 -24.35 15.45 -25.65
N PHE E 125 -25.52 15.28 -26.27
CA PHE E 125 -25.93 14.02 -26.85
C PHE E 125 -25.42 13.94 -28.29
N LEU E 126 -24.59 12.93 -28.56
CA LEU E 126 -23.99 12.78 -29.88
C LEU E 126 -23.68 11.32 -30.13
N SER E 127 -23.52 10.98 -31.42
CA SER E 127 -23.43 9.58 -31.85
C SER E 127 -21.98 9.21 -32.14
N VAL E 128 -21.32 8.68 -31.11
CA VAL E 128 -19.97 8.17 -31.28
C VAL E 128 -20.02 6.88 -32.06
N THR E 129 -19.18 6.78 -33.09
CA THR E 129 -19.03 5.55 -33.87
C THR E 129 -17.62 5.02 -33.64
N GLY E 130 -17.51 3.96 -32.83
CA GLY E 130 -16.21 3.41 -32.51
C GLY E 130 -16.26 1.90 -32.43
N THR E 131 -15.12 1.28 -32.70
CA THR E 131 -14.99 -0.17 -32.68
C THR E 131 -14.49 -0.61 -31.31
N VAL E 132 -15.26 -1.49 -30.66
CA VAL E 132 -14.90 -1.97 -29.34
C VAL E 132 -13.57 -2.70 -29.39
N ILE E 133 -12.72 -2.46 -28.41
CA ILE E 133 -11.43 -3.15 -28.30
C ILE E 133 -11.35 -3.96 -27.02
N ARG E 134 -11.83 -3.43 -25.91
CA ARG E 134 -11.78 -4.11 -24.62
C ARG E 134 -13.20 -4.20 -24.06
N THR E 135 -13.64 -5.43 -23.78
CA THR E 135 -14.98 -5.69 -23.26
C THR E 135 -14.86 -6.25 -21.86
N SER E 136 -15.17 -5.42 -20.87
CA SER E 136 -15.12 -5.83 -19.48
C SER E 136 -16.33 -6.71 -19.15
N LEU E 137 -16.17 -7.53 -18.10
CA LEU E 137 -17.23 -8.44 -17.70
C LEU E 137 -18.44 -7.67 -17.18
N VAL E 138 -19.50 -8.39 -16.88
CA VAL E 138 -20.74 -7.77 -16.44
C VAL E 138 -20.65 -7.52 -14.94
N LYS E 139 -20.01 -6.42 -14.56
CA LYS E 139 -19.78 -6.09 -13.16
C LYS E 139 -20.93 -5.24 -12.67
N VAL E 140 -21.95 -5.89 -12.09
CA VAL E 140 -23.12 -5.17 -11.64
C VAL E 140 -22.74 -4.21 -10.52
N LEU E 141 -23.48 -3.13 -10.39
CA LEU E 141 -23.22 -2.13 -9.37
C LEU E 141 -24.52 -1.79 -8.65
N GLU E 142 -24.46 -1.72 -7.32
CA GLU E 142 -25.58 -1.25 -6.52
C GLU E 142 -25.54 0.26 -6.48
N PHE E 143 -26.33 0.91 -7.34
CA PHE E 143 -26.25 2.36 -7.46
C PHE E 143 -26.78 3.05 -6.21
N GLU E 144 -27.79 2.46 -5.56
CA GLU E 144 -28.35 3.01 -4.34
C GLU E 144 -27.90 2.18 -3.15
N ARG E 145 -27.13 2.81 -2.27
CA ARG E 145 -26.60 2.16 -1.07
C ARG E 145 -27.17 2.93 0.14
N SER E 146 -28.48 3.15 0.09
CA SER E 146 -29.17 3.95 1.10
C SER E 146 -28.99 3.34 2.49
N TYR E 147 -28.82 4.21 3.48
CA TYR E 147 -28.78 3.83 4.89
C TYR E 147 -30.09 4.25 5.51
N ILE E 148 -31.00 3.29 5.67
CA ILE E 148 -32.36 3.57 6.14
C ILE E 148 -32.31 3.98 7.61
N CYS E 149 -32.96 5.09 7.93
CA CYS E 149 -33.02 5.57 9.30
C CYS E 149 -33.95 4.71 10.14
N ASN E 150 -33.65 4.62 11.43
CA ASN E 150 -34.54 3.92 12.35
C ASN E 150 -35.88 4.64 12.45
N LYS E 151 -35.87 5.97 12.53
CA LYS E 151 -37.10 6.74 12.57
C LYS E 151 -37.82 6.66 11.23
N CYS E 152 -39.16 6.70 11.29
CA CYS E 152 -39.96 6.59 10.08
C CYS E 152 -39.82 7.84 9.23
N LYS E 153 -40.12 7.70 7.94
CA LYS E 153 -40.24 8.71 6.89
C LYS E 153 -38.95 9.50 6.66
N HIS E 154 -37.85 9.20 7.36
CA HIS E 154 -36.59 9.87 7.06
C HIS E 154 -36.00 9.36 5.76
N VAL E 155 -36.00 8.04 5.58
CA VAL E 155 -35.58 7.34 4.35
C VAL E 155 -34.34 7.96 3.73
N PHE E 156 -33.26 8.03 4.52
CA PHE E 156 -31.99 8.52 4.01
C PHE E 156 -31.51 7.64 2.86
N VAL E 157 -31.09 8.28 1.77
CA VAL E 157 -30.71 7.57 0.55
C VAL E 157 -29.33 8.03 0.10
N ALA E 158 -28.46 7.06 -0.20
CA ALA E 158 -27.16 7.32 -0.79
C ALA E 158 -27.12 6.68 -2.17
N LYS E 159 -26.79 7.48 -3.19
CA LYS E 159 -26.84 7.04 -4.57
C LYS E 159 -25.45 7.16 -5.20
N ALA E 160 -25.05 6.13 -5.93
CA ALA E 160 -23.80 6.18 -6.67
C ALA E 160 -23.94 7.10 -7.88
N ASP E 161 -22.88 7.86 -8.16
CA ASP E 161 -22.87 8.82 -9.25
C ASP E 161 -21.69 8.51 -10.18
N PHE E 162 -21.96 8.51 -11.48
CA PHE E 162 -20.92 8.14 -12.43
C PHE E 162 -19.85 9.21 -12.53
N GLU E 163 -20.22 10.48 -12.32
CA GLU E 163 -19.22 11.54 -12.28
C GLU E 163 -18.23 11.31 -11.16
N GLN E 164 -18.67 10.68 -10.07
CA GLN E 164 -17.79 10.35 -8.95
C GLN E 164 -17.24 8.93 -9.09
N TYR E 165 -16.73 8.61 -10.29
CA TYR E 165 -16.09 7.32 -10.56
C TYR E 165 -16.92 6.15 -10.05
N TYR E 166 -18.23 6.22 -10.33
CA TYR E 166 -19.22 5.24 -9.88
C TYR E 166 -19.04 4.84 -8.41
N ALA E 167 -18.63 5.80 -7.59
CA ALA E 167 -18.42 5.57 -6.16
C ALA E 167 -19.65 6.05 -5.39
N PHE E 168 -20.14 5.21 -4.49
CA PHE E 168 -21.32 5.54 -3.71
C PHE E 168 -21.07 6.77 -2.85
N CYS E 169 -22.09 7.61 -2.71
CA CYS E 169 -21.97 8.78 -1.84
C CYS E 169 -21.80 8.35 -0.39
N ARG E 170 -20.88 8.99 0.30
CA ARG E 170 -20.56 8.67 1.68
C ARG E 170 -21.08 9.74 2.63
N PRO E 171 -21.87 9.38 3.63
CA PRO E 171 -22.43 10.39 4.56
C PRO E 171 -21.45 10.74 5.68
N SER E 172 -20.32 11.34 5.30
CA SER E 172 -19.34 11.76 6.29
C SER E 172 -19.91 12.86 7.18
N ALA E 173 -20.65 13.79 6.61
CA ALA E 173 -21.24 14.87 7.39
C ALA E 173 -22.29 14.33 8.36
N CYS E 174 -22.35 14.92 9.55
CA CYS E 174 -23.28 14.51 10.58
C CYS E 174 -24.44 15.50 10.75
N LEU E 175 -24.89 16.12 9.66
CA LEU E 175 -26.01 17.05 9.74
C LEU E 175 -27.28 16.33 10.18
N ASN E 176 -27.52 15.14 9.64
CA ASN E 176 -28.72 14.39 9.97
C ASN E 176 -28.69 13.90 11.42
N GLU E 177 -29.86 13.55 11.94
CA GLU E 177 -29.97 13.06 13.31
C GLU E 177 -29.30 11.70 13.48
N GLU E 178 -29.02 11.01 12.37
CA GLU E 178 -28.40 9.69 12.45
C GLU E 178 -27.02 9.78 13.09
N GLY E 179 -26.23 10.77 12.71
CA GLY E 179 -24.91 10.92 13.29
C GLY E 179 -23.99 9.78 12.90
N CYS E 180 -23.44 9.11 13.91
CA CYS E 180 -22.56 7.97 13.65
C CYS E 180 -23.33 6.82 13.00
N ASN E 181 -24.64 6.74 13.25
CA ASN E 181 -25.45 5.70 12.64
C ASN E 181 -25.54 5.88 11.13
N SER E 182 -25.32 7.11 10.65
CA SER E 182 -25.36 7.36 9.21
C SER E 182 -24.20 6.70 8.49
N THR E 183 -22.98 6.88 9.01
CA THR E 183 -21.80 6.40 8.29
C THR E 183 -21.65 4.88 8.39
N LYS E 184 -22.22 4.27 9.44
CA LYS E 184 -22.12 2.82 9.58
C LYS E 184 -22.96 2.13 8.52
N PHE E 185 -22.44 1.01 8.02
CA PHE E 185 -23.10 0.32 6.92
C PHE E 185 -24.36 -0.39 7.39
N THR E 186 -25.41 -0.30 6.57
CA THR E 186 -26.63 -1.06 6.75
C THR E 186 -26.69 -2.14 5.68
N CYS E 187 -26.77 -3.41 6.13
CA CYS E 187 -26.70 -4.55 5.22
C CYS E 187 -28.07 -4.80 4.59
N LEU E 188 -28.53 -3.82 3.80
CA LEU E 188 -29.78 -3.98 3.08
C LEU E 188 -29.69 -5.11 2.06
N SER E 189 -28.55 -5.21 1.37
CA SER E 189 -28.38 -6.28 0.39
C SER E 189 -28.38 -7.65 1.05
N GLY E 190 -27.77 -7.75 2.22
CA GLY E 190 -27.69 -9.04 2.90
C GLY E 190 -29.05 -9.55 3.36
N THR E 191 -29.90 -8.65 3.86
CA THR E 191 -31.19 -9.08 4.39
C THR E 191 -32.10 -9.61 3.29
N SER E 192 -32.24 -8.86 2.20
CA SER E 192 -33.13 -9.28 1.12
C SER E 192 -32.72 -8.57 -0.17
N SER E 193 -33.23 -9.08 -1.29
CA SER E 193 -32.90 -8.52 -2.59
C SER E 193 -33.56 -7.16 -2.80
N SER E 194 -34.82 -7.03 -2.40
CA SER E 194 -35.56 -5.79 -2.68
C SER E 194 -34.93 -4.55 -2.08
N PRO E 195 -34.45 -4.54 -0.82
CA PRO E 195 -33.79 -3.31 -0.32
C PRO E 195 -32.59 -2.88 -1.15
N SER E 196 -31.86 -3.83 -1.73
CA SER E 196 -30.72 -3.48 -2.57
C SER E 196 -31.19 -3.21 -4.00
N SER E 197 -30.93 -2.01 -4.49
CA SER E 197 -31.28 -1.61 -5.85
C SER E 197 -30.03 -1.74 -6.71
N CYS E 198 -29.81 -2.93 -7.27
CA CYS E 198 -28.62 -3.23 -8.03
C CYS E 198 -29.01 -3.63 -9.45
N ARG E 199 -28.53 -2.87 -10.44
CA ARG E 199 -28.65 -3.21 -11.84
C ARG E 199 -27.32 -2.99 -12.55
N ASP E 200 -27.09 -3.80 -13.58
CA ASP E 200 -25.74 -4.12 -14.03
C ASP E 200 -25.02 -2.92 -14.67
N TYR E 201 -23.71 -3.08 -14.81
CA TYR E 201 -22.79 -2.02 -15.23
C TYR E 201 -21.66 -2.64 -16.03
N GLN E 202 -21.39 -2.11 -17.21
CA GLN E 202 -20.33 -2.62 -18.07
C GLN E 202 -19.50 -1.46 -18.61
N GLU E 203 -18.23 -1.74 -18.85
CA GLU E 203 -17.32 -0.78 -19.47
C GLU E 203 -16.74 -1.36 -20.75
N ILE E 204 -16.88 -0.64 -21.85
CA ILE E 204 -16.24 -0.98 -23.12
C ILE E 204 -15.50 0.24 -23.62
N LYS E 205 -14.31 0.01 -24.16
CA LYS E 205 -13.51 1.07 -24.76
C LYS E 205 -13.62 0.97 -26.27
N ILE E 206 -14.06 2.05 -26.91
CA ILE E 206 -14.21 2.09 -28.35
C ILE E 206 -13.21 3.07 -28.93
N GLN E 207 -12.50 2.64 -29.97
CA GLN E 207 -11.58 3.49 -30.69
C GLN E 207 -12.21 3.90 -32.01
N GLU E 208 -11.92 5.12 -32.45
CA GLU E 208 -12.47 5.60 -33.71
C GLU E 208 -11.97 4.74 -34.86
N GLN E 209 -12.85 4.52 -35.84
CA GLN E 209 -12.48 3.70 -36.98
C GLN E 209 -11.35 4.36 -37.77
N VAL E 210 -10.31 3.57 -38.06
CA VAL E 210 -9.13 4.12 -38.75
C VAL E 210 -9.47 4.44 -40.20
N GLN E 211 -10.50 3.79 -40.77
CA GLN E 211 -10.90 4.09 -42.13
C GLN E 211 -11.39 5.52 -42.26
N ARG E 212 -12.10 6.02 -41.25
CA ARG E 212 -12.63 7.37 -41.30
C ARG E 212 -11.50 8.38 -41.35
N LEU E 213 -11.70 9.45 -42.13
CA LEU E 213 -10.64 10.45 -42.30
C LEU E 213 -10.46 11.29 -41.05
N SER E 214 -11.47 11.36 -40.19
CA SER E 214 -11.39 12.23 -39.02
C SER E 214 -10.35 11.74 -38.02
N VAL E 215 -10.11 10.43 -37.97
CA VAL E 215 -9.23 9.86 -36.96
C VAL E 215 -7.80 10.36 -37.18
N GLY E 216 -7.05 10.47 -36.08
CA GLY E 216 -5.69 10.93 -36.14
C GLY E 216 -4.71 9.81 -36.45
N SER E 217 -3.44 10.06 -36.12
CA SER E 217 -2.39 9.07 -36.35
C SER E 217 -2.64 7.81 -35.54
N ILE E 218 -3.01 7.96 -34.27
CA ILE E 218 -3.37 6.83 -33.42
C ILE E 218 -4.87 6.90 -33.16
N PRO E 219 -5.59 5.79 -33.21
CA PRO E 219 -7.03 5.83 -32.93
C PRO E 219 -7.30 6.15 -31.47
N ARG E 220 -7.97 7.28 -31.23
CA ARG E 220 -8.31 7.65 -29.88
C ARG E 220 -9.36 6.70 -29.31
N CYS E 221 -9.18 6.31 -28.06
CA CYS E 221 -10.05 5.33 -27.42
C CYS E 221 -11.05 6.04 -26.51
N MET E 222 -12.32 5.70 -26.67
CA MET E 222 -13.40 6.25 -25.85
C MET E 222 -13.98 5.13 -24.99
N VAL E 223 -14.05 5.37 -23.69
CA VAL E 223 -14.62 4.39 -22.78
C VAL E 223 -16.11 4.65 -22.61
N VAL E 224 -16.91 3.60 -22.75
CA VAL E 224 -18.36 3.69 -22.76
C VAL E 224 -18.91 2.91 -21.57
N VAL E 225 -19.71 3.59 -20.75
CA VAL E 225 -20.42 2.94 -19.67
C VAL E 225 -21.75 2.43 -20.21
N LEU E 226 -21.96 1.12 -20.12
CA LEU E 226 -23.20 0.49 -20.55
C LEU E 226 -24.07 0.26 -19.33
N GLU E 227 -25.38 0.34 -19.51
CA GLU E 227 -26.33 0.19 -18.42
C GLU E 227 -27.56 -0.58 -18.88
N ASP E 228 -28.10 -1.36 -17.95
CA ASP E 228 -29.41 -2.00 -18.10
C ASP E 228 -29.34 -2.96 -19.29
N ASP E 229 -30.31 -2.93 -20.22
CA ASP E 229 -30.33 -3.91 -21.30
C ASP E 229 -29.12 -3.74 -22.22
N LEU E 230 -28.54 -2.54 -22.25
CA LEU E 230 -27.43 -2.26 -23.14
C LEU E 230 -26.21 -3.11 -22.79
N VAL E 231 -26.13 -3.61 -21.56
CA VAL E 231 -25.05 -4.53 -21.19
C VAL E 231 -25.22 -5.82 -21.98
N ASP E 232 -24.10 -6.35 -22.47
CA ASP E 232 -23.99 -7.58 -23.27
C ASP E 232 -24.59 -7.40 -24.66
N SER E 233 -25.04 -6.20 -25.03
CA SER E 233 -25.57 -5.99 -26.37
C SER E 233 -24.45 -5.96 -27.40
N CYS E 234 -23.22 -5.74 -26.96
CA CYS E 234 -22.08 -5.62 -27.85
C CYS E 234 -20.93 -6.52 -27.38
N LYS E 235 -20.16 -7.03 -28.33
CA LYS E 235 -19.03 -7.91 -28.07
C LYS E 235 -17.80 -7.37 -28.77
N SER E 236 -16.63 -7.73 -28.26
CA SER E 236 -15.38 -7.19 -28.80
C SER E 236 -15.17 -7.63 -30.25
N GLY E 237 -14.75 -6.68 -31.09
CA GLY E 237 -14.37 -6.98 -32.45
C GLY E 237 -15.40 -6.71 -33.52
N ASP E 238 -16.35 -5.79 -33.27
CA ASP E 238 -17.37 -5.46 -34.25
C ASP E 238 -17.57 -3.96 -34.31
N ASP E 239 -18.12 -3.50 -35.44
CA ASP E 239 -18.45 -2.08 -35.59
C ASP E 239 -19.65 -1.72 -34.71
N ILE E 240 -19.49 -0.66 -33.92
CA ILE E 240 -20.47 -0.29 -32.89
C ILE E 240 -20.78 1.19 -33.02
N THR E 241 -22.06 1.53 -33.00
CA THR E 241 -22.52 2.91 -32.97
C THR E 241 -23.17 3.16 -31.61
N VAL E 242 -22.65 4.13 -30.86
CA VAL E 242 -23.09 4.38 -29.49
C VAL E 242 -23.73 5.75 -29.43
N TYR E 243 -25.03 5.79 -29.22
CA TYR E 243 -25.73 7.03 -28.91
C TYR E 243 -25.79 7.19 -27.40
N GLY E 244 -25.12 8.21 -26.88
CA GLY E 244 -25.05 8.37 -25.44
C GLY E 244 -24.83 9.80 -25.01
N VAL E 245 -24.77 9.99 -23.70
CA VAL E 245 -24.53 11.29 -23.10
C VAL E 245 -23.09 11.36 -22.63
N VAL E 246 -22.33 12.31 -23.19
CA VAL E 246 -20.92 12.43 -22.85
C VAL E 246 -20.80 12.97 -21.42
N MET E 247 -20.04 12.26 -20.59
CA MET E 247 -19.84 12.65 -19.21
C MET E 247 -18.38 12.44 -18.84
N GLN E 248 -17.98 13.04 -17.72
CA GLN E 248 -16.62 12.93 -17.21
C GLN E 248 -16.66 12.41 -15.78
N ARG E 249 -15.76 11.48 -15.46
CA ARG E 249 -15.63 10.95 -14.12
C ARG E 249 -14.29 11.33 -13.54
N TRP E 250 -14.28 11.67 -12.25
CA TRP E 250 -13.09 12.13 -11.56
C TRP E 250 -12.91 11.35 -10.27
N LYS E 251 -11.72 10.77 -10.10
CA LYS E 251 -11.42 9.94 -8.95
C LYS E 251 -11.41 10.79 -7.68
N PRO E 252 -11.61 10.17 -6.52
CA PRO E 252 -11.56 10.94 -5.26
C PRO E 252 -10.28 11.78 -5.19
N PHE E 253 -10.48 13.09 -5.15
CA PHE E 253 -9.42 14.02 -5.45
C PHE E 253 -8.58 14.35 -4.21
N HIS E 254 -7.32 14.70 -4.43
CA HIS E 254 -6.36 14.94 -3.37
C HIS E 254 -5.71 16.30 -3.57
N GLN E 255 -5.19 16.86 -2.47
CA GLN E 255 -4.57 18.17 -2.52
C GLN E 255 -3.36 18.21 -3.46
N ASP E 256 -2.47 17.23 -3.33
CA ASP E 256 -1.26 17.25 -4.15
C ASP E 256 -1.54 16.79 -5.57
N ALA E 257 -2.45 15.85 -5.73
CA ALA E 257 -2.66 15.22 -7.03
C ALA E 257 -3.37 16.16 -7.99
N ARG E 258 -2.99 16.08 -9.26
CA ARG E 258 -3.73 16.74 -10.32
C ARG E 258 -5.06 16.03 -10.55
N CYS E 259 -6.07 16.79 -10.99
CA CYS E 259 -7.36 16.19 -11.29
C CYS E 259 -7.22 15.16 -12.40
N ASP E 260 -7.76 13.98 -12.17
CA ASP E 260 -7.64 12.86 -13.10
C ASP E 260 -9.01 12.56 -13.70
N LEU E 261 -9.29 13.18 -14.84
CA LEU E 261 -10.58 13.06 -15.49
C LEU E 261 -10.43 12.23 -16.75
N GLU E 262 -11.37 11.32 -16.98
CA GLU E 262 -11.47 10.59 -18.24
C GLU E 262 -12.91 10.67 -18.73
N LEU E 263 -13.08 11.11 -19.97
CA LEU E 263 -14.41 11.27 -20.52
C LEU E 263 -15.08 9.91 -20.68
N VAL E 264 -16.36 9.84 -20.34
CA VAL E 264 -17.13 8.61 -20.48
C VAL E 264 -18.42 8.91 -21.23
N LEU E 265 -18.97 7.88 -21.85
CA LEU E 265 -20.21 7.97 -22.61
C LEU E 265 -21.20 6.97 -22.02
N LYS E 266 -22.05 7.44 -21.10
CA LYS E 266 -23.08 6.60 -20.52
C LYS E 266 -24.11 6.33 -21.61
N ALA E 267 -23.95 5.21 -22.31
CA ALA E 267 -24.70 4.96 -23.52
C ALA E 267 -26.19 5.01 -23.28
N ASN E 268 -26.89 5.74 -24.16
CA ASN E 268 -28.34 5.78 -24.16
C ASN E 268 -28.94 4.79 -25.15
N TYR E 269 -28.19 4.44 -26.20
CA TYR E 269 -28.57 3.41 -27.13
C TYR E 269 -27.31 2.88 -27.82
N VAL E 270 -27.22 1.57 -27.95
CA VAL E 270 -26.12 0.92 -28.66
C VAL E 270 -26.71 0.09 -29.78
N LYS E 271 -26.21 0.29 -30.99
CA LYS E 271 -26.67 -0.45 -32.17
C LYS E 271 -25.46 -1.07 -32.85
N VAL E 272 -25.50 -2.39 -33.04
CA VAL E 272 -24.42 -3.07 -33.74
C VAL E 272 -24.62 -2.90 -35.24
N ASN E 273 -23.66 -2.27 -35.89
CA ASN E 273 -23.75 -1.98 -37.32
C ASN E 273 -23.66 -3.27 -38.14
N PRO F 15 -15.31 48.50 -16.44
CA PRO F 15 -14.09 47.69 -16.46
C PRO F 15 -13.88 46.98 -17.80
N TYR F 16 -12.64 46.55 -18.06
CA TYR F 16 -12.35 45.88 -19.32
C TYR F 16 -13.04 44.53 -19.39
N LYS F 17 -13.59 44.22 -20.55
CA LYS F 17 -14.27 42.95 -20.75
C LYS F 17 -13.26 41.80 -20.73
N GLY F 18 -13.56 40.76 -19.97
CA GLY F 18 -12.64 39.66 -19.83
C GLY F 18 -11.52 39.86 -18.84
N TRP F 19 -11.57 40.94 -18.04
CA TRP F 19 -10.53 41.17 -17.06
C TRP F 19 -10.44 40.04 -16.04
N LYS F 20 -11.60 39.59 -15.53
CA LYS F 20 -11.62 38.64 -14.43
C LYS F 20 -11.10 37.28 -14.87
N LEU F 21 -11.40 36.88 -16.10
CA LEU F 21 -10.99 35.57 -16.59
C LEU F 21 -9.47 35.46 -16.66
N TYR F 22 -8.81 36.54 -17.06
CA TYR F 22 -7.35 36.50 -17.21
C TYR F 22 -6.65 36.85 -15.92
N PHE F 23 -7.04 37.95 -15.29
CA PHE F 23 -6.41 38.44 -14.06
C PHE F 23 -7.40 38.33 -12.91
N SER F 24 -6.96 37.70 -11.82
CA SER F 24 -7.74 37.72 -10.59
C SER F 24 -7.79 39.13 -10.01
N GLU F 25 -6.68 39.86 -10.09
CA GLU F 25 -6.61 41.18 -9.47
C GLU F 25 -7.46 42.16 -10.27
N ALA F 26 -8.14 43.06 -9.56
CA ALA F 26 -9.19 43.88 -10.17
C ALA F 26 -8.60 44.90 -11.15
N TYR F 27 -9.49 45.50 -11.94
CA TYR F 27 -9.06 46.49 -12.92
C TYR F 27 -8.62 47.77 -12.22
N ALA F 28 -7.32 48.06 -12.32
CA ALA F 28 -6.75 49.27 -11.76
C ALA F 28 -5.83 49.91 -12.79
N ASP F 29 -6.09 51.17 -13.13
CA ASP F 29 -5.33 51.84 -14.17
C ASP F 29 -3.88 52.04 -13.75
N LYS F 30 -3.62 52.07 -12.45
CA LYS F 30 -2.26 52.33 -11.97
C LYS F 30 -1.33 51.14 -12.22
N SER F 31 -1.88 49.94 -12.35
CA SER F 31 -1.04 48.76 -12.53
C SER F 31 -0.29 48.84 -13.86
N PRO F 32 1.00 48.51 -13.89
CA PRO F 32 1.76 48.60 -15.15
C PRO F 32 1.26 47.66 -16.24
N PHE F 33 0.51 46.61 -15.88
CA PHE F 33 0.01 45.68 -16.89
C PHE F 33 -0.94 46.38 -17.86
N VAL F 34 -1.59 47.45 -17.40
CA VAL F 34 -2.55 48.16 -18.24
C VAL F 34 -1.86 48.73 -19.47
N GLN F 35 -0.68 49.32 -19.30
CA GLN F 35 0.02 49.90 -20.43
C GLN F 35 0.42 48.83 -21.45
N LYS F 36 0.89 47.67 -20.96
CA LYS F 36 1.20 46.57 -21.87
C LYS F 36 -0.05 46.11 -22.61
N THR F 37 -1.18 46.03 -21.91
CA THR F 37 -2.43 45.66 -22.58
C THR F 37 -2.79 46.66 -23.66
N GLN F 38 -2.67 47.96 -23.38
CA GLN F 38 -3.00 48.97 -24.39
C GLN F 38 -2.07 48.88 -25.59
N ALA F 39 -0.78 48.67 -25.35
CA ALA F 39 0.17 48.54 -26.46
C ALA F 39 -0.17 47.34 -27.33
N PHE F 40 -0.49 46.21 -26.69
CA PHE F 40 -0.87 45.02 -27.45
C PHE F 40 -2.19 45.23 -28.19
N GLU F 41 -3.13 45.97 -27.58
CA GLU F 41 -4.38 46.29 -28.24
C GLU F 41 -4.13 47.09 -29.51
N LYS F 42 -3.26 48.11 -29.43
CA LYS F 42 -2.94 48.88 -30.62
C LYS F 42 -2.27 48.01 -31.68
N PHE F 43 -1.33 47.16 -31.26
CA PHE F 43 -0.64 46.28 -32.21
C PHE F 43 -1.64 45.37 -32.92
N PHE F 44 -2.60 44.81 -32.18
CA PHE F 44 -3.62 43.98 -32.79
C PHE F 44 -4.52 44.82 -33.70
N MET F 45 -4.78 46.07 -33.31
CA MET F 45 -5.64 46.93 -34.12
C MET F 45 -5.03 47.18 -35.49
N GLN F 46 -3.72 47.38 -35.57
CA GLN F 46 -3.09 47.45 -36.89
C GLN F 46 -3.19 46.12 -37.64
N ARG F 47 -3.09 45.00 -36.91
CA ARG F 47 -3.02 43.69 -37.54
C ARG F 47 -4.37 43.00 -37.68
N ILE F 48 -5.46 43.61 -37.19
CA ILE F 48 -6.73 42.89 -37.08
C ILE F 48 -7.31 42.56 -38.45
N GLU F 49 -6.85 43.23 -39.51
CA GLU F 49 -7.40 42.99 -40.83
C GLU F 49 -7.04 41.60 -41.35
N LEU F 50 -5.80 41.16 -41.12
CA LEU F 50 -5.38 39.87 -41.62
C LEU F 50 -6.09 38.72 -40.91
N TYR F 51 -6.18 38.79 -39.58
CA TYR F 51 -6.77 37.70 -38.83
C TYR F 51 -8.28 37.64 -39.05
N ASP F 52 -8.85 36.44 -38.90
CA ASP F 52 -10.27 36.21 -39.03
C ASP F 52 -10.88 36.10 -37.63
N LYS F 53 -11.86 36.95 -37.34
CA LYS F 53 -12.47 36.96 -36.02
C LYS F 53 -13.20 35.66 -35.73
N ASP F 54 -13.99 35.18 -36.69
CA ASP F 54 -14.79 33.98 -36.47
C ASP F 54 -13.90 32.74 -36.32
N GLU F 55 -12.85 32.64 -37.14
CA GLU F 55 -11.92 31.52 -37.01
C GLU F 55 -11.22 31.53 -35.66
N ILE F 56 -10.82 32.72 -35.21
CA ILE F 56 -10.16 32.85 -33.91
C ILE F 56 -11.12 32.43 -32.80
N GLU F 57 -12.38 32.88 -32.87
CA GLU F 57 -13.36 32.48 -31.87
C GLU F 57 -13.59 30.97 -31.88
N ARG F 58 -13.65 30.38 -33.07
CA ARG F 58 -13.84 28.93 -33.18
C ARG F 58 -12.68 28.17 -32.56
N LYS F 59 -11.45 28.59 -32.87
CA LYS F 59 -10.29 27.92 -32.31
C LYS F 59 -10.10 28.27 -30.84
N GLY F 60 -10.59 29.44 -30.42
CA GLY F 60 -10.30 29.92 -29.09
C GLY F 60 -8.88 30.40 -28.90
N SER F 61 -8.16 30.66 -29.98
CA SER F 61 -6.75 31.02 -29.93
C SER F 61 -6.41 31.96 -31.07
N ILE F 62 -5.28 32.65 -30.91
CA ILE F 62 -4.71 33.48 -31.95
C ILE F 62 -3.20 33.23 -32.01
N LEU F 63 -2.68 33.08 -33.22
CA LEU F 63 -1.25 32.86 -33.44
C LEU F 63 -0.65 34.14 -34.01
N VAL F 64 0.34 34.70 -33.31
CA VAL F 64 1.01 35.92 -33.73
C VAL F 64 2.51 35.64 -33.80
N ASP F 65 3.10 35.90 -34.96
CA ASP F 65 4.52 35.67 -35.15
C ASP F 65 5.35 36.54 -34.22
N TYR F 66 6.37 35.94 -33.60
CA TYR F 66 7.25 36.69 -32.70
C TYR F 66 8.04 37.75 -33.47
N LYS F 67 8.34 37.49 -34.75
CA LYS F 67 9.00 38.50 -35.56
C LYS F 67 8.16 39.76 -35.66
N GLU F 68 6.83 39.60 -35.64
CA GLU F 68 5.96 40.77 -35.53
C GLU F 68 6.10 41.43 -34.17
N LEU F 69 6.36 40.64 -33.13
CA LEU F 69 6.57 41.22 -31.79
C LEU F 69 7.87 42.01 -31.72
N ILE F 70 8.84 41.66 -32.55
CA ILE F 70 10.15 42.30 -32.49
C ILE F 70 10.15 43.52 -33.42
N GLU F 71 8.97 43.92 -33.88
CA GLU F 71 8.90 45.07 -34.78
C GLU F 71 9.35 46.32 -34.05
N ASP F 72 10.07 47.18 -34.77
CA ASP F 72 10.72 48.32 -34.15
C ASP F 72 9.70 49.41 -33.80
N ARG F 73 10.22 50.54 -33.32
CA ARG F 73 9.43 51.73 -33.03
C ARG F 73 8.42 51.50 -31.93
N GLU F 74 7.13 51.52 -32.29
CA GLU F 74 6.06 51.69 -31.29
C GLU F 74 6.11 50.62 -30.21
N LEU F 75 6.13 49.34 -30.61
CA LEU F 75 6.11 48.27 -29.62
C LEU F 75 7.39 48.25 -28.80
N THR F 76 8.52 48.57 -29.42
CA THR F 76 9.77 48.71 -28.67
C THR F 76 9.71 49.92 -27.73
N LYS F 77 9.09 51.02 -28.18
CA LYS F 77 8.99 52.20 -27.33
C LYS F 77 7.96 51.99 -26.23
N SER F 78 6.82 51.35 -26.56
CA SER F 78 5.76 51.15 -25.57
C SER F 78 6.24 50.31 -24.40
N ILE F 79 6.92 49.20 -24.69
CA ILE F 79 7.52 48.35 -23.68
C ILE F 79 8.97 48.07 -24.09
N PRO F 80 9.95 48.29 -23.22
CA PRO F 80 11.35 48.28 -23.67
C PRO F 80 11.84 46.93 -24.14
N ASN F 81 11.59 45.86 -23.38
CA ASN F 81 12.21 44.56 -23.61
C ASN F 81 11.13 43.47 -23.63
N ILE F 82 10.61 43.19 -24.83
CA ILE F 82 9.63 42.11 -24.97
C ILE F 82 10.25 40.77 -24.62
N SER F 83 11.50 40.53 -25.06
CA SER F 83 12.14 39.24 -24.77
C SER F 83 12.34 39.06 -23.27
N THR F 84 12.82 40.11 -22.59
CA THR F 84 13.07 40.00 -21.16
C THR F 84 11.77 39.82 -20.38
N GLU F 85 10.72 40.56 -20.76
CA GLU F 85 9.44 40.42 -20.08
C GLU F 85 8.84 39.03 -20.31
N LEU F 86 8.97 38.50 -21.52
CA LEU F 86 8.53 37.13 -21.77
C LEU F 86 9.33 36.14 -20.94
N ARG F 87 10.63 36.35 -20.82
CA ARG F 87 11.47 35.40 -20.08
C ARG F 87 11.13 35.40 -18.59
N ASP F 88 11.10 36.59 -17.96
CA ASP F 88 10.92 36.64 -16.51
C ASP F 88 9.53 36.20 -16.11
N MET F 89 8.49 36.75 -16.74
CA MET F 89 7.11 36.46 -16.40
C MET F 89 6.35 36.11 -17.69
N PRO F 90 6.44 34.86 -18.13
CA PRO F 90 5.68 34.46 -19.33
C PRO F 90 4.18 34.58 -19.16
N GLN F 91 3.65 34.12 -18.02
CA GLN F 91 2.20 34.07 -17.85
C GLN F 91 1.58 35.45 -17.85
N LYS F 92 2.22 36.41 -17.18
CA LYS F 92 1.64 37.75 -17.11
C LYS F 92 1.58 38.41 -18.48
N ILE F 93 2.66 38.30 -19.26
CA ILE F 93 2.66 38.91 -20.58
C ILE F 93 1.70 38.19 -21.51
N LEU F 94 1.64 36.86 -21.43
CA LEU F 94 0.71 36.11 -22.26
C LEU F 94 -0.73 36.48 -21.95
N GLN F 95 -1.06 36.63 -20.67
CA GLN F 95 -2.41 36.99 -20.28
C GLN F 95 -2.75 38.42 -20.67
N CYS F 96 -1.75 39.32 -20.60
CA CYS F 96 -1.97 40.69 -21.10
C CYS F 96 -2.27 40.68 -22.59
N MET F 97 -1.52 39.89 -23.36
CA MET F 97 -1.74 39.81 -24.80
C MET F 97 -3.11 39.20 -25.11
N GLY F 98 -3.50 38.18 -24.34
CA GLY F 98 -4.84 37.60 -24.50
C GLY F 98 -5.94 38.59 -24.18
N LEU F 99 -5.74 39.39 -23.12
CA LEU F 99 -6.68 40.46 -22.83
C LEU F 99 -6.77 41.45 -23.97
N ALA F 100 -5.62 41.77 -24.58
CA ALA F 100 -5.64 42.70 -25.70
C ALA F 100 -6.44 42.15 -26.87
N ILE F 101 -6.21 40.89 -27.24
CA ILE F 101 -6.96 40.33 -28.37
C ILE F 101 -8.45 40.23 -28.03
N HIS F 102 -8.76 39.83 -26.80
CA HIS F 102 -10.16 39.77 -26.37
C HIS F 102 -10.82 41.14 -26.46
N GLN F 103 -10.13 42.18 -25.99
CA GLN F 103 -10.72 43.51 -25.97
C GLN F 103 -10.87 44.07 -27.38
N VAL F 104 -9.90 43.82 -28.26
CA VAL F 104 -10.02 44.36 -29.61
C VAL F 104 -11.13 43.65 -30.38
N LEU F 105 -11.26 42.33 -30.19
CA LEU F 105 -12.39 41.63 -30.79
C LEU F 105 -13.71 42.15 -30.24
N THR F 106 -13.77 42.38 -28.93
CA THR F 106 -14.99 42.89 -28.32
C THR F 106 -15.35 44.27 -28.87
N LYS F 107 -14.36 45.15 -29.02
CA LYS F 107 -14.64 46.51 -29.47
C LYS F 107 -14.98 46.55 -30.96
N ASP F 108 -14.38 45.68 -31.76
CA ASP F 108 -14.82 45.53 -33.15
C ASP F 108 -16.26 45.05 -33.22
N LEU F 109 -16.60 44.02 -32.44
CA LEU F 109 -17.98 43.55 -32.42
C LEU F 109 -18.91 44.61 -31.88
N GLU F 110 -18.41 45.49 -31.01
CA GLU F 110 -19.23 46.56 -30.47
C GLU F 110 -19.57 47.60 -31.53
N ARG F 111 -18.60 47.98 -32.37
CA ARG F 111 -18.96 48.85 -33.49
C ARG F 111 -19.93 48.17 -34.42
N HIS F 112 -19.72 46.89 -34.72
CA HIS F 112 -20.62 46.19 -35.63
C HIS F 112 -22.04 46.13 -35.07
N ALA F 113 -22.16 45.85 -33.77
CA ALA F 113 -23.47 45.81 -33.14
C ALA F 113 -24.10 47.18 -33.07
N ALA F 114 -23.29 48.23 -32.88
CA ALA F 114 -23.82 49.59 -32.88
C ALA F 114 -24.40 49.96 -34.24
N GLU F 115 -23.67 49.66 -35.31
CA GLU F 115 -24.20 49.93 -36.65
C GLU F 115 -25.46 49.12 -36.91
N LEU F 116 -25.44 47.84 -36.56
CA LEU F 116 -26.61 46.99 -36.77
C LEU F 116 -27.81 47.51 -36.00
N GLN F 117 -27.59 47.98 -34.76
CA GLN F 117 -28.65 48.59 -33.98
C GLN F 117 -29.16 49.86 -34.63
N VAL F 118 -28.26 50.64 -35.24
CA VAL F 118 -28.66 51.86 -35.93
C VAL F 118 -29.61 51.51 -37.08
N GLN F 119 -29.29 50.49 -37.87
CA GLN F 119 -30.19 50.13 -38.96
C GLN F 119 -31.50 49.52 -38.44
N GLU F 120 -31.40 48.55 -37.52
CA GLU F 120 -32.59 47.79 -37.15
C GLU F 120 -33.44 48.52 -36.12
N GLY F 121 -32.82 49.24 -35.19
CA GLY F 121 -33.58 49.91 -34.14
C GLY F 121 -34.33 48.96 -33.22
N LEU F 122 -33.68 47.86 -32.81
CA LEU F 122 -34.24 46.82 -31.96
C LEU F 122 -33.74 46.97 -30.53
N PRO F 123 -34.65 47.15 -29.56
CA PRO F 123 -34.22 47.36 -28.17
C PRO F 123 -33.33 46.26 -27.62
N LEU F 124 -33.58 45.00 -28.02
CA LEU F 124 -32.75 43.88 -27.59
C LEU F 124 -31.81 43.52 -28.74
N ASP F 125 -30.55 43.90 -28.62
CA ASP F 125 -29.58 43.67 -29.69
C ASP F 125 -29.22 42.18 -29.76
N GLY F 126 -28.71 41.78 -30.93
CA GLY F 126 -28.25 40.42 -31.08
C GLY F 126 -27.11 40.12 -30.13
N GLU F 127 -27.24 39.00 -29.43
CA GLU F 127 -26.32 38.62 -28.36
C GLU F 127 -26.24 39.73 -27.32
N PRO F 128 -27.32 39.99 -26.57
CA PRO F 128 -27.28 41.08 -25.58
C PRO F 128 -26.24 40.88 -24.50
N ILE F 129 -25.99 39.63 -24.10
CA ILE F 129 -24.95 39.35 -23.12
C ILE F 129 -23.58 39.66 -23.69
N ILE F 130 -23.43 39.57 -25.01
CA ILE F 130 -22.24 39.92 -25.78
C ILE F 130 -20.98 39.36 -25.14
N ASN F 131 -21.11 38.23 -24.46
CA ASN F 131 -19.94 37.59 -23.86
C ASN F 131 -19.03 37.03 -24.95
N VAL F 132 -17.77 37.41 -24.91
CA VAL F 132 -16.75 36.93 -25.83
C VAL F 132 -15.88 35.92 -25.08
N PRO F 133 -15.80 34.67 -25.51
CA PRO F 133 -14.99 33.69 -24.79
C PRO F 133 -13.55 34.14 -24.68
N LEU F 134 -12.94 33.88 -23.52
CA LEU F 134 -11.55 34.25 -23.31
C LEU F 134 -10.65 33.48 -24.26
N ILE F 135 -9.71 34.19 -24.86
CA ILE F 135 -8.83 33.63 -25.90
C ILE F 135 -7.41 33.71 -25.38
N HIS F 136 -6.76 32.55 -25.26
CA HIS F 136 -5.38 32.48 -24.82
C HIS F 136 -4.47 32.83 -25.98
N ALA F 137 -3.96 34.06 -25.99
CA ALA F 137 -3.10 34.50 -27.08
C ALA F 137 -1.81 33.69 -27.09
N ARG F 138 -1.40 33.27 -28.27
CA ARG F 138 -0.26 32.39 -28.44
C ARG F 138 0.65 32.93 -29.53
N LEU F 139 1.96 32.89 -29.28
CA LEU F 139 2.95 33.38 -30.23
C LEU F 139 3.88 32.24 -30.62
N TYR F 140 4.29 32.25 -31.89
CA TYR F 140 5.14 31.22 -32.46
C TYR F 140 6.41 31.82 -33.03
N ASN F 141 7.33 30.96 -33.44
CA ASN F 141 8.64 31.36 -33.93
C ASN F 141 9.37 32.24 -32.93
N TYR F 142 9.45 31.77 -31.69
CA TYR F 142 10.19 32.49 -30.65
C TYR F 142 11.67 32.51 -31.00
N GLU F 143 12.23 33.72 -31.13
CA GLU F 143 13.57 33.85 -31.68
C GLU F 143 14.63 33.18 -30.82
N PRO F 144 14.70 33.38 -29.51
CA PRO F 144 15.71 32.66 -28.72
C PRO F 144 15.30 31.19 -28.56
N LEU F 145 16.19 30.30 -29.00
CA LEU F 145 15.98 28.86 -28.89
C LEU F 145 16.75 28.35 -27.68
N THR F 146 16.06 27.64 -26.79
CA THR F 146 16.68 27.01 -25.63
C THR F 146 16.46 25.51 -25.76
N GLN F 147 17.49 24.80 -26.23
CA GLN F 147 17.37 23.37 -26.40
C GLN F 147 17.21 22.69 -25.04
N LEU F 148 16.64 21.49 -25.06
CA LEU F 148 16.31 20.80 -23.81
C LEU F 148 17.56 20.48 -23.00
N LYS F 149 18.70 20.22 -23.66
CA LYS F 149 19.95 20.05 -22.94
C LYS F 149 20.35 21.35 -22.25
N ASN F 150 20.16 22.49 -22.92
CA ASN F 150 20.44 23.78 -22.31
C ASN F 150 19.47 24.05 -21.17
N VAL F 151 18.23 23.53 -21.26
CA VAL F 151 17.23 23.76 -20.23
C VAL F 151 17.77 23.36 -18.87
N ARG F 152 17.88 24.34 -17.98
CA ARG F 152 18.40 24.15 -16.63
C ARG F 152 17.23 24.26 -15.67
N ALA F 153 17.46 23.99 -14.38
CA ALA F 153 16.38 24.16 -13.40
C ALA F 153 15.97 25.61 -13.24
N ASN F 154 16.82 26.56 -13.66
CA ASN F 154 16.44 27.96 -13.56
C ASN F 154 15.44 28.34 -14.64
N CYS F 155 15.28 27.50 -15.67
CA CYS F 155 14.29 27.75 -16.71
C CYS F 155 12.86 27.64 -16.20
N TYR F 156 12.66 27.13 -15.00
CA TYR F 156 11.32 27.13 -14.40
C TYR F 156 10.84 28.57 -14.26
N GLY F 157 9.60 28.82 -14.71
CA GLY F 157 9.10 30.17 -14.76
C GLY F 157 9.67 31.00 -15.88
N LYS F 158 10.24 30.37 -16.91
CA LYS F 158 10.85 31.07 -18.03
C LYS F 158 10.25 30.54 -19.33
N TYR F 159 10.26 31.38 -20.35
CA TYR F 159 9.68 31.04 -21.65
C TYR F 159 10.79 30.60 -22.59
N ILE F 160 10.68 29.38 -23.10
CA ILE F 160 11.72 28.78 -23.93
C ILE F 160 11.08 28.19 -25.18
N ALA F 161 11.93 27.95 -26.18
CA ALA F 161 11.51 27.36 -27.45
C ALA F 161 12.37 26.14 -27.71
N LEU F 162 11.74 25.03 -28.09
CA LEU F 162 12.41 23.75 -28.25
C LEU F 162 12.24 23.24 -29.67
N ARG F 163 13.33 22.84 -30.31
CA ARG F 163 13.27 22.19 -31.61
C ARG F 163 13.40 20.69 -31.36
N GLY F 164 12.29 20.07 -30.93
CA GLY F 164 12.33 18.67 -30.52
C GLY F 164 11.29 17.85 -31.26
N THR F 165 11.54 16.54 -31.27
CA THR F 165 10.65 15.58 -31.92
C THR F 165 9.82 14.86 -30.88
N VAL F 166 8.50 14.91 -31.03
CA VAL F 166 7.61 14.24 -30.08
C VAL F 166 7.67 12.74 -30.31
N VAL F 167 7.70 11.97 -29.22
CA VAL F 167 7.79 10.51 -29.30
C VAL F 167 6.51 9.84 -28.85
N ARG F 168 5.97 10.24 -27.69
CA ARG F 168 4.77 9.62 -27.13
C ARG F 168 3.69 10.69 -26.99
N VAL F 169 2.51 10.40 -27.55
CA VAL F 169 1.37 11.29 -27.48
C VAL F 169 0.26 10.59 -26.70
N SER F 170 -0.04 11.10 -25.51
CA SER F 170 -1.13 10.55 -24.72
C SER F 170 -2.47 10.95 -25.34
N ASN F 171 -3.44 10.05 -25.21
CA ASN F 171 -4.78 10.34 -25.71
C ASN F 171 -5.40 11.50 -24.92
N ILE F 172 -6.36 12.17 -25.56
CA ILE F 172 -6.92 13.38 -24.97
C ILE F 172 -7.59 13.06 -23.65
N LYS F 173 -7.20 13.78 -22.60
CA LYS F 173 -7.74 13.58 -21.27
C LYS F 173 -8.22 14.90 -20.71
N PRO F 174 -9.46 14.99 -20.23
CA PRO F 174 -9.95 16.23 -19.63
C PRO F 174 -9.10 16.68 -18.45
N LEU F 175 -9.03 18.00 -18.28
CA LEU F 175 -8.40 18.62 -17.13
C LEU F 175 -9.28 19.76 -16.63
N CYS F 176 -9.47 19.81 -15.32
CA CYS F 176 -10.42 20.76 -14.72
C CYS F 176 -9.71 22.08 -14.48
N THR F 177 -9.95 23.04 -15.39
CA THR F 177 -9.33 24.36 -15.23
C THR F 177 -10.02 25.18 -14.14
N LYS F 178 -11.31 24.92 -13.91
CA LYS F 178 -12.07 25.60 -12.87
C LYS F 178 -13.01 24.59 -12.22
N LEU F 179 -12.85 24.39 -10.92
CA LEU F 179 -13.67 23.46 -10.15
C LEU F 179 -14.49 24.27 -9.15
N ALA F 180 -15.75 24.52 -9.48
CA ALA F 180 -16.61 25.28 -8.59
C ALA F 180 -16.86 24.50 -7.30
N PHE F 181 -16.69 25.18 -6.18
CA PHE F 181 -16.85 24.58 -4.86
C PHE F 181 -18.06 25.18 -4.18
N VAL F 182 -19.02 24.32 -3.81
CA VAL F 182 -20.19 24.77 -3.07
C VAL F 182 -19.99 24.46 -1.59
N CYS F 183 -20.39 25.39 -0.74
CA CYS F 183 -20.24 25.24 0.70
C CYS F 183 -21.60 24.95 1.31
N GLY F 184 -21.67 23.87 2.11
CA GLY F 184 -22.93 23.52 2.75
C GLY F 184 -23.42 24.58 3.72
N THR F 185 -22.49 25.14 4.51
CA THR F 185 -22.87 26.20 5.44
C THR F 185 -23.34 27.44 4.69
N CYS F 186 -22.62 27.83 3.63
CA CYS F 186 -23.00 29.01 2.86
C CYS F 186 -24.24 28.73 2.00
N GLY F 187 -24.27 27.59 1.34
CA GLY F 187 -25.37 27.27 0.45
C GLY F 187 -25.25 27.82 -0.96
N ASP F 188 -24.12 28.43 -1.31
CA ASP F 188 -23.91 28.98 -2.64
C ASP F 188 -22.68 28.34 -3.27
N VAL F 189 -22.54 28.54 -4.57
CA VAL F 189 -21.48 27.92 -5.37
C VAL F 189 -20.48 29.00 -5.76
N GLN F 190 -19.20 28.75 -5.47
CA GLN F 190 -18.12 29.65 -5.83
C GLN F 190 -17.07 28.89 -6.62
N SER F 191 -16.66 29.44 -7.75
CA SER F 191 -15.65 28.80 -8.60
C SER F 191 -14.28 29.40 -8.31
N VAL F 192 -13.27 28.55 -8.28
CA VAL F 192 -11.89 28.95 -8.00
C VAL F 192 -11.04 28.63 -9.22
N PRO F 193 -10.12 29.51 -9.61
CA PRO F 193 -9.20 29.18 -10.69
C PRO F 193 -8.29 28.02 -10.27
N LEU F 194 -8.24 27.00 -11.13
CA LEU F 194 -7.54 25.76 -10.79
C LEU F 194 -6.39 25.53 -11.75
N PRO F 195 -5.14 25.85 -11.38
CA PRO F 195 -4.01 25.51 -12.25
C PRO F 195 -3.62 24.05 -12.15
N ASP F 196 -3.97 23.26 -13.17
CA ASP F 196 -3.58 21.86 -13.27
C ASP F 196 -3.96 21.08 -12.00
N GLY F 197 -5.25 21.06 -11.69
CA GLY F 197 -5.70 20.34 -10.51
C GLY F 197 -5.21 21.01 -9.24
N LYS F 198 -4.97 20.21 -8.20
CA LYS F 198 -4.48 20.71 -6.92
C LYS F 198 -5.42 21.75 -6.32
N TYR F 199 -6.60 21.28 -5.89
CA TYR F 199 -7.69 22.18 -5.53
C TYR F 199 -7.23 23.22 -4.51
N THR F 200 -7.53 24.47 -4.79
CA THR F 200 -7.20 25.57 -3.91
C THR F 200 -8.42 25.92 -3.07
N LEU F 201 -8.24 25.94 -1.76
CA LEU F 201 -9.36 26.19 -0.86
C LEU F 201 -9.91 27.59 -1.10
N PRO F 202 -11.20 27.71 -1.40
CA PRO F 202 -11.78 29.06 -1.57
C PRO F 202 -11.65 29.92 -0.34
N THR F 203 -11.70 29.31 0.85
CA THR F 203 -11.55 30.00 2.14
C THR F 203 -12.64 31.07 2.21
N LYS F 204 -12.29 32.35 2.28
CA LYS F 204 -13.29 33.40 2.44
C LYS F 204 -14.24 33.44 1.25
N CYS F 205 -15.49 33.79 1.52
CA CYS F 205 -16.52 33.91 0.50
C CYS F 205 -17.22 35.26 0.65
N LEU F 206 -18.30 35.43 -0.11
CA LEU F 206 -19.08 36.66 -0.01
C LEU F 206 -19.70 36.82 1.37
N VAL F 207 -20.22 35.74 1.92
CA VAL F 207 -20.87 35.77 3.24
C VAL F 207 -19.78 35.88 4.30
N PRO F 208 -19.81 36.92 5.13
CA PRO F 208 -18.74 37.07 6.14
C PRO F 208 -18.83 36.08 7.27
N GLU F 209 -20.04 35.85 7.82
CA GLU F 209 -20.16 35.00 8.99
C GLU F 209 -19.88 33.54 8.65
N CYS F 210 -20.51 33.03 7.58
CA CYS F 210 -20.30 31.64 7.20
C CYS F 210 -18.85 31.38 6.82
N ARG F 211 -18.27 32.28 6.01
CA ARG F 211 -16.84 32.26 5.68
C ARG F 211 -16.45 31.02 4.88
N GLY F 212 -17.40 30.14 4.60
CA GLY F 212 -17.09 28.93 3.86
C GLY F 212 -16.37 27.88 4.67
N ARG F 213 -17.01 27.42 5.75
CA ARG F 213 -16.39 26.38 6.58
C ARG F 213 -16.41 25.04 5.87
N SER F 214 -17.51 24.72 5.19
CA SER F 214 -17.59 23.47 4.44
C SER F 214 -16.82 23.57 3.14
N PHE F 215 -16.26 22.45 2.69
CA PHE F 215 -15.49 22.36 1.45
C PHE F 215 -15.95 21.11 0.70
N THR F 216 -16.91 21.30 -0.21
CA THR F 216 -17.46 20.20 -0.99
C THR F 216 -17.28 20.47 -2.48
N PRO F 217 -16.51 19.64 -3.19
CA PRO F 217 -16.44 19.79 -4.65
C PRO F 217 -17.77 19.47 -5.29
N ASP F 218 -18.08 20.20 -6.37
CA ASP F 218 -19.33 20.03 -7.11
C ASP F 218 -19.03 20.23 -8.61
N ARG F 219 -18.83 19.11 -9.31
CA ARG F 219 -18.59 19.19 -10.75
C ARG F 219 -19.91 19.26 -11.52
N SER F 220 -21.02 18.99 -10.85
CA SER F 220 -22.30 19.00 -11.54
C SER F 220 -22.71 20.42 -11.92
N SER F 221 -22.15 21.42 -11.25
CA SER F 221 -22.54 22.79 -11.51
C SER F 221 -22.08 23.23 -12.89
N PRO F 222 -22.87 24.07 -13.59
CA PRO F 222 -22.40 24.61 -14.87
C PRO F 222 -21.17 25.49 -14.73
N LEU F 223 -20.94 26.06 -13.54
CA LEU F 223 -19.78 26.92 -13.35
C LEU F 223 -18.47 26.16 -13.55
N THR F 224 -18.42 24.92 -13.08
CA THR F 224 -17.23 24.09 -13.30
C THR F 224 -17.00 23.89 -14.79
N ALA F 225 -15.78 24.21 -15.23
CA ALA F 225 -15.41 24.09 -16.63
C ALA F 225 -14.20 23.18 -16.74
N THR F 226 -14.05 22.57 -17.92
CA THR F 226 -12.99 21.61 -18.16
C THR F 226 -12.35 21.88 -19.51
N VAL F 227 -11.02 21.78 -19.55
CA VAL F 227 -10.24 21.96 -20.77
C VAL F 227 -9.38 20.71 -20.95
N ASP F 228 -9.34 20.22 -22.19
CA ASP F 228 -8.67 18.96 -22.46
C ASP F 228 -7.16 19.08 -22.28
N TRP F 229 -6.53 17.99 -21.86
CA TRP F 229 -5.11 17.94 -21.55
C TRP F 229 -4.48 16.75 -22.26
N GLN F 230 -3.54 17.04 -23.16
CA GLN F 230 -2.80 16.00 -23.86
C GLN F 230 -1.31 16.18 -23.60
N SER F 231 -0.66 15.15 -23.09
CA SER F 231 0.74 15.20 -22.72
C SER F 231 1.59 14.59 -23.82
N VAL F 232 2.55 15.35 -24.33
CA VAL F 232 3.46 14.89 -25.36
C VAL F 232 4.89 15.06 -24.85
N LYS F 233 5.73 14.07 -25.13
CA LYS F 233 7.13 14.10 -24.74
C LYS F 233 7.99 14.31 -25.98
N VAL F 234 8.91 15.27 -25.91
CA VAL F 234 9.76 15.63 -27.05
C VAL F 234 11.22 15.40 -26.68
N GLN F 235 12.01 14.98 -27.67
CA GLN F 235 13.44 14.79 -27.52
C GLN F 235 14.15 15.44 -28.69
N GLU F 236 15.31 16.05 -28.42
CA GLU F 236 16.03 16.78 -29.44
C GLU F 236 16.57 15.84 -30.51
N LEU F 237 16.46 16.27 -31.77
CA LEU F 237 17.15 15.58 -32.85
C LEU F 237 18.66 15.77 -32.70
N MET F 238 19.41 14.69 -32.91
CA MET F 238 20.84 14.71 -32.71
C MET F 238 21.54 14.33 -34.01
N SER F 239 22.70 14.94 -34.26
CA SER F 239 23.44 14.69 -35.48
C SER F 239 23.87 13.22 -35.56
N ASP F 240 23.77 12.66 -36.76
CA ASP F 240 24.09 11.26 -37.01
C ASP F 240 25.47 11.06 -37.63
N ASP F 241 26.39 11.99 -37.42
CA ASP F 241 27.72 11.87 -38.00
C ASP F 241 28.47 10.67 -37.43
N GLN F 242 28.34 10.42 -36.12
CA GLN F 242 29.04 9.34 -35.46
C GLN F 242 28.04 8.40 -34.80
N ARG F 243 28.47 7.15 -34.62
CA ARG F 243 27.63 6.17 -33.92
C ARG F 243 27.39 6.57 -32.47
N GLU F 244 28.44 7.07 -31.80
CA GLU F 244 28.26 7.58 -30.44
C GLU F 244 27.32 8.78 -30.44
N ALA F 245 27.37 9.59 -31.48
CA ALA F 245 26.39 10.64 -31.66
C ALA F 245 25.05 10.03 -32.08
N GLY F 246 24.01 10.85 -32.02
CA GLY F 246 22.67 10.36 -32.24
C GLY F 246 22.01 9.77 -31.02
N ARG F 247 22.70 9.74 -29.88
CA ARG F 247 22.09 9.33 -28.62
C ARG F 247 20.90 10.23 -28.30
N ILE F 248 19.79 9.62 -27.93
CA ILE F 248 18.56 10.38 -27.68
C ILE F 248 18.72 11.23 -26.43
N PRO F 249 18.61 12.54 -26.51
CA PRO F 249 18.74 13.38 -25.32
C PRO F 249 17.60 13.15 -24.34
N ARG F 250 17.65 13.91 -23.25
CA ARG F 250 16.61 13.81 -22.23
C ARG F 250 15.25 14.18 -22.82
N THR F 251 14.24 13.37 -22.53
CA THR F 251 12.89 13.66 -22.98
C THR F 251 12.21 14.57 -21.97
N ILE F 252 11.87 15.77 -22.42
CA ILE F 252 11.20 16.77 -21.59
C ILE F 252 9.71 16.71 -21.91
N GLU F 253 8.88 16.55 -20.89
CA GLU F 253 7.45 16.44 -21.09
C GLU F 253 6.88 17.77 -21.56
N CYS F 254 5.78 17.72 -22.29
CA CYS F 254 5.08 18.91 -22.76
C CYS F 254 3.59 18.75 -22.50
N GLU F 255 2.99 19.78 -21.90
CA GLU F 255 1.57 19.80 -21.60
C GLU F 255 0.87 20.75 -22.56
N LEU F 256 -0.07 20.21 -23.33
CA LEU F 256 -0.91 20.99 -24.22
C LEU F 256 -2.26 21.23 -23.54
N VAL F 257 -2.96 22.26 -24.01
CA VAL F 257 -4.26 22.63 -23.45
C VAL F 257 -5.04 23.41 -24.48
N GLN F 258 -6.38 23.28 -24.40
CA GLN F 258 -7.33 24.00 -25.25
C GLN F 258 -7.04 23.63 -26.71
N ASP F 259 -6.89 24.58 -27.63
CA ASP F 259 -6.76 24.26 -29.04
C ASP F 259 -5.50 23.46 -29.33
N LEU F 260 -4.47 23.63 -28.50
CA LEU F 260 -3.20 22.93 -28.72
C LEU F 260 -3.35 21.42 -28.67
N VAL F 261 -4.35 20.92 -27.96
CA VAL F 261 -4.58 19.48 -27.90
C VAL F 261 -4.93 18.98 -29.29
N ASP F 262 -4.32 17.85 -29.67
CA ASP F 262 -4.41 17.12 -30.94
C ASP F 262 -3.63 17.80 -32.06
N SER F 263 -3.06 18.98 -31.83
CA SER F 263 -2.24 19.61 -32.85
C SER F 263 -0.95 18.82 -33.09
N CYS F 264 -0.36 18.29 -32.01
CA CYS F 264 0.84 17.48 -32.14
C CYS F 264 0.49 16.13 -32.76
N VAL F 265 1.40 15.61 -33.58
CA VAL F 265 1.29 14.28 -34.17
C VAL F 265 2.60 13.55 -33.93
N PRO F 266 2.57 12.32 -33.43
CA PRO F 266 3.84 11.63 -33.10
C PRO F 266 4.71 11.42 -34.34
N GLY F 267 6.02 11.48 -34.14
CA GLY F 267 6.96 11.35 -35.22
C GLY F 267 7.23 12.62 -36.01
N ASP F 268 6.70 13.76 -35.57
CA ASP F 268 6.84 15.02 -36.26
C ASP F 268 7.54 16.02 -35.36
N VAL F 269 8.52 16.73 -35.93
CA VAL F 269 9.25 17.74 -35.16
C VAL F 269 8.36 18.95 -34.94
N VAL F 270 8.32 19.44 -33.71
CA VAL F 270 7.46 20.56 -33.31
C VAL F 270 8.30 21.56 -32.53
N THR F 271 8.15 22.84 -32.87
CA THR F 271 8.86 23.92 -32.18
C THR F 271 7.95 24.46 -31.08
N ILE F 272 8.05 23.88 -29.89
CA ILE F 272 7.14 24.17 -28.79
C ILE F 272 7.70 25.36 -28.02
N THR F 273 6.99 26.49 -28.04
CA THR F 273 7.39 27.68 -27.31
C THR F 273 6.38 27.91 -26.20
N GLY F 274 6.77 27.57 -24.96
CA GLY F 274 5.84 27.68 -23.86
C GLY F 274 6.53 27.81 -22.52
N VAL F 275 5.75 28.30 -21.54
CA VAL F 275 6.26 28.48 -20.19
C VAL F 275 6.41 27.11 -19.52
N VAL F 276 7.35 27.00 -18.59
CA VAL F 276 7.70 25.73 -17.97
C VAL F 276 7.39 25.78 -16.48
N LYS F 277 6.87 24.67 -15.95
CA LYS F 277 6.67 24.48 -14.52
C LYS F 277 7.26 23.15 -14.08
N VAL F 278 7.21 22.92 -12.76
CA VAL F 278 7.77 21.70 -12.19
C VAL F 278 6.72 20.61 -12.14
N SER F 279 7.14 19.36 -12.34
CA SER F 279 6.25 18.20 -12.31
C SER F 279 6.18 17.63 -10.89
N SER F 280 5.50 18.38 -10.01
CA SER F 280 5.39 17.96 -8.62
C SER F 280 4.57 16.68 -8.49
N THR F 281 3.67 16.43 -9.44
CA THR F 281 2.82 15.24 -9.36
C THR F 281 3.62 13.97 -9.62
N GLU F 282 4.84 14.10 -10.13
CA GLU F 282 5.74 12.98 -10.45
C GLU F 282 5.03 11.80 -11.09
N CYS F 293 12.62 11.43 -11.77
CA CYS F 293 11.48 10.69 -11.24
C CYS F 293 10.56 11.60 -10.43
N VAL F 294 11.07 12.11 -9.31
CA VAL F 294 10.24 12.94 -8.43
C VAL F 294 9.88 14.26 -9.11
N PHE F 295 10.85 14.90 -9.76
CA PHE F 295 10.61 16.17 -10.44
C PHE F 295 11.24 16.13 -11.82
N LEU F 296 10.46 16.55 -12.81
CA LEU F 296 10.97 16.76 -14.16
C LEU F 296 10.44 18.10 -14.66
N LEU F 297 11.14 18.66 -15.63
CA LEU F 297 10.64 19.85 -16.29
C LEU F 297 9.56 19.44 -17.29
N TYR F 298 8.42 20.11 -17.26
CA TYR F 298 7.48 19.98 -18.36
C TYR F 298 7.10 21.37 -18.83
N ILE F 299 7.11 21.57 -20.14
CA ILE F 299 6.75 22.85 -20.75
C ILE F 299 5.23 22.88 -20.94
N GLU F 300 4.57 23.76 -20.18
CA GLU F 300 3.14 24.00 -20.39
C GLU F 300 2.99 24.76 -21.70
N ALA F 301 2.77 24.01 -22.79
CA ALA F 301 2.93 24.57 -24.11
C ALA F 301 2.03 25.79 -24.31
N ASN F 302 2.61 26.84 -24.89
CA ASN F 302 1.84 27.99 -25.33
C ASN F 302 1.47 27.88 -26.80
N SER F 303 2.43 27.56 -27.66
CA SER F 303 2.17 27.40 -29.08
C SER F 303 3.04 26.28 -29.62
N VAL F 304 2.45 25.45 -30.46
CA VAL F 304 3.15 24.34 -31.09
C VAL F 304 3.11 24.53 -32.60
N SER F 305 4.29 24.67 -33.21
CA SER F 305 4.40 24.87 -34.64
C SER F 305 4.93 23.59 -35.28
N ASN F 306 4.09 22.93 -36.07
CA ASN F 306 4.50 21.70 -36.74
C ASN F 306 5.48 22.01 -37.87
N SER F 307 6.10 20.96 -38.39
CA SER F 307 7.12 21.13 -39.42
C SER F 307 6.54 21.75 -40.68
N LYS F 308 5.35 21.31 -41.09
CA LYS F 308 4.73 21.81 -42.31
C LYS F 308 3.95 23.09 -42.03
#